data_4N7R
#
_entry.id   4N7R
#
_cell.length_a   59.368
_cell.length_b   84.752
_cell.length_c   359.987
_cell.angle_alpha   90.00
_cell.angle_beta   90.00
_cell.angle_gamma   90.00
#
_symmetry.space_group_name_H-M   'P 21 21 21'
#
loop_
_entity.id
_entity.type
_entity.pdbx_description
1 polymer 'Glutamyl-tRNA reductase 1, chloroplastic'
2 polymer 'Genomic DNA, chromosome 3, P1 clone: MXL8'
3 water water
#
loop_
_entity_poly.entity_id
_entity_poly.type
_entity_poly.pdbx_seq_one_letter_code
_entity_poly.pdbx_strand_id
1 'polypeptide(L)'
;SAASISALEQLKNSAADRYTKERSSIVVIGLSIHTAPVEMREKLAIPEAEWPRAIAELCGLNHIEEAAVLSTCNRMEIYV
LALSQHRGVKEVTEWMSKTSGIPVSEICQHRFLLYNKDATQHIFEVSAGLDSLVLGEGQILAQVKQVVKVGQGVNGFGRN
ISGLFKHAITVGKRVRTETNIASGAVSVSSAAVELALMKLPQSSNVSARMCVIGAGKMGKLVIKHLMAKGCTKVVVVNRS
EERVSAIREEMPGIEIIYRPLDEMLACASEADVVFTSTASETPLFLKEHVENLPQASPEVGGLRHFVDISVPRNVGSCVG
EVETARVYNVDDLKEVVAANKEDRMRKAMEAQTIITEESTQFEAWRDSLETVPTIKKLRAYAERIRVAELEKCMSKMGDD
INKKTTRAVDDLSRGIVNRFLHGPMQHLRCDGSDSRTLSETLENMHALNRMYGLEKDILEEKLKAMAEQQQK
;
A,B
2 'polypeptide(L)'
;MGSSHHHHHHSSGLVPRGSHMASMTGGQQMGRGSCSVSTTLDTPATASTHKPFPAEVSRSIMELSSVGTLSTLTHDGWPL
GVGVRFAVDKDGTPVLCLNRSVSPDKRSALHVQLEQCGLRTPQCTIQGSIGRPGDDTVLKRLSATWREKFGEEVKEDSLY
VVAVDRVLQMEDFMEDGIWVASSDYKNASPDPLRDIAEDIVNQINANNMEDIFRFCNVYVDLDFVVSETKMIWMDRLGFD
LRVWSPRGVYDVRIPFPMEVTDEKGAKSSFNGMSQLAWEVEKSYCPADFNKVKLLKQVVGSSHSHKGGGQ
;
C,D
#
# COMPACT_ATOMS: atom_id res chain seq x y z
N ARG A 23 -10.74 2.51 23.24
CA ARG A 23 -11.93 3.35 23.24
C ARG A 23 -11.68 4.71 23.89
N SER A 24 -11.00 4.70 25.04
CA SER A 24 -10.62 5.94 25.68
C SER A 24 -9.41 6.53 24.96
N SER A 25 -9.37 7.86 24.83
CA SER A 25 -8.26 8.51 24.15
C SER A 25 -7.32 9.22 25.10
N ILE A 26 -6.04 9.22 24.76
CA ILE A 26 -5.09 10.11 25.41
C ILE A 26 -5.16 11.45 24.70
N VAL A 27 -5.38 12.51 25.46
CA VAL A 27 -5.46 13.83 24.88
C VAL A 27 -4.48 14.78 25.55
N VAL A 28 -3.83 15.61 24.74
CA VAL A 28 -3.07 16.73 25.27
C VAL A 28 -3.74 18.02 24.82
N ILE A 29 -4.04 18.86 25.81
CA ILE A 29 -4.71 20.15 25.60
C ILE A 29 -3.88 21.21 26.26
N GLY A 30 -3.42 22.20 25.52
CA GLY A 30 -2.56 23.17 26.16
C GLY A 30 -2.31 24.48 25.45
N LEU A 31 -1.52 25.33 26.09
CA LEU A 31 -1.03 26.56 25.46
C LEU A 31 0.50 26.48 25.47
N SER A 32 1.11 26.91 24.38
CA SER A 32 2.56 26.85 24.30
C SER A 32 3.12 28.21 23.95
N ILE A 33 4.43 28.36 24.16
CA ILE A 33 5.13 29.59 23.84
C ILE A 33 5.03 29.93 22.35
N HIS A 34 4.75 28.94 21.54
CA HIS A 34 4.54 29.14 20.11
C HIS A 34 3.17 29.72 19.83
N THR A 35 2.18 29.22 20.56
CA THR A 35 0.76 29.45 20.26
C THR A 35 0.12 30.59 21.06
N ALA A 36 0.75 30.99 22.16
CA ALA A 36 0.12 31.91 23.10
C ALA A 36 1.12 32.79 23.83
N PRO A 37 0.77 34.07 24.05
CA PRO A 37 1.63 35.02 24.75
C PRO A 37 1.68 34.80 26.25
N VAL A 38 2.75 35.24 26.91
CA VAL A 38 2.97 35.03 28.33
C VAL A 38 1.87 35.64 29.21
N GLU A 39 1.30 36.76 28.79
CA GLU A 39 0.25 37.42 29.58
C GLU A 39 -0.95 36.48 29.76
N MET A 40 -1.16 35.63 28.77
CA MET A 40 -2.23 34.65 28.78
C MET A 40 -1.82 33.35 29.47
N ARG A 41 -0.66 32.81 29.08
CA ARG A 41 -0.17 31.58 29.67
C ARG A 41 0.06 31.64 31.19
N GLU A 42 0.62 32.75 31.69
CA GLU A 42 0.90 32.82 33.12
C GLU A 42 -0.37 32.74 33.97
N LYS A 43 -1.50 33.08 33.36
CA LYS A 43 -2.80 32.96 34.01
C LYS A 43 -3.19 31.50 34.17
N LEU A 44 -2.72 30.66 33.25
CA LEU A 44 -3.04 29.23 33.24
C LEU A 44 -1.98 28.43 33.97
N ALA A 45 -0.94 29.12 34.43
CA ALA A 45 0.20 28.45 35.05
C ALA A 45 -0.23 27.81 36.36
N ILE A 46 0.31 26.62 36.63
CA ILE A 46 -0.02 25.86 37.83
C ILE A 46 1.25 25.30 38.44
N PRO A 47 1.63 25.82 39.62
CA PRO A 47 2.86 25.40 40.29
C PRO A 47 2.73 24.01 40.91
N GLU A 48 3.86 23.41 41.25
CA GLU A 48 3.91 22.03 41.72
C GLU A 48 2.93 21.72 42.84
N ALA A 49 2.90 22.59 43.83
CA ALA A 49 2.07 22.40 45.03
C ALA A 49 0.60 22.23 44.68
N GLU A 50 0.20 22.79 43.54
CA GLU A 50 -1.19 22.73 43.12
C GLU A 50 -1.47 21.69 42.04
N TRP A 51 -0.48 20.89 41.68
CA TRP A 51 -0.71 19.84 40.68
C TRP A 51 -1.77 18.83 41.10
N PRO A 52 -1.67 18.27 42.33
CA PRO A 52 -2.69 17.28 42.72
C PRO A 52 -4.13 17.82 42.73
N ARG A 53 -4.30 19.07 43.17
CA ARG A 53 -5.61 19.68 43.24
C ARG A 53 -6.22 19.73 41.86
N ALA A 54 -5.37 20.04 40.87
CA ALA A 54 -5.82 20.18 39.49
C ALA A 54 -6.17 18.82 38.90
N ILE A 55 -5.40 17.79 39.26
CA ILE A 55 -5.68 16.45 38.79
C ILE A 55 -7.01 15.96 39.34
N ALA A 56 -7.29 16.30 40.59
CA ALA A 56 -8.57 15.97 41.20
C ALA A 56 -9.72 16.62 40.42
N GLU A 57 -9.65 17.93 40.21
CA GLU A 57 -10.75 18.65 39.59
C GLU A 57 -11.01 18.17 38.17
N LEU A 58 -9.94 18.07 37.37
CA LEU A 58 -10.02 17.57 36.00
C LEU A 58 -10.72 16.22 35.94
N CYS A 59 -10.27 15.29 36.78
CA CYS A 59 -10.87 13.95 36.85
C CYS A 59 -12.33 13.98 37.33
N GLY A 60 -12.71 15.07 37.97
CA GLY A 60 -14.09 15.26 38.36
C GLY A 60 -15.04 15.51 37.21
N LEU A 61 -14.50 15.95 36.07
CA LEU A 61 -15.31 16.18 34.87
C LEU A 61 -15.83 14.85 34.33
N ASN A 62 -16.99 14.88 33.67
CA ASN A 62 -17.71 13.65 33.31
C ASN A 62 -16.91 12.69 32.45
N HIS A 63 -16.16 13.22 31.49
CA HIS A 63 -15.49 12.35 30.54
C HIS A 63 -13.98 12.25 30.72
N ILE A 64 -13.49 12.76 31.84
CA ILE A 64 -12.06 12.65 32.14
C ILE A 64 -11.78 11.60 33.20
N GLU A 65 -11.08 10.54 32.80
CA GLU A 65 -10.77 9.46 33.72
C GLU A 65 -9.41 9.65 34.39
N GLU A 66 -8.42 10.11 33.62
CA GLU A 66 -7.09 10.34 34.21
C GLU A 66 -6.53 11.73 33.85
N ALA A 67 -5.59 12.22 34.63
CA ALA A 67 -5.11 13.60 34.46
C ALA A 67 -3.67 13.83 34.89
N ALA A 68 -2.99 14.74 34.20
CA ALA A 68 -1.70 15.27 34.63
C ALA A 68 -1.49 16.65 34.04
N VAL A 69 -0.57 17.40 34.65
CA VAL A 69 -0.30 18.76 34.24
C VAL A 69 1.19 18.99 34.11
N LEU A 70 1.63 19.32 32.90
CA LEU A 70 2.99 19.74 32.66
C LEU A 70 3.01 21.25 32.53
N SER A 71 3.58 21.91 33.53
CA SER A 71 3.59 23.38 33.60
C SER A 71 5.00 23.94 33.68
N THR A 72 5.44 24.55 32.58
CA THR A 72 6.75 25.17 32.51
C THR A 72 6.62 26.55 31.88
N CYS A 73 7.69 27.33 31.93
CA CYS A 73 7.71 28.67 31.36
C CYS A 73 7.45 28.69 29.85
N ASN A 74 7.42 27.51 29.22
CA ASN A 74 7.14 27.40 27.79
C ASN A 74 5.83 26.69 27.50
N ARG A 75 5.28 26.07 28.52
N ARG A 75 5.30 25.99 28.49
CA ARG A 75 4.18 25.13 28.32
CA ARG A 75 4.17 25.10 28.23
C ARG A 75 3.17 25.20 29.43
C ARG A 75 3.19 25.08 29.40
N MET A 76 1.90 25.12 29.08
CA MET A 76 0.88 24.76 30.04
C MET A 76 0.08 23.68 29.34
N GLU A 77 0.38 22.42 29.67
CA GLU A 77 -0.22 21.29 28.99
C GLU A 77 -0.91 20.32 29.94
N ILE A 78 -2.14 19.96 29.60
CA ILE A 78 -2.91 19.02 30.38
C ILE A 78 -3.03 17.73 29.60
N TYR A 79 -2.63 16.64 30.21
CA TYR A 79 -2.74 15.32 29.60
C TYR A 79 -3.87 14.57 30.29
N VAL A 80 -4.84 14.09 29.53
CA VAL A 80 -5.97 13.39 30.13
C VAL A 80 -6.25 12.07 29.44
N LEU A 81 -6.71 11.09 30.20
CA LEU A 81 -7.31 9.91 29.60
C LEU A 81 -8.79 10.21 29.66
N ALA A 82 -9.42 10.18 28.50
CA ALA A 82 -10.77 10.73 28.31
C ALA A 82 -11.72 9.78 27.58
N LEU A 83 -12.97 9.73 28.03
CA LEU A 83 -13.97 8.82 27.48
C LEU A 83 -14.42 9.17 26.07
N SER A 84 -14.80 10.42 25.87
CA SER A 84 -15.05 10.95 24.55
C SER A 84 -14.04 12.04 24.33
N GLN A 85 -13.45 12.13 23.15
CA GLN A 85 -12.43 13.13 22.98
C GLN A 85 -13.03 14.52 22.75
N HIS A 86 -14.14 14.61 22.03
CA HIS A 86 -14.84 15.88 21.88
C HIS A 86 -15.32 16.44 23.22
N ARG A 87 -16.02 15.60 23.98
CA ARG A 87 -16.56 16.01 25.27
C ARG A 87 -15.48 16.25 26.30
N GLY A 88 -14.44 15.44 26.24
CA GLY A 88 -13.29 15.61 27.11
C GLY A 88 -12.65 16.96 26.86
N VAL A 89 -12.44 17.29 25.59
CA VAL A 89 -11.82 18.55 25.24
C VAL A 89 -12.69 19.75 25.65
N LYS A 90 -14.00 19.64 25.42
CA LYS A 90 -14.93 20.69 25.86
C LYS A 90 -14.87 20.91 27.38
N GLU A 91 -14.95 19.81 28.13
CA GLU A 91 -14.91 19.88 29.59
C GLU A 91 -13.61 20.51 30.08
N VAL A 92 -12.48 19.95 29.67
CA VAL A 92 -11.19 20.48 30.09
C VAL A 92 -11.02 21.96 29.71
N THR A 93 -11.46 22.33 28.52
CA THR A 93 -11.36 23.73 28.09
C THR A 93 -12.17 24.63 29.03
N GLU A 94 -13.40 24.21 29.33
CA GLU A 94 -14.21 24.94 30.31
C GLU A 94 -13.51 25.06 31.68
N TRP A 95 -12.82 24.00 32.10
CA TRP A 95 -12.10 24.05 33.36
C TRP A 95 -10.96 25.06 33.31
N MET A 96 -10.26 25.09 32.18
CA MET A 96 -9.14 26.00 31.99
C MET A 96 -9.66 27.41 32.10
N SER A 97 -10.81 27.64 31.47
CA SER A 97 -11.44 28.97 31.54
C SER A 97 -11.84 29.36 32.96
N LYS A 98 -12.60 28.49 33.62
CA LYS A 98 -13.02 28.68 35.01
C LYS A 98 -11.86 29.00 35.96
N THR A 99 -10.75 28.26 35.85
CA THR A 99 -9.62 28.48 36.76
C THR A 99 -8.68 29.62 36.38
N SER A 100 -8.58 29.95 35.10
CA SER A 100 -7.68 31.03 34.68
C SER A 100 -8.38 32.39 34.67
N GLY A 101 -9.63 32.42 34.23
CA GLY A 101 -10.36 33.66 34.07
C GLY A 101 -10.41 34.08 32.62
N ILE A 102 -9.64 33.39 31.78
CA ILE A 102 -9.68 33.59 30.35
C ILE A 102 -10.98 33.02 29.79
N PRO A 103 -11.70 33.80 28.96
CA PRO A 103 -12.92 33.31 28.30
C PRO A 103 -12.61 32.10 27.44
N VAL A 104 -13.53 31.14 27.36
CA VAL A 104 -13.35 29.93 26.54
C VAL A 104 -12.92 30.22 25.08
N SER A 105 -13.45 31.30 24.50
CA SER A 105 -13.16 31.61 23.11
C SER A 105 -11.68 31.98 22.87
N GLU A 106 -11.07 32.69 23.83
CA GLU A 106 -9.67 33.06 23.69
C GLU A 106 -8.76 31.83 23.78
N ILE A 107 -9.05 30.99 24.76
CA ILE A 107 -8.37 29.71 24.87
C ILE A 107 -8.48 28.94 23.57
N CYS A 108 -9.69 28.87 23.02
CA CYS A 108 -9.90 28.20 21.73
C CYS A 108 -9.07 28.81 20.63
N GLN A 109 -8.92 30.14 20.64
CA GLN A 109 -8.03 30.80 19.68
C GLN A 109 -6.58 30.31 19.84
N HIS A 110 -6.13 30.10 21.07
CA HIS A 110 -4.74 29.66 21.26
C HIS A 110 -4.55 28.18 21.61
N ARG A 111 -5.62 27.40 21.55
CA ARG A 111 -5.58 26.02 22.04
C ARG A 111 -4.82 25.02 21.17
N PHE A 112 -3.95 24.27 21.81
CA PHE A 112 -3.20 23.20 21.19
C PHE A 112 -3.85 21.87 21.57
N LEU A 113 -4.03 21.00 20.57
CA LEU A 113 -4.85 19.80 20.72
C LEU A 113 -4.23 18.61 19.99
N LEU A 114 -3.82 17.57 20.73
CA LEU A 114 -3.40 16.33 20.07
C LEU A 114 -3.96 15.07 20.72
N TYR A 115 -4.41 14.11 19.90
CA TYR A 115 -4.97 12.88 20.43
C TYR A 115 -4.04 11.70 20.24
N ASN A 116 -4.09 10.79 21.21
CA ASN A 116 -3.46 9.47 21.11
C ASN A 116 -1.96 9.47 20.71
N LYS A 117 -1.68 8.79 19.61
CA LYS A 117 -0.31 8.63 19.14
C LYS A 117 0.39 9.98 18.93
N ASP A 118 -0.34 10.95 18.41
CA ASP A 118 0.17 12.30 18.24
C ASP A 118 0.57 12.94 19.56
N ALA A 119 -0.22 12.68 20.59
CA ALA A 119 0.05 13.21 21.93
C ALA A 119 1.29 12.56 22.56
N THR A 120 1.46 11.26 22.36
CA THR A 120 2.63 10.57 22.92
C THR A 120 3.88 11.04 22.20
N GLN A 121 3.78 11.15 20.87
CA GLN A 121 4.83 11.75 20.05
C GLN A 121 5.20 13.10 20.63
N HIS A 122 4.18 13.92 20.88
CA HIS A 122 4.39 15.25 21.42
C HIS A 122 5.15 15.26 22.74
N ILE A 123 4.66 14.51 23.72
CA ILE A 123 5.34 14.55 25.01
C ILE A 123 6.74 13.92 24.97
N PHE A 124 6.98 12.99 24.05
CA PHE A 124 8.32 12.44 23.92
C PHE A 124 9.26 13.48 23.31
N GLU A 125 8.76 14.23 22.34
CA GLU A 125 9.55 15.30 21.74
C GLU A 125 9.87 16.34 22.81
N VAL A 126 8.90 16.64 23.66
CA VAL A 126 9.11 17.60 24.74
C VAL A 126 10.15 17.11 25.74
N SER A 127 10.01 15.86 26.19
CA SER A 127 10.99 15.26 27.11
C SER A 127 12.39 15.22 26.51
N ALA A 128 12.45 14.95 25.21
CA ALA A 128 13.73 14.80 24.52
C ALA A 128 14.46 16.13 24.30
N GLY A 129 13.79 17.24 24.60
CA GLY A 129 14.39 18.55 24.42
C GLY A 129 14.34 19.08 22.99
N LEU A 130 13.48 18.51 22.16
CA LEU A 130 13.38 18.89 20.76
C LEU A 130 12.58 20.19 20.57
N ASP A 131 11.63 20.41 21.45
CA ASP A 131 10.79 21.59 21.39
C ASP A 131 11.46 22.78 22.10
N SER A 132 12.75 22.98 21.82
CA SER A 132 13.54 24.09 22.36
C SER A 132 12.75 25.41 22.31
N LEU A 133 12.98 26.31 23.26
CA LEU A 133 14.12 26.31 24.19
C LEU A 133 14.02 25.34 25.37
N VAL A 134 15.12 24.65 25.66
CA VAL A 134 15.17 23.68 26.75
C VAL A 134 15.32 24.41 28.10
N LEU A 135 15.04 23.69 29.18
CA LEU A 135 15.14 24.25 30.52
C LEU A 135 16.54 24.05 31.09
N GLY A 136 17.49 23.79 30.20
CA GLY A 136 18.87 23.63 30.60
C GLY A 136 19.20 22.23 31.09
N GLU A 137 20.15 22.15 32.03
CA GLU A 137 20.64 20.88 32.55
C GLU A 137 19.54 20.07 33.25
N GLY A 138 19.18 18.94 32.66
CA GLY A 138 18.08 18.12 33.16
C GLY A 138 16.78 18.89 33.14
N GLN A 139 16.41 19.43 34.31
CA GLN A 139 15.25 20.31 34.48
C GLN A 139 13.95 19.78 33.86
N ILE A 140 13.80 19.93 32.54
CA ILE A 140 12.63 19.42 31.83
C ILE A 140 12.42 17.92 32.05
N LEU A 141 13.50 17.16 31.91
CA LEU A 141 13.47 15.73 32.23
C LEU A 141 13.21 15.54 33.72
N ALA A 142 13.87 16.37 34.52
CA ALA A 142 13.69 16.32 35.97
C ALA A 142 12.29 16.77 36.35
N GLN A 143 11.71 17.62 35.51
CA GLN A 143 10.33 18.05 35.71
C GLN A 143 9.35 16.92 35.43
N VAL A 144 9.50 16.24 34.30
CA VAL A 144 8.65 15.09 34.00
C VAL A 144 8.77 14.06 35.12
N LYS A 145 10.00 13.90 35.59
CA LYS A 145 10.27 13.09 36.77
C LYS A 145 9.41 13.55 37.93
N GLN A 146 9.36 14.86 38.15
CA GLN A 146 8.56 15.41 39.25
C GLN A 146 7.06 15.20 39.08
N VAL A 147 6.58 15.24 37.83
CA VAL A 147 5.19 15.00 37.54
C VAL A 147 4.87 13.58 37.96
N VAL A 148 5.74 12.65 37.62
CA VAL A 148 5.53 11.27 38.08
C VAL A 148 5.62 11.13 39.60
N LYS A 149 6.53 11.91 40.22
CA LYS A 149 6.81 11.84 41.65
C LYS A 149 5.63 12.33 42.49
N VAL A 150 5.10 13.48 42.11
CA VAL A 150 3.94 14.07 42.78
C VAL A 150 2.72 13.26 42.42
N GLY A 151 2.72 12.71 41.21
CA GLY A 151 1.61 11.90 40.75
C GLY A 151 1.46 10.63 41.57
N GLN A 152 2.56 10.20 42.18
CA GLN A 152 2.62 8.96 42.97
C GLN A 152 1.40 8.79 43.89
N GLY A 153 1.16 9.77 44.74
CA GLY A 153 0.03 9.71 45.66
C GLY A 153 -1.33 9.89 44.98
N VAL A 154 -1.40 10.82 44.04
CA VAL A 154 -2.66 11.27 43.47
C VAL A 154 -3.47 10.21 42.72
N ASN A 155 -4.77 10.16 43.03
CA ASN A 155 -5.66 9.15 42.49
C ASN A 155 -5.89 9.29 40.99
N GLY A 156 -6.17 10.51 40.54
CA GLY A 156 -6.44 10.77 39.13
C GLY A 156 -5.26 10.58 38.20
N PHE A 157 -4.07 10.42 38.77
CA PHE A 157 -2.89 10.09 38.00
C PHE A 157 -2.93 8.62 37.66
N GLY A 158 -3.83 8.26 36.75
CA GLY A 158 -4.10 6.86 36.43
C GLY A 158 -2.96 6.10 35.78
N ARG A 159 -3.27 4.89 35.32
CA ARG A 159 -2.26 3.98 34.80
C ARG A 159 -1.75 4.40 33.42
N ASN A 160 -2.65 4.83 32.55
CA ASN A 160 -2.30 5.25 31.20
C ASN A 160 -1.39 6.48 31.19
N ILE A 161 -1.72 7.48 32.00
CA ILE A 161 -0.93 8.70 32.07
C ILE A 161 0.39 8.48 32.82
N SER A 162 0.34 7.69 33.89
CA SER A 162 1.55 7.32 34.63
C SER A 162 2.54 6.62 33.70
N GLY A 163 2.00 5.67 32.93
CA GLY A 163 2.79 4.95 31.94
C GLY A 163 3.37 5.89 30.89
N LEU A 164 2.52 6.75 30.33
CA LEU A 164 2.97 7.73 29.35
C LEU A 164 4.15 8.55 29.86
N PHE A 165 4.00 9.10 31.06
CA PHE A 165 5.07 9.94 31.61
C PHE A 165 6.33 9.16 31.94
N LYS A 166 6.18 7.95 32.48
CA LYS A 166 7.35 7.12 32.79
C LYS A 166 8.14 6.81 31.52
N HIS A 167 7.42 6.38 30.50
CA HIS A 167 8.00 6.12 29.19
C HIS A 167 8.65 7.38 28.61
N ALA A 168 8.07 8.53 28.92
CA ALA A 168 8.64 9.81 28.50
C ALA A 168 9.96 10.09 29.20
N ILE A 169 10.05 9.76 30.48
CA ILE A 169 11.30 9.87 31.23
C ILE A 169 12.37 9.00 30.58
N THR A 170 11.97 7.76 30.29
CA THR A 170 12.84 6.85 29.54
C THR A 170 13.36 7.46 28.23
N VAL A 171 12.45 7.95 27.39
CA VAL A 171 12.85 8.60 26.14
C VAL A 171 13.82 9.74 26.39
N GLY A 172 13.56 10.51 27.44
CA GLY A 172 14.44 11.58 27.84
C GLY A 172 15.84 11.05 28.09
N LYS A 173 15.92 9.92 28.79
CA LYS A 173 17.21 9.33 29.11
C LYS A 173 17.95 8.82 27.87
N ARG A 174 17.24 8.06 27.03
CA ARG A 174 17.81 7.56 25.77
C ARG A 174 18.36 8.69 24.93
N VAL A 175 17.55 9.71 24.68
CA VAL A 175 18.00 10.85 23.89
C VAL A 175 19.17 11.56 24.57
N ARG A 176 19.14 11.61 25.89
CA ARG A 176 20.22 12.25 26.65
C ARG A 176 21.56 11.55 26.41
N THR A 177 21.61 10.26 26.71
CA THR A 177 22.85 9.50 26.57
C THR A 177 23.19 9.15 25.13
N GLU A 178 22.28 8.44 24.46
CA GLU A 178 22.55 7.90 23.13
C GLU A 178 22.49 8.95 22.01
N THR A 179 22.71 10.21 22.34
CA THR A 179 22.69 11.28 21.35
C THR A 179 23.35 12.54 21.89
N ASN A 180 23.96 13.31 21.00
CA ASN A 180 24.61 14.56 21.38
C ASN A 180 23.70 15.77 21.16
N ILE A 181 22.39 15.54 21.24
CA ILE A 181 21.42 16.61 21.07
C ILE A 181 21.50 17.61 22.21
N ALA A 182 21.94 17.13 23.37
CA ALA A 182 22.08 17.98 24.55
C ALA A 182 23.33 18.86 24.50
N SER A 183 24.25 18.52 23.59
CA SER A 183 25.51 19.24 23.47
C SER A 183 25.31 20.72 23.17
N GLY A 184 24.91 21.03 21.94
CA GLY A 184 24.70 22.41 21.54
C GLY A 184 23.23 22.77 21.55
N ALA A 185 22.67 22.91 22.74
CA ALA A 185 21.24 23.15 22.89
C ALA A 185 20.93 24.50 23.53
N VAL A 186 20.13 25.30 22.85
CA VAL A 186 19.70 26.59 23.38
C VAL A 186 18.77 26.41 24.57
N SER A 187 19.12 27.04 25.68
CA SER A 187 18.29 26.99 26.87
C SER A 187 17.74 28.37 27.17
N VAL A 188 16.67 28.42 27.96
CA VAL A 188 16.06 29.67 28.36
C VAL A 188 17.08 30.62 28.98
N SER A 189 17.95 30.07 29.81
CA SER A 189 18.90 30.87 30.56
C SER A 189 20.00 31.45 29.67
N SER A 190 20.61 30.56 28.88
CA SER A 190 21.64 30.96 27.94
C SER A 190 21.07 31.96 26.93
N ALA A 191 19.86 31.70 26.47
CA ALA A 191 19.22 32.59 25.52
C ALA A 191 18.99 33.96 26.16
N ALA A 192 18.66 33.94 27.45
CA ALA A 192 18.46 35.17 28.19
C ALA A 192 19.74 36.00 28.26
N VAL A 193 20.85 35.34 28.59
CA VAL A 193 22.14 36.03 28.67
C VAL A 193 22.55 36.57 27.29
N GLU A 194 22.29 35.76 26.26
CA GLU A 194 22.56 36.13 24.89
C GLU A 194 21.76 37.36 24.45
N LEU A 195 20.50 37.43 24.86
CA LEU A 195 19.66 38.58 24.53
C LEU A 195 20.18 39.80 25.27
N ALA A 196 20.52 39.62 26.54
CA ALA A 196 21.05 40.72 27.33
C ALA A 196 22.27 41.29 26.62
N LEU A 197 23.13 40.41 26.11
CA LEU A 197 24.35 40.82 25.42
C LEU A 197 24.08 41.45 24.05
N MET A 198 23.06 40.96 23.35
CA MET A 198 22.64 41.56 22.08
C MET A 198 22.15 42.99 22.29
N LYS A 199 21.53 43.25 23.43
CA LYS A 199 20.93 44.56 23.64
C LYS A 199 21.91 45.61 24.18
N LEU A 200 23.06 45.15 24.64
CA LEU A 200 24.10 46.05 25.15
C LEU A 200 24.99 46.60 24.03
N PRO A 201 25.80 47.62 24.34
CA PRO A 201 26.76 48.13 23.35
C PRO A 201 27.93 47.18 23.09
N GLN A 202 29.09 47.74 22.74
CA GLN A 202 30.21 46.94 22.26
C GLN A 202 31.45 46.93 23.17
N SER A 203 31.78 45.75 23.66
CA SER A 203 33.01 45.50 24.40
C SER A 203 33.10 44.01 24.67
N SER A 204 34.26 43.56 25.15
CA SER A 204 34.36 42.25 25.77
C SER A 204 33.60 42.40 27.09
N ASN A 205 32.28 42.25 27.03
CA ASN A 205 31.41 42.88 28.02
C ASN A 205 31.54 42.43 29.48
N VAL A 206 32.27 43.26 30.22
CA VAL A 206 32.40 43.14 31.66
C VAL A 206 32.04 44.50 32.25
N SER A 207 31.90 45.48 31.37
CA SER A 207 31.59 46.83 31.80
C SER A 207 30.20 46.88 32.44
N ALA A 208 29.28 46.04 31.95
CA ALA A 208 27.92 46.02 32.47
C ALA A 208 27.80 45.26 33.78
N ARG A 209 27.11 45.85 34.74
CA ARG A 209 26.94 45.24 36.04
C ARG A 209 25.80 44.23 36.03
N MET A 210 26.16 42.95 36.19
CA MET A 210 25.21 41.85 36.15
C MET A 210 24.60 41.52 37.51
N CYS A 211 23.29 41.33 37.53
CA CYS A 211 22.59 40.92 38.75
C CYS A 211 21.63 39.76 38.48
N VAL A 212 21.67 38.75 39.32
CA VAL A 212 20.75 37.62 39.18
C VAL A 212 19.90 37.50 40.44
N ILE A 213 18.58 37.49 40.25
CA ILE A 213 17.66 37.35 41.36
C ILE A 213 17.01 35.97 41.26
N GLY A 214 17.32 35.12 42.25
CA GLY A 214 16.92 33.73 42.21
C GLY A 214 18.10 32.83 41.93
N ALA A 215 18.60 32.16 42.97
CA ALA A 215 19.77 31.31 42.82
C ALA A 215 19.41 29.84 42.58
N GLY A 216 18.22 29.59 42.05
CA GLY A 216 17.81 28.23 41.72
C GLY A 216 18.59 27.65 40.55
N LYS A 217 18.01 26.66 39.88
CA LYS A 217 18.67 26.02 38.76
C LYS A 217 18.80 26.97 37.55
N MET A 218 17.69 27.62 37.19
CA MET A 218 17.67 28.57 36.08
C MET A 218 18.65 29.70 36.27
N GLY A 219 18.65 30.29 37.47
CA GLY A 219 19.56 31.39 37.79
C GLY A 219 21.00 30.92 37.74
N LYS A 220 21.23 29.71 38.26
CA LYS A 220 22.54 29.11 38.27
C LYS A 220 23.05 28.96 36.85
N LEU A 221 22.13 28.62 35.94
CA LEU A 221 22.48 28.51 34.52
C LEU A 221 22.77 29.87 33.90
N VAL A 222 21.95 30.87 34.23
CA VAL A 222 22.23 32.24 33.84
C VAL A 222 23.65 32.65 34.23
N ILE A 223 24.08 32.25 35.43
CA ILE A 223 25.44 32.52 35.90
C ILE A 223 26.48 31.72 35.10
N LYS A 224 26.19 30.44 34.87
CA LYS A 224 27.07 29.58 34.07
C LYS A 224 27.37 30.20 32.71
N HIS A 225 26.34 30.76 32.10
CA HIS A 225 26.46 31.33 30.78
C HIS A 225 27.07 32.74 30.80
N LEU A 226 26.78 33.50 31.85
CA LEU A 226 27.44 34.79 32.08
C LEU A 226 28.94 34.56 32.12
N MET A 227 29.35 33.56 32.88
CA MET A 227 30.75 33.18 32.99
C MET A 227 31.27 32.70 31.64
N ALA A 228 30.43 31.97 30.91
CA ALA A 228 30.83 31.50 29.59
C ALA A 228 31.04 32.65 28.59
N LYS A 229 30.44 33.80 28.85
CA LYS A 229 30.61 34.96 27.98
C LYS A 229 31.66 35.94 28.52
N GLY A 230 32.56 35.43 29.36
CA GLY A 230 33.67 36.22 29.86
C GLY A 230 33.43 36.99 31.14
N CYS A 231 32.17 37.24 31.49
CA CYS A 231 31.80 37.98 32.71
C CYS A 231 32.53 37.45 33.94
N THR A 232 33.02 38.35 34.78
CA THR A 232 33.85 37.93 35.91
C THR A 232 33.28 38.31 37.28
N LYS A 233 32.17 39.04 37.28
CA LYS A 233 31.53 39.42 38.54
C LYS A 233 30.01 39.46 38.39
N VAL A 234 29.31 38.86 39.34
CA VAL A 234 27.85 38.87 39.37
C VAL A 234 27.33 38.98 40.80
N VAL A 235 26.28 39.79 40.97
CA VAL A 235 25.62 39.94 42.26
C VAL A 235 24.35 39.09 42.31
N VAL A 236 24.36 38.06 43.14
CA VAL A 236 23.27 37.10 43.26
C VAL A 236 22.39 37.38 44.48
N VAL A 237 21.10 37.62 44.23
CA VAL A 237 20.14 37.89 45.28
C VAL A 237 19.33 36.64 45.56
N ASN A 238 19.29 36.21 46.81
CA ASN A 238 18.57 34.96 47.13
C ASN A 238 18.10 34.87 48.57
N ARG A 239 17.22 33.92 48.84
CA ARG A 239 16.76 33.65 50.21
C ARG A 239 17.83 32.84 50.94
N SER A 240 18.04 31.62 50.47
CA SER A 240 19.13 30.79 50.96
C SER A 240 20.49 31.40 50.61
N GLU A 241 21.35 31.54 51.61
CA GLU A 241 22.70 32.01 51.39
C GLU A 241 23.58 30.81 51.03
N GLU A 242 23.25 29.65 51.60
CA GLU A 242 24.05 28.45 51.37
C GLU A 242 23.95 27.97 49.91
N ARG A 243 22.80 28.21 49.29
CA ARG A 243 22.61 27.89 47.87
C ARG A 243 23.64 28.67 47.05
N VAL A 244 23.76 29.96 47.38
CA VAL A 244 24.71 30.82 46.69
C VAL A 244 26.16 30.48 47.04
N SER A 245 26.41 30.01 48.24
CA SER A 245 27.77 29.57 48.60
C SER A 245 28.15 28.31 47.84
N ALA A 246 27.17 27.45 47.60
CA ALA A 246 27.39 26.22 46.86
C ALA A 246 27.66 26.55 45.40
N ILE A 247 26.90 27.50 44.87
CA ILE A 247 27.15 27.98 43.51
C ILE A 247 28.56 28.57 43.41
N ARG A 248 28.91 29.36 44.42
CA ARG A 248 30.23 29.96 44.52
C ARG A 248 31.31 28.89 44.49
N GLU A 249 31.04 27.78 45.17
CA GLU A 249 32.00 26.69 45.26
C GLU A 249 32.13 25.93 43.94
N GLU A 250 31.04 25.84 43.19
CA GLU A 250 31.09 25.17 41.90
C GLU A 250 31.76 26.01 40.80
N MET A 251 31.74 27.33 40.96
CA MET A 251 32.24 28.23 39.92
C MET A 251 33.20 29.28 40.47
N PRO A 252 34.40 28.83 40.86
CA PRO A 252 35.37 29.73 41.51
C PRO A 252 35.86 30.83 40.59
N GLY A 253 35.83 30.59 39.29
CA GLY A 253 36.38 31.52 38.32
C GLY A 253 35.66 32.85 38.23
N ILE A 254 34.48 32.91 38.82
CA ILE A 254 33.71 34.14 38.80
C ILE A 254 33.45 34.63 40.22
N GLU A 255 33.53 35.94 40.42
CA GLU A 255 33.22 36.53 41.70
C GLU A 255 31.71 36.64 41.88
N ILE A 256 31.18 35.90 42.84
CA ILE A 256 29.76 35.89 43.16
C ILE A 256 29.48 36.61 44.48
N ILE A 257 28.83 37.76 44.41
CA ILE A 257 28.47 38.49 45.62
C ILE A 257 27.06 38.11 46.06
N TYR A 258 26.92 37.53 47.25
CA TYR A 258 25.58 37.19 47.73
C TYR A 258 24.90 38.35 48.45
N ARG A 259 23.62 38.59 48.14
CA ARG A 259 22.81 39.53 48.89
C ARG A 259 21.38 39.00 49.13
N PRO A 260 20.83 39.30 50.32
CA PRO A 260 19.52 38.75 50.70
C PRO A 260 18.39 39.40 49.91
N LEU A 261 17.22 38.74 49.88
CA LEU A 261 16.07 39.21 49.13
C LEU A 261 15.68 40.66 49.44
N ASP A 262 15.69 41.00 50.73
CA ASP A 262 15.29 42.34 51.17
C ASP A 262 16.26 43.45 50.74
N GLU A 263 17.20 43.14 49.86
CA GLU A 263 18.11 44.15 49.33
C GLU A 263 18.08 44.16 47.80
N MET A 264 17.12 43.42 47.27
CA MET A 264 16.81 43.37 45.84
C MET A 264 16.91 44.71 45.09
N LEU A 265 16.09 45.69 45.49
CA LEU A 265 16.16 47.02 44.90
C LEU A 265 17.55 47.62 44.96
N ALA A 266 18.20 47.52 46.12
CA ALA A 266 19.53 48.09 46.28
C ALA A 266 20.46 47.46 45.28
N CYS A 267 20.18 46.20 44.95
CA CYS A 267 20.97 45.47 43.97
C CYS A 267 20.61 45.89 42.57
N ALA A 268 19.31 46.11 42.33
CA ALA A 268 18.86 46.58 41.03
C ALA A 268 19.44 47.97 40.78
N SER A 269 19.47 48.78 41.83
CA SER A 269 20.03 50.13 41.78
C SER A 269 21.47 50.16 41.26
N GLU A 270 22.26 49.18 41.69
CA GLU A 270 23.67 49.11 41.31
C GLU A 270 23.92 48.18 40.12
N ALA A 271 22.86 47.89 39.36
CA ALA A 271 22.97 46.93 38.27
C ALA A 271 22.52 47.53 36.92
N ASP A 272 23.15 47.07 35.84
CA ASP A 272 22.79 47.53 34.50
C ASP A 272 21.80 46.58 33.86
N VAL A 273 22.04 45.28 34.03
CA VAL A 273 21.04 44.29 33.64
C VAL A 273 20.67 43.36 34.80
N VAL A 274 19.37 43.28 35.06
CA VAL A 274 18.82 42.45 36.11
C VAL A 274 18.15 41.20 35.53
N PHE A 275 18.61 40.02 35.95
CA PHE A 275 17.94 38.77 35.65
C PHE A 275 17.03 38.36 36.80
N THR A 276 15.78 38.01 36.52
CA THR A 276 14.89 37.52 37.57
C THR A 276 14.46 36.10 37.28
N SER A 277 14.78 35.20 38.19
CA SER A 277 14.42 33.79 38.02
C SER A 277 13.93 33.17 39.33
N THR A 278 12.97 33.82 39.97
CA THR A 278 12.40 33.30 41.21
C THR A 278 10.95 32.93 40.95
N ALA A 279 10.38 32.13 41.84
CA ALA A 279 8.98 31.75 41.70
C ALA A 279 8.15 32.64 42.62
N SER A 280 7.31 33.47 42.01
CA SER A 280 6.48 34.38 42.79
C SER A 280 5.22 34.71 42.01
N GLU A 281 4.07 34.54 42.64
CA GLU A 281 2.79 34.69 41.97
C GLU A 281 2.47 36.15 41.67
N THR A 282 3.06 37.06 42.43
CA THR A 282 3.00 38.49 42.15
C THR A 282 4.40 38.99 41.80
N PRO A 283 4.52 39.92 40.85
CA PRO A 283 5.80 40.49 40.41
C PRO A 283 6.66 41.10 41.53
N LEU A 284 7.98 41.00 41.35
CA LEU A 284 8.94 41.56 42.30
C LEU A 284 9.15 43.05 42.06
N PHE A 285 9.22 43.45 40.79
CA PHE A 285 9.44 44.83 40.40
C PHE A 285 8.21 45.43 39.74
N LEU A 286 7.73 46.54 40.27
CA LEU A 286 6.68 47.31 39.62
C LEU A 286 7.25 48.64 39.11
N LYS A 287 6.48 49.33 38.27
CA LYS A 287 6.88 50.62 37.71
C LYS A 287 7.32 51.59 38.80
N GLU A 288 6.60 51.60 39.91
CA GLU A 288 6.95 52.46 41.04
C GLU A 288 8.32 52.11 41.61
N HIS A 289 8.66 50.82 41.63
CA HIS A 289 9.96 50.39 42.15
C HIS A 289 11.08 50.81 41.22
N VAL A 290 10.81 50.75 39.91
CA VAL A 290 11.85 50.91 38.91
C VAL A 290 12.09 52.37 38.50
N GLU A 291 11.06 53.20 38.61
CA GLU A 291 11.17 54.58 38.12
C GLU A 291 12.13 55.48 38.90
N ASN A 292 12.29 55.25 40.19
CA ASN A 292 13.21 56.09 40.97
C ASN A 292 14.59 55.49 41.22
N LEU A 293 14.92 54.41 40.55
CA LEU A 293 16.28 53.90 40.56
C LEU A 293 17.23 54.85 39.84
N PRO A 294 18.48 54.94 40.31
CA PRO A 294 19.49 55.66 39.51
C PRO A 294 19.61 55.07 38.12
N GLN A 295 19.93 55.90 37.14
CA GLN A 295 20.05 55.43 35.77
C GLN A 295 21.24 54.48 35.59
N ALA A 296 21.13 53.57 34.62
CA ALA A 296 22.25 52.73 34.25
C ALA A 296 23.33 53.61 33.63
N SER A 297 24.58 53.17 33.69
CA SER A 297 25.70 53.97 33.21
C SER A 297 25.59 54.25 31.73
N PRO A 298 26.09 55.41 31.30
CA PRO A 298 26.11 55.70 29.87
C PRO A 298 27.04 54.74 29.15
N GLU A 299 28.07 54.26 29.85
CA GLU A 299 29.04 53.36 29.25
C GLU A 299 28.41 52.08 28.72
N VAL A 300 27.17 51.83 29.10
CA VAL A 300 26.47 50.63 28.64
C VAL A 300 25.14 51.00 27.99
N GLY A 301 25.03 52.26 27.58
CA GLY A 301 23.85 52.73 26.86
C GLY A 301 22.88 53.52 27.70
N GLY A 302 23.08 53.54 29.01
CA GLY A 302 22.18 54.24 29.90
C GLY A 302 20.80 53.62 29.94
N LEU A 303 20.74 52.31 29.81
CA LEU A 303 19.47 51.58 29.89
C LEU A 303 19.60 50.39 30.84
N ARG A 304 18.65 50.24 31.75
CA ARG A 304 18.62 49.07 32.62
C ARG A 304 17.82 47.93 31.96
N HIS A 305 18.41 46.76 31.89
CA HIS A 305 17.76 45.65 31.22
C HIS A 305 17.21 44.60 32.17
N PHE A 306 15.89 44.52 32.27
CA PHE A 306 15.25 43.50 33.07
C PHE A 306 14.94 42.28 32.21
N VAL A 307 15.77 41.25 32.32
CA VAL A 307 15.52 39.99 31.65
C VAL A 307 14.83 39.00 32.61
N ASP A 308 13.54 38.78 32.36
CA ASP A 308 12.64 38.06 33.25
C ASP A 308 12.30 36.68 32.68
N ILE A 309 12.92 35.64 33.22
CA ILE A 309 12.70 34.29 32.69
C ILE A 309 11.71 33.47 33.53
N SER A 310 10.92 34.15 34.34
CA SER A 310 9.91 33.49 35.16
C SER A 310 8.50 33.57 34.56
N VAL A 311 7.74 32.48 34.69
CA VAL A 311 6.32 32.47 34.35
C VAL A 311 5.54 31.83 35.50
N PRO A 312 4.73 32.62 36.23
CA PRO A 312 4.37 34.04 36.06
C PRO A 312 5.54 35.01 36.20
N ARG A 313 5.42 36.16 35.54
CA ARG A 313 6.52 37.09 35.40
C ARG A 313 6.96 37.73 36.72
N ASN A 314 8.26 37.88 36.92
CA ASN A 314 8.76 38.53 38.13
C ASN A 314 8.82 40.05 37.98
N VAL A 315 8.65 40.53 36.76
CA VAL A 315 8.71 41.96 36.48
C VAL A 315 7.38 42.44 35.90
N GLY A 316 6.80 43.45 36.52
CA GLY A 316 5.52 43.97 36.10
C GLY A 316 5.49 44.47 34.68
N SER A 317 4.31 44.41 34.06
CA SER A 317 4.13 44.84 32.68
C SER A 317 4.29 46.34 32.53
N CYS A 318 4.02 47.04 33.63
N CYS A 318 4.03 47.07 33.61
CA CYS A 318 4.08 48.49 33.74
CA CYS A 318 4.09 48.53 33.54
C CYS A 318 5.49 49.03 33.68
C CYS A 318 5.53 49.05 33.67
N VAL A 319 6.46 48.19 34.06
CA VAL A 319 7.86 48.58 34.18
C VAL A 319 8.44 49.11 32.86
N GLY A 320 7.98 48.55 31.75
CA GLY A 320 8.42 49.00 30.45
C GLY A 320 8.08 50.46 30.16
N GLU A 321 7.12 51.01 30.90
CA GLU A 321 6.78 52.41 30.74
C GLU A 321 7.87 53.35 31.25
N VAL A 322 8.85 52.80 31.95
CA VAL A 322 10.01 53.57 32.37
C VAL A 322 10.96 53.73 31.18
N GLU A 323 11.19 54.99 30.79
CA GLU A 323 11.92 55.30 29.55
C GLU A 323 13.33 54.74 29.54
N THR A 324 14.05 54.89 30.64
CA THR A 324 15.42 54.38 30.77
C THR A 324 15.47 52.90 31.14
N ALA A 325 14.32 52.22 31.11
CA ALA A 325 14.27 50.79 31.40
C ALA A 325 13.74 49.99 30.22
N ARG A 326 14.24 48.76 30.08
CA ARG A 326 13.71 47.78 29.13
C ARG A 326 13.29 46.49 29.82
N VAL A 327 12.27 45.83 29.31
CA VAL A 327 11.82 44.56 29.87
C VAL A 327 11.72 43.47 28.81
N TYR A 328 12.29 42.31 29.12
CA TYR A 328 12.24 41.17 28.22
C TYR A 328 11.71 39.96 28.99
N ASN A 329 10.69 39.31 28.46
CA ASN A 329 10.23 38.09 29.08
C ASN A 329 10.53 36.89 28.20
N VAL A 330 10.18 35.71 28.69
CA VAL A 330 10.43 34.44 28.02
C VAL A 330 10.09 34.45 26.52
N ASP A 331 8.96 35.05 26.16
CA ASP A 331 8.54 35.17 24.77
C ASP A 331 9.64 35.79 23.90
N ASP A 332 10.18 36.90 24.37
CA ASP A 332 11.24 37.63 23.67
C ASP A 332 12.48 36.79 23.39
N LEU A 333 12.66 35.68 24.10
CA LEU A 333 13.81 34.83 23.82
C LEU A 333 13.74 34.22 22.41
N LYS A 334 12.58 34.32 21.75
CA LYS A 334 12.45 33.93 20.34
C LYS A 334 13.42 34.73 19.46
N GLU A 335 13.85 35.89 19.96
CA GLU A 335 14.79 36.75 19.26
C GLU A 335 16.12 36.04 19.08
N VAL A 336 16.41 35.09 19.98
CA VAL A 336 17.62 34.29 19.87
C VAL A 336 17.31 32.84 19.50
N VAL A 337 16.75 32.65 18.30
CA VAL A 337 16.63 31.31 17.73
C VAL A 337 17.91 31.10 16.91
N ALA A 338 18.58 32.21 16.64
CA ALA A 338 19.86 32.21 15.94
C ALA A 338 20.86 31.32 16.67
N ALA A 339 21.11 30.13 16.09
CA ALA A 339 22.08 29.18 16.65
C ALA A 339 22.81 28.47 15.52
N ASN A 340 24.14 28.48 15.59
CA ASN A 340 24.95 27.76 14.62
C ASN A 340 24.80 26.25 14.79
N LYS A 341 23.94 25.64 13.98
CA LYS A 341 23.65 24.22 14.12
C LYS A 341 23.28 23.56 12.80
N GLU A 342 24.03 22.53 12.44
CA GLU A 342 23.62 21.61 11.38
C GLU A 342 22.93 20.44 12.06
N ASP A 343 22.76 20.56 13.36
CA ASP A 343 22.03 19.60 14.19
C ASP A 343 20.53 19.87 14.13
N ARG A 344 20.14 20.72 13.18
CA ARG A 344 18.74 21.07 12.97
C ARG A 344 17.90 19.83 12.74
N MET A 345 18.52 18.83 12.12
CA MET A 345 17.88 17.53 11.95
C MET A 345 18.79 16.40 12.42
N ARG A 346 20.10 16.61 12.35
CA ARG A 346 21.09 15.58 12.70
C ARG A 346 20.81 14.92 14.05
N LYS A 347 21.03 15.68 15.12
CA LYS A 347 20.74 15.20 16.47
C LYS A 347 19.24 15.30 16.79
N ALA A 348 18.47 15.72 15.79
CA ALA A 348 17.02 15.77 15.89
C ALA A 348 16.37 14.57 15.20
N MET A 349 17.07 14.00 14.21
CA MET A 349 16.65 12.74 13.61
C MET A 349 17.22 11.62 14.46
N GLU A 350 18.37 11.89 15.08
CA GLU A 350 18.94 10.97 16.05
C GLU A 350 17.93 10.73 17.17
N ALA A 351 17.21 11.79 17.53
CA ALA A 351 16.18 11.70 18.55
C ALA A 351 14.89 11.15 17.94
N GLN A 352 14.59 11.60 16.72
CA GLN A 352 13.39 11.18 16.01
C GLN A 352 13.30 9.66 15.89
N THR A 353 14.44 9.00 15.69
CA THR A 353 14.44 7.54 15.61
C THR A 353 14.02 6.91 16.93
N ILE A 354 14.70 7.32 18.01
CA ILE A 354 14.39 6.83 19.36
C ILE A 354 12.92 7.03 19.68
N ILE A 355 12.39 8.17 19.25
CA ILE A 355 11.02 8.55 19.56
C ILE A 355 10.02 7.73 18.76
N THR A 356 10.27 7.53 17.47
CA THR A 356 9.37 6.71 16.66
C THR A 356 9.44 5.25 17.09
N GLU A 357 10.54 4.89 17.73
CA GLU A 357 10.67 3.56 18.30
C GLU A 357 9.80 3.45 19.55
N GLU A 358 10.06 4.32 20.51
CA GLU A 358 9.40 4.28 21.81
C GLU A 358 7.89 4.58 21.76
N SER A 359 7.46 5.30 20.73
CA SER A 359 6.04 5.56 20.52
C SER A 359 5.29 4.26 20.26
N THR A 360 5.75 3.49 19.28
CA THR A 360 5.17 2.17 19.00
C THR A 360 5.34 1.29 20.23
N GLN A 361 6.53 1.34 20.83
CA GLN A 361 6.78 0.60 22.06
C GLN A 361 5.82 0.97 23.21
N PHE A 362 5.14 2.11 23.11
CA PHE A 362 4.18 2.53 24.12
C PHE A 362 2.75 2.17 23.73
N GLU A 363 2.42 2.39 22.47
CA GLU A 363 1.08 2.07 21.97
C GLU A 363 0.84 0.58 22.12
N ALA A 364 1.90 -0.20 21.96
CA ALA A 364 1.84 -1.63 22.21
C ALA A 364 1.38 -1.88 23.64
N TRP A 365 2.01 -1.18 24.59
CA TRP A 365 1.66 -1.30 26.00
C TRP A 365 0.19 -0.94 26.27
N ARG A 366 -0.25 0.19 25.72
CA ARG A 366 -1.65 0.58 25.87
C ARG A 366 -2.61 -0.47 25.30
N ASP A 367 -2.22 -1.07 24.19
CA ASP A 367 -3.01 -2.15 23.61
C ASP A 367 -3.03 -3.35 24.55
N SER A 368 -1.92 -3.58 25.23
CA SER A 368 -1.79 -4.66 26.21
C SER A 368 -2.66 -4.43 27.43
N LEU A 369 -2.92 -3.17 27.76
CA LEU A 369 -3.76 -2.85 28.92
C LEU A 369 -5.22 -3.29 28.75
N GLU A 370 -5.62 -3.54 27.51
CA GLU A 370 -7.00 -3.94 27.21
C GLU A 370 -7.23 -5.41 27.56
N THR A 371 -6.15 -6.10 27.91
CA THR A 371 -6.20 -7.53 28.22
C THR A 371 -6.82 -7.81 29.59
N VAL A 372 -6.52 -6.92 30.55
CA VAL A 372 -6.89 -7.09 31.96
C VAL A 372 -8.32 -7.59 32.27
N PRO A 373 -9.36 -7.07 31.59
CA PRO A 373 -10.70 -7.60 31.87
C PRO A 373 -10.83 -9.08 31.54
N THR A 374 -10.31 -9.47 30.37
CA THR A 374 -10.33 -10.86 29.94
C THR A 374 -9.42 -11.71 30.82
N ILE A 375 -8.25 -11.17 31.16
CA ILE A 375 -7.29 -11.89 31.99
C ILE A 375 -7.83 -12.12 33.42
N LYS A 376 -8.84 -11.35 33.79
CA LYS A 376 -9.49 -11.50 35.10
C LYS A 376 -10.67 -12.48 35.01
N LYS A 377 -11.55 -12.25 34.04
CA LYS A 377 -12.73 -13.09 33.84
C LYS A 377 -12.34 -14.55 33.57
N LEU A 378 -11.19 -14.75 32.96
CA LEU A 378 -10.67 -16.08 32.72
C LEU A 378 -10.43 -16.81 34.03
N ARG A 379 -9.62 -16.21 34.91
CA ARG A 379 -9.31 -16.82 36.20
C ARG A 379 -10.46 -16.74 37.19
N ALA A 380 -11.59 -16.20 36.74
CA ALA A 380 -12.82 -16.23 37.50
C ALA A 380 -13.62 -17.48 37.07
N TYR A 381 -13.76 -17.64 35.76
CA TYR A 381 -14.41 -18.80 35.14
C TYR A 381 -13.76 -20.12 35.56
N ALA A 382 -12.43 -20.15 35.54
CA ALA A 382 -11.68 -21.34 35.93
C ALA A 382 -11.94 -21.69 37.39
N GLU A 383 -12.04 -20.66 38.23
CA GLU A 383 -12.30 -20.84 39.65
C GLU A 383 -13.72 -21.38 39.88
N ARG A 384 -14.67 -20.89 39.10
CA ARG A 384 -16.04 -21.39 39.18
C ARG A 384 -16.06 -22.88 38.82
N ILE A 385 -15.30 -23.26 37.79
CA ILE A 385 -15.23 -24.65 37.37
C ILE A 385 -14.62 -25.55 38.45
N ARG A 386 -13.50 -25.10 39.03
CA ARG A 386 -12.76 -25.93 40.00
C ARG A 386 -13.50 -26.07 41.33
N VAL A 387 -14.28 -25.05 41.70
CA VAL A 387 -15.06 -25.11 42.93
C VAL A 387 -16.32 -25.93 42.74
N ALA A 388 -17.00 -25.73 41.61
CA ALA A 388 -18.19 -26.49 41.29
C ALA A 388 -17.89 -27.98 41.15
N GLU A 389 -16.69 -28.29 40.69
CA GLU A 389 -16.25 -29.68 40.56
C GLU A 389 -15.78 -30.25 41.91
N LEU A 390 -15.11 -29.41 42.70
CA LEU A 390 -14.62 -29.84 44.02
C LEU A 390 -15.77 -30.09 45.00
N GLU A 391 -16.92 -29.49 44.73
CA GLU A 391 -18.12 -29.73 45.54
C GLU A 391 -18.70 -31.11 45.26
N LYS A 392 -18.64 -31.53 44.00
CA LYS A 392 -19.06 -32.88 43.61
C LYS A 392 -18.02 -33.91 44.05
N CYS A 393 -16.79 -33.45 44.26
CA CYS A 393 -15.72 -34.30 44.75
C CYS A 393 -16.00 -34.77 46.18
N MET A 394 -16.06 -33.82 47.10
CA MET A 394 -16.29 -34.11 48.51
C MET A 394 -17.66 -34.75 48.72
N ALA A 408 -5.16 -32.01 49.77
CA ALA A 408 -4.86 -33.02 48.76
C ALA A 408 -5.61 -32.73 47.47
N VAL A 409 -6.89 -33.12 47.42
CA VAL A 409 -7.72 -32.88 46.25
C VAL A 409 -7.90 -31.37 46.02
N ASP A 410 -8.03 -30.63 47.11
CA ASP A 410 -8.15 -29.18 47.06
C ASP A 410 -6.87 -28.57 46.49
N ASP A 411 -5.76 -29.27 46.67
CA ASP A 411 -4.48 -28.86 46.10
C ASP A 411 -4.40 -29.33 44.64
N LEU A 412 -5.03 -30.47 44.37
CA LEU A 412 -5.08 -31.03 43.03
C LEU A 412 -5.77 -30.07 42.06
N SER A 413 -6.93 -29.54 42.49
CA SER A 413 -7.67 -28.59 41.67
C SER A 413 -6.84 -27.37 41.31
N ARG A 414 -6.20 -26.78 42.32
CA ARG A 414 -5.33 -25.62 42.12
C ARG A 414 -4.18 -25.94 41.18
N GLY A 415 -3.61 -27.14 41.33
CA GLY A 415 -2.53 -27.58 40.45
C GLY A 415 -2.95 -27.65 39.00
N ILE A 416 -4.05 -28.36 38.75
CA ILE A 416 -4.59 -28.50 37.40
C ILE A 416 -4.93 -27.15 36.77
N VAL A 417 -5.73 -26.36 37.48
CA VAL A 417 -6.15 -25.05 36.98
C VAL A 417 -4.97 -24.12 36.69
N ASN A 418 -4.06 -24.00 37.67
CA ASN A 418 -2.91 -23.10 37.51
C ASN A 418 -1.90 -23.56 36.46
N ARG A 419 -1.74 -24.88 36.29
CA ARG A 419 -0.86 -25.38 35.24
C ARG A 419 -1.50 -25.23 33.86
N PHE A 420 -2.83 -25.28 33.82
CA PHE A 420 -3.56 -25.08 32.57
C PHE A 420 -3.59 -23.61 32.17
N LEU A 421 -3.50 -22.73 33.17
CA LEU A 421 -3.61 -21.29 32.95
C LEU A 421 -2.30 -20.61 32.60
N HIS A 422 -1.17 -21.28 32.84
CA HIS A 422 0.15 -20.68 32.60
C HIS A 422 0.41 -20.38 31.12
N GLY A 423 -0.45 -20.89 30.24
CA GLY A 423 -0.29 -20.71 28.81
C GLY A 423 -0.85 -19.39 28.28
N PRO A 424 -2.19 -19.32 28.15
CA PRO A 424 -2.87 -18.15 27.56
C PRO A 424 -2.77 -16.88 28.40
N MET A 425 -2.53 -17.03 29.70
CA MET A 425 -2.54 -15.89 30.61
C MET A 425 -1.27 -15.04 30.50
N GLN A 426 -0.19 -15.63 30.00
CA GLN A 426 1.06 -14.90 29.81
C GLN A 426 1.15 -14.29 28.41
N HIS A 427 0.37 -14.83 27.48
CA HIS A 427 0.31 -14.31 26.11
C HIS A 427 -0.70 -13.17 26.00
N THR A 441 -1.31 -10.97 19.77
CA THR A 441 -1.58 -11.03 21.20
C THR A 441 -3.02 -10.65 21.52
N LEU A 442 -3.63 -9.83 20.67
CA LEU A 442 -5.02 -9.43 20.83
C LEU A 442 -5.96 -10.53 20.33
N GLU A 443 -5.47 -11.32 19.38
CA GLU A 443 -6.22 -12.45 18.84
C GLU A 443 -6.47 -13.50 19.91
N ASN A 444 -5.59 -13.55 20.90
CA ASN A 444 -5.76 -14.43 22.06
C ASN A 444 -6.97 -13.98 22.86
N MET A 445 -7.05 -12.67 23.11
CA MET A 445 -8.19 -12.07 23.78
C MET A 445 -9.48 -12.35 23.02
N HIS A 446 -9.47 -12.08 21.72
CA HIS A 446 -10.64 -12.29 20.87
C HIS A 446 -11.04 -13.76 20.78
N ALA A 447 -10.08 -14.66 20.98
CA ALA A 447 -10.36 -16.09 21.00
C ALA A 447 -11.02 -16.48 22.32
N LEU A 448 -10.37 -16.17 23.42
CA LEU A 448 -10.88 -16.50 24.76
C LEU A 448 -12.26 -15.89 25.02
N ASN A 449 -12.50 -14.71 24.46
CA ASN A 449 -13.79 -14.04 24.59
C ASN A 449 -14.95 -14.87 24.06
N ARG A 450 -14.82 -15.34 22.81
CA ARG A 450 -15.87 -16.11 22.17
C ARG A 450 -15.81 -17.58 22.56
N MET A 451 -14.73 -17.96 23.24
CA MET A 451 -14.56 -19.34 23.68
C MET A 451 -15.00 -19.57 25.12
N TYR A 452 -15.19 -18.48 25.88
CA TYR A 452 -15.58 -18.60 27.28
C TYR A 452 -16.79 -17.72 27.63
N GLY A 453 -17.20 -16.88 26.69
CA GLY A 453 -18.33 -15.98 26.90
C GLY A 453 -17.92 -14.71 27.63
N SER B 48 -10.13 33.71 -2.94
CA SER B 48 -9.95 34.38 -1.65
C SER B 48 -8.53 34.91 -1.30
N THR B 49 -7.46 34.13 -1.47
CA THR B 49 -7.50 32.76 -1.99
C THR B 49 -7.38 31.73 -0.86
N HIS B 50 -6.60 32.07 0.17
CA HIS B 50 -6.23 31.15 1.24
C HIS B 50 -5.37 29.99 0.74
N LYS B 51 -4.87 30.12 -0.49
CA LYS B 51 -3.98 29.14 -1.06
C LYS B 51 -2.58 29.72 -0.98
N PRO B 52 -1.56 28.87 -1.08
CA PRO B 52 -0.21 29.44 -1.27
C PRO B 52 -0.12 30.10 -2.64
N PHE B 53 0.84 31.00 -2.81
CA PHE B 53 1.06 31.66 -4.09
C PHE B 53 1.53 30.63 -5.11
N PRO B 54 1.05 30.75 -6.36
CA PRO B 54 1.43 29.85 -7.45
C PRO B 54 2.93 29.57 -7.56
N ALA B 55 3.77 30.59 -7.32
CA ALA B 55 5.22 30.41 -7.31
C ALA B 55 5.60 29.32 -6.31
N GLU B 56 5.03 29.45 -5.10
CA GLU B 56 5.27 28.50 -4.03
C GLU B 56 4.83 27.11 -4.43
N VAL B 57 3.67 27.01 -5.06
CA VAL B 57 3.16 25.73 -5.51
C VAL B 57 4.14 25.11 -6.50
N SER B 58 4.68 25.93 -7.38
CA SER B 58 5.64 25.44 -8.38
C SER B 58 6.90 24.89 -7.71
N ARG B 59 7.41 25.61 -6.72
CA ARG B 59 8.54 25.10 -5.97
C ARG B 59 8.23 23.81 -5.25
N SER B 60 7.04 23.70 -4.67
CA SER B 60 6.65 22.50 -3.95
C SER B 60 6.61 21.31 -4.90
N ILE B 61 5.99 21.52 -6.05
CA ILE B 61 5.95 20.50 -7.10
C ILE B 61 7.37 20.08 -7.49
N MET B 62 8.27 21.06 -7.65
CA MET B 62 9.65 20.74 -8.05
C MET B 62 10.41 20.01 -6.95
N GLU B 63 10.01 20.18 -5.69
CA GLU B 63 10.66 19.45 -4.60
C GLU B 63 10.14 18.04 -4.44
N LEU B 64 8.83 17.84 -4.60
CA LEU B 64 8.23 16.54 -4.34
C LEU B 64 8.43 15.57 -5.49
N SER B 65 8.44 16.08 -6.71
CA SER B 65 8.53 15.22 -7.87
C SER B 65 9.98 14.98 -8.30
N SER B 66 10.19 13.99 -9.17
CA SER B 66 11.52 13.67 -9.65
C SER B 66 11.52 13.35 -11.16
N VAL B 67 10.33 13.31 -11.73
CA VAL B 67 10.18 12.97 -13.14
C VAL B 67 9.48 14.07 -13.92
N GLY B 68 9.94 14.33 -15.14
CA GLY B 68 9.35 15.34 -15.99
C GLY B 68 9.51 15.05 -17.48
N THR B 69 9.04 15.97 -18.30
CA THR B 69 9.20 15.87 -19.74
C THR B 69 9.99 17.07 -20.22
N LEU B 70 11.07 16.79 -20.95
CA LEU B 70 11.87 17.84 -21.57
C LEU B 70 11.38 18.05 -23.00
N SER B 71 10.84 19.23 -23.25
CA SER B 71 10.43 19.65 -24.57
C SER B 71 11.60 20.32 -25.27
N THR B 72 12.02 19.68 -26.36
CA THR B 72 13.10 20.16 -27.21
C THR B 72 12.56 20.47 -28.60
N LEU B 73 13.24 21.41 -29.28
CA LEU B 73 12.94 21.76 -30.67
C LEU B 73 13.91 21.05 -31.61
N THR B 74 13.53 19.88 -32.11
CA THR B 74 14.48 19.02 -32.82
C THR B 74 14.98 19.60 -34.16
N HIS B 75 15.96 18.93 -34.77
CA HIS B 75 16.58 19.32 -36.04
C HIS B 75 15.61 19.88 -37.09
N ASP B 76 14.75 19.01 -37.62
CA ASP B 76 13.64 19.44 -38.46
C ASP B 76 12.56 20.01 -37.56
N GLY B 77 12.25 21.30 -37.75
CA GLY B 77 11.40 22.06 -36.84
C GLY B 77 10.15 21.38 -36.31
N TRP B 78 10.35 20.28 -35.58
CA TRP B 78 9.27 19.48 -35.03
C TRP B 78 9.51 19.27 -33.53
N PRO B 79 8.54 19.66 -32.69
CA PRO B 79 8.72 19.55 -31.24
C PRO B 79 8.80 18.11 -30.78
N LEU B 80 9.57 17.86 -29.73
CA LEU B 80 9.71 16.51 -29.21
C LEU B 80 9.79 16.54 -27.69
N GLY B 81 9.03 15.66 -27.03
CA GLY B 81 9.03 15.57 -25.59
C GLY B 81 9.70 14.29 -25.14
N VAL B 82 10.63 14.42 -24.20
CA VAL B 82 11.43 13.28 -23.75
C VAL B 82 11.36 13.10 -22.24
N GLY B 83 11.15 11.87 -21.77
CA GLY B 83 11.16 11.59 -20.34
C GLY B 83 12.49 11.91 -19.69
N VAL B 84 12.46 12.46 -18.48
CA VAL B 84 13.67 12.94 -17.83
C VAL B 84 13.56 12.89 -16.30
N ARG B 85 14.64 12.55 -15.61
CA ARG B 85 14.69 12.72 -14.15
C ARG B 85 15.44 14.01 -13.86
N PHE B 86 15.11 14.64 -12.75
CA PHE B 86 15.73 15.92 -12.41
C PHE B 86 15.81 16.08 -10.91
N ALA B 87 16.68 17.00 -10.51
CA ALA B 87 16.77 17.45 -9.14
C ALA B 87 16.84 18.96 -9.22
N VAL B 88 16.70 19.63 -8.10
CA VAL B 88 16.58 21.08 -8.13
C VAL B 88 17.47 21.67 -7.04
N ASP B 89 18.10 22.80 -7.34
CA ASP B 89 19.00 23.43 -6.39
C ASP B 89 18.21 24.35 -5.47
N LYS B 90 18.92 25.10 -4.63
CA LYS B 90 18.26 25.96 -3.65
C LYS B 90 17.40 27.06 -4.27
N ASP B 91 17.51 27.27 -5.58
CA ASP B 91 16.74 28.31 -6.24
C ASP B 91 15.67 27.74 -7.18
N GLY B 92 15.42 26.44 -7.08
CA GLY B 92 14.42 25.84 -7.93
C GLY B 92 14.90 25.56 -9.35
N THR B 93 16.14 25.96 -9.65
CA THR B 93 16.74 25.68 -10.95
C THR B 93 16.89 24.19 -11.13
N PRO B 94 16.29 23.63 -12.20
CA PRO B 94 16.43 22.19 -12.39
C PRO B 94 17.73 21.81 -13.06
N VAL B 95 18.43 20.85 -12.46
CA VAL B 95 19.49 20.12 -13.12
C VAL B 95 18.93 18.75 -13.47
N LEU B 96 19.18 18.29 -14.69
CA LEU B 96 18.61 17.03 -15.15
C LEU B 96 19.57 16.20 -16.01
N CYS B 97 19.39 14.89 -15.99
CA CYS B 97 20.21 13.99 -16.81
C CYS B 97 19.56 13.72 -18.16
N LEU B 98 20.24 14.16 -19.21
CA LEU B 98 19.78 13.97 -20.57
C LEU B 98 20.79 13.09 -21.31
N ASN B 99 20.29 12.21 -22.17
CA ASN B 99 21.15 11.29 -22.89
C ASN B 99 21.45 11.74 -24.31
N ARG B 100 20.43 12.28 -24.98
CA ARG B 100 20.57 12.71 -26.38
C ARG B 100 21.43 13.96 -26.59
N SER B 101 21.72 14.24 -27.86
CA SER B 101 22.74 15.21 -28.25
C SER B 101 22.35 16.69 -28.09
N VAL B 102 21.62 17.00 -27.02
CA VAL B 102 21.34 18.39 -26.63
C VAL B 102 20.60 19.26 -27.66
N SER B 103 20.92 19.11 -28.95
CA SER B 103 20.41 19.95 -30.05
C SER B 103 21.04 21.35 -30.06
N PRO B 104 21.20 21.94 -31.26
CA PRO B 104 21.79 23.28 -31.40
C PRO B 104 20.89 24.43 -30.91
N ASP B 105 19.57 24.27 -31.02
CA ASP B 105 18.64 25.22 -30.43
C ASP B 105 18.53 24.91 -28.96
N LYS B 106 18.80 25.90 -28.11
CA LYS B 106 18.87 25.66 -26.68
C LYS B 106 17.56 25.97 -25.95
N ARG B 107 16.61 26.60 -26.65
CA ARG B 107 15.31 26.92 -26.08
C ARG B 107 14.61 25.62 -25.72
N SER B 108 13.92 25.62 -24.57
CA SER B 108 13.57 24.37 -23.93
C SER B 108 12.49 24.50 -22.86
N ALA B 109 11.81 23.39 -22.56
CA ALA B 109 10.84 23.42 -21.46
C ALA B 109 10.87 22.14 -20.62
N LEU B 110 10.65 22.28 -19.30
CA LEU B 110 10.54 21.12 -18.43
C LEU B 110 9.15 21.08 -17.79
N HIS B 111 8.42 19.98 -18.00
CA HIS B 111 7.04 19.90 -17.54
C HIS B 111 6.91 18.84 -16.46
N VAL B 112 6.38 19.25 -15.31
CA VAL B 112 6.34 18.41 -14.13
C VAL B 112 4.93 18.37 -13.53
N GLN B 113 4.51 17.18 -13.13
CA GLN B 113 3.20 16.99 -12.55
C GLN B 113 3.27 16.49 -11.12
N LEU B 114 2.27 16.84 -10.33
CA LEU B 114 2.14 16.29 -8.99
C LEU B 114 0.69 15.86 -8.80
N GLU B 115 0.44 14.55 -8.88
CA GLU B 115 -0.91 14.07 -8.64
C GLU B 115 -1.20 14.05 -7.14
N GLN B 116 -2.30 14.68 -6.74
CA GLN B 116 -2.66 14.77 -5.34
C GLN B 116 -3.85 13.87 -5.03
N CYS B 117 -3.59 12.79 -4.28
CA CYS B 117 -4.65 11.90 -3.81
C CYS B 117 -5.47 11.31 -4.97
N GLY B 118 -4.82 11.11 -6.11
CA GLY B 118 -5.48 10.52 -7.26
C GLY B 118 -6.69 11.29 -7.76
N LEU B 119 -6.83 12.54 -7.33
CA LEU B 119 -8.01 13.33 -7.66
C LEU B 119 -7.71 14.58 -8.45
N ARG B 120 -6.47 15.07 -8.35
CA ARG B 120 -6.12 16.35 -8.94
C ARG B 120 -4.61 16.48 -9.15
N THR B 121 -4.22 17.05 -10.29
CA THR B 121 -2.80 17.12 -10.66
C THR B 121 -2.34 18.54 -10.98
N PRO B 122 -1.88 19.28 -9.95
CA PRO B 122 -1.17 20.54 -10.20
C PRO B 122 0.06 20.28 -11.07
N GLN B 123 0.38 21.25 -11.92
CA GLN B 123 1.45 21.08 -12.89
C GLN B 123 2.24 22.36 -13.02
N CYS B 124 3.53 22.23 -13.30
CA CYS B 124 4.27 23.41 -13.73
C CYS B 124 5.11 23.13 -14.97
N THR B 125 5.35 24.16 -15.76
CA THR B 125 6.22 24.06 -16.93
C THR B 125 7.24 25.20 -16.89
N ILE B 126 8.50 24.82 -16.69
CA ILE B 126 9.61 25.76 -16.69
C ILE B 126 10.08 26.01 -18.12
N GLN B 127 10.00 27.27 -18.56
CA GLN B 127 10.50 27.65 -19.86
C GLN B 127 11.86 28.32 -19.67
N GLY B 128 12.85 27.82 -20.39
CA GLY B 128 14.18 28.37 -20.28
C GLY B 128 15.14 27.75 -21.27
N SER B 129 16.42 27.99 -21.06
CA SER B 129 17.43 27.49 -21.99
C SER B 129 18.29 26.44 -21.34
N ILE B 130 18.36 25.27 -21.96
CA ILE B 130 19.19 24.18 -21.44
C ILE B 130 20.64 24.36 -21.87
N GLY B 131 21.56 23.95 -21.00
CA GLY B 131 22.97 24.04 -21.30
C GLY B 131 23.80 23.19 -20.36
N ARG B 132 24.95 22.74 -20.84
CA ARG B 132 25.93 22.05 -20.00
C ARG B 132 26.49 23.10 -19.05
N PRO B 133 26.83 22.71 -17.82
CA PRO B 133 27.35 23.70 -16.86
C PRO B 133 28.71 24.24 -17.29
N GLY B 134 28.94 25.52 -17.04
CA GLY B 134 30.17 26.18 -17.48
C GLY B 134 31.43 25.68 -16.80
N ASP B 135 31.58 26.03 -15.52
CA ASP B 135 32.77 25.63 -14.77
C ASP B 135 32.76 24.15 -14.40
N ASP B 136 33.83 23.72 -13.73
CA ASP B 136 33.93 22.34 -13.28
C ASP B 136 33.52 22.28 -11.82
N THR B 137 33.31 23.45 -11.23
CA THR B 137 32.90 23.55 -9.83
C THR B 137 31.39 23.36 -9.69
N VAL B 138 30.63 24.04 -10.56
CA VAL B 138 29.18 23.90 -10.53
C VAL B 138 28.77 22.49 -10.89
N LEU B 139 29.56 21.83 -11.72
CA LEU B 139 29.31 20.43 -12.05
C LEU B 139 29.34 19.59 -10.80
N LYS B 140 30.24 19.94 -9.90
CA LYS B 140 30.42 19.22 -8.64
C LYS B 140 29.29 19.55 -7.67
N ARG B 141 28.88 20.82 -7.64
CA ARG B 141 27.75 21.24 -6.81
C ARG B 141 26.45 20.52 -7.22
N LEU B 142 26.21 20.48 -8.52
CA LEU B 142 25.03 19.82 -9.07
C LEU B 142 25.10 18.32 -8.92
N SER B 143 26.30 17.75 -9.02
CA SER B 143 26.46 16.33 -8.76
C SER B 143 26.16 16.06 -7.30
N ALA B 144 26.41 17.06 -6.46
CA ALA B 144 26.12 16.94 -5.04
C ALA B 144 24.62 16.95 -4.76
N THR B 145 23.89 17.90 -5.35
CA THR B 145 22.45 17.95 -5.17
C THR B 145 21.80 16.68 -5.75
N TRP B 146 22.28 16.27 -6.92
CA TRP B 146 21.76 15.07 -7.55
C TRP B 146 22.02 13.85 -6.65
N ARG B 147 23.19 13.85 -6.03
CA ARG B 147 23.56 12.78 -5.09
C ARG B 147 22.62 12.75 -3.89
N GLU B 148 22.41 13.90 -3.27
CA GLU B 148 21.57 13.98 -2.08
C GLU B 148 20.14 13.56 -2.38
N LYS B 149 19.62 14.00 -3.52
CA LYS B 149 18.24 13.65 -3.89
C LYS B 149 18.09 12.17 -4.24
N PHE B 150 18.97 11.66 -5.09
CA PHE B 150 18.77 10.32 -5.65
C PHE B 150 19.61 9.21 -5.01
N GLY B 151 20.62 9.60 -4.25
CA GLY B 151 21.57 8.66 -3.68
C GLY B 151 22.31 7.92 -4.78
N GLU B 152 22.50 8.58 -5.92
CA GLU B 152 23.04 7.94 -7.10
C GLU B 152 24.22 8.72 -7.67
N GLU B 153 25.05 8.01 -8.45
CA GLU B 153 26.10 8.66 -9.21
C GLU B 153 25.71 8.62 -10.68
N VAL B 154 26.19 9.59 -11.45
CA VAL B 154 25.83 9.64 -12.86
C VAL B 154 26.91 10.31 -13.69
N LYS B 155 26.98 9.94 -14.97
CA LYS B 155 27.93 10.52 -15.90
C LYS B 155 27.80 12.05 -15.92
N GLU B 156 28.87 12.73 -15.53
CA GLU B 156 28.85 14.19 -15.42
C GLU B 156 28.68 14.87 -16.78
N ASP B 157 28.87 14.13 -17.86
CA ASP B 157 28.66 14.69 -19.19
C ASP B 157 27.19 14.59 -19.58
N SER B 158 26.41 13.94 -18.72
CA SER B 158 24.97 13.82 -18.94
C SER B 158 24.18 14.82 -18.09
N LEU B 159 24.87 15.63 -17.29
CA LEU B 159 24.24 16.68 -16.50
C LEU B 159 23.95 17.94 -17.33
N TYR B 160 22.72 18.43 -17.22
CA TYR B 160 22.34 19.67 -17.91
C TYR B 160 21.56 20.59 -16.95
N VAL B 161 21.53 21.87 -17.28
CA VAL B 161 20.84 22.85 -16.45
C VAL B 161 19.87 23.67 -17.26
N VAL B 162 18.65 23.81 -16.76
CA VAL B 162 17.72 24.74 -17.36
C VAL B 162 17.72 26.07 -16.62
N ALA B 163 18.36 27.07 -17.20
CA ALA B 163 18.28 28.43 -16.67
C ALA B 163 16.85 28.87 -16.81
N VAL B 164 16.19 29.10 -15.68
CA VAL B 164 14.77 29.38 -15.69
C VAL B 164 14.45 30.80 -16.20
N ASP B 165 13.75 30.87 -17.32
CA ASP B 165 13.26 32.16 -17.81
C ASP B 165 11.94 32.50 -17.15
N ARG B 166 10.99 31.57 -17.20
CA ARG B 166 9.72 31.80 -16.53
C ARG B 166 9.02 30.48 -16.24
N VAL B 167 8.04 30.50 -15.36
CA VAL B 167 7.37 29.25 -14.97
C VAL B 167 5.85 29.36 -15.13
N LEU B 168 5.23 28.37 -15.78
CA LEU B 168 3.79 28.35 -15.92
C LEU B 168 3.18 27.37 -14.91
N GLN B 169 2.31 27.88 -14.05
CA GLN B 169 1.73 27.09 -12.96
C GLN B 169 0.23 26.86 -13.17
N MET B 170 -0.18 25.58 -13.18
CA MET B 170 -1.57 25.20 -13.42
C MET B 170 -2.14 24.36 -12.29
N GLU B 171 -3.36 24.67 -11.87
CA GLU B 171 -3.95 24.00 -10.70
C GLU B 171 -4.33 22.55 -10.98
N ASP B 172 -4.51 22.22 -12.24
CA ASP B 172 -4.98 20.89 -12.64
C ASP B 172 -4.92 20.79 -14.14
N PHE B 173 -5.26 19.63 -14.70
CA PHE B 173 -5.43 19.49 -16.14
C PHE B 173 -6.49 20.47 -16.64
N MET B 174 -6.34 20.92 -17.89
CA MET B 174 -7.34 21.75 -18.56
C MET B 174 -7.48 23.19 -18.04
N GLU B 175 -6.53 23.63 -17.22
CA GLU B 175 -6.52 25.01 -16.77
C GLU B 175 -5.64 25.84 -17.69
N ASP B 176 -5.85 27.14 -17.70
CA ASP B 176 -4.99 28.06 -18.44
C ASP B 176 -3.66 28.22 -17.72
N GLY B 177 -3.73 28.41 -16.42
CA GLY B 177 -2.54 28.57 -15.62
C GLY B 177 -2.07 30.01 -15.58
N ILE B 178 -1.24 30.33 -14.58
CA ILE B 178 -0.69 31.67 -14.47
C ILE B 178 0.83 31.65 -14.69
N TRP B 179 1.36 32.70 -15.30
CA TRP B 179 2.79 32.82 -15.45
C TRP B 179 3.42 33.39 -14.20
N VAL B 180 4.62 32.91 -13.89
CA VAL B 180 5.37 33.31 -12.74
C VAL B 180 6.74 33.75 -13.22
N ALA B 181 7.12 34.97 -12.84
CA ALA B 181 8.45 35.50 -13.12
C ALA B 181 9.47 34.58 -12.50
N SER B 182 10.68 34.54 -13.06
CA SER B 182 11.69 33.61 -12.62
C SER B 182 12.26 33.96 -11.24
N SER B 183 12.23 35.24 -10.89
CA SER B 183 12.82 35.68 -9.64
C SER B 183 11.87 35.42 -8.46
N ASP B 184 10.57 35.50 -8.73
CA ASP B 184 9.56 35.15 -7.74
C ASP B 184 9.56 33.64 -7.51
N TYR B 185 9.70 32.89 -8.59
CA TYR B 185 9.85 31.45 -8.51
C TYR B 185 11.10 31.13 -7.71
N LYS B 186 12.18 31.86 -7.98
CA LYS B 186 13.44 31.68 -7.26
C LYS B 186 13.33 31.94 -5.75
N ASN B 187 12.66 33.01 -5.37
CA ASN B 187 12.56 33.38 -3.96
C ASN B 187 11.42 32.70 -3.20
N ALA B 188 10.54 32.01 -3.91
CA ALA B 188 9.46 31.28 -3.27
C ALA B 188 10.00 30.07 -2.54
N SER B 189 9.39 29.73 -1.42
CA SER B 189 9.80 28.53 -0.69
C SER B 189 8.80 27.40 -0.93
N PRO B 190 9.31 26.17 -0.92
CA PRO B 190 8.43 24.99 -0.99
C PRO B 190 7.62 24.90 0.28
N ASP B 191 6.40 24.37 0.19
CA ASP B 191 5.55 24.27 1.37
C ASP B 191 6.18 23.41 2.46
N PRO B 192 6.14 23.91 3.70
CA PRO B 192 6.73 23.20 4.84
C PRO B 192 6.05 21.87 5.17
N LEU B 193 4.88 21.62 4.58
CA LEU B 193 4.08 20.45 4.90
C LEU B 193 4.15 19.40 3.79
N ARG B 194 4.85 19.75 2.72
CA ARG B 194 4.84 18.97 1.47
C ARG B 194 5.19 17.49 1.64
N ASP B 195 6.08 17.18 2.57
CA ASP B 195 6.54 15.81 2.74
C ASP B 195 5.55 14.95 3.51
N ILE B 196 4.60 15.59 4.19
CA ILE B 196 3.64 14.85 5.00
C ILE B 196 2.21 15.14 4.57
N ALA B 197 2.04 15.95 3.54
CA ALA B 197 0.70 16.29 3.07
C ALA B 197 -0.08 15.04 2.66
N GLU B 198 0.53 14.21 1.81
CA GLU B 198 -0.14 13.02 1.29
C GLU B 198 -0.60 12.11 2.42
N ASP B 199 0.32 11.82 3.34
CA ASP B 199 0.05 10.93 4.47
C ASP B 199 -1.10 11.48 5.30
N ILE B 200 -1.02 12.75 5.66
CA ILE B 200 -2.00 13.35 6.54
C ILE B 200 -3.38 13.39 5.87
N VAL B 201 -3.40 13.58 4.56
CA VAL B 201 -4.65 13.57 3.82
C VAL B 201 -5.25 12.18 3.85
N ASN B 202 -4.39 11.17 3.70
CA ASN B 202 -4.84 9.78 3.81
C ASN B 202 -5.41 9.44 5.18
N GLN B 203 -4.69 9.79 6.24
CA GLN B 203 -5.14 9.54 7.60
C GLN B 203 -6.48 10.21 7.85
N ILE B 204 -6.60 11.48 7.50
CA ILE B 204 -7.87 12.20 7.67
C ILE B 204 -9.02 11.59 6.87
N ASN B 205 -8.74 11.18 5.64
CA ASN B 205 -9.77 10.59 4.80
C ASN B 205 -10.22 9.23 5.31
N ALA B 206 -9.31 8.52 5.96
CA ALA B 206 -9.62 7.20 6.51
C ALA B 206 -10.23 7.26 7.91
N ASN B 207 -9.94 8.33 8.64
CA ASN B 207 -10.23 8.38 10.08
C ASN B 207 -11.08 9.53 10.54
N ASN B 208 -11.32 10.52 9.68
CA ASN B 208 -12.04 11.72 10.09
C ASN B 208 -13.14 12.20 9.13
N MET B 209 -13.78 11.25 8.45
CA MET B 209 -14.91 11.55 7.57
C MET B 209 -16.03 12.32 8.25
N GLU B 210 -16.28 12.03 9.51
CA GLU B 210 -17.31 12.73 10.25
C GLU B 210 -16.95 14.21 10.37
N ASP B 211 -15.69 14.47 10.67
CA ASP B 211 -15.16 15.83 10.75
C ASP B 211 -15.23 16.54 9.40
N ILE B 212 -14.77 15.87 8.34
CA ILE B 212 -14.73 16.45 7.00
C ILE B 212 -16.14 16.82 6.52
N PHE B 213 -17.03 15.85 6.65
CA PHE B 213 -18.42 16.03 6.28
C PHE B 213 -19.02 17.19 7.05
N ARG B 214 -18.70 17.26 8.33
CA ARG B 214 -19.20 18.35 9.16
C ARG B 214 -18.66 19.69 8.65
N PHE B 215 -17.41 19.71 8.21
CA PHE B 215 -16.79 20.92 7.70
C PHE B 215 -17.56 21.44 6.51
N CYS B 216 -18.01 20.52 5.67
CA CYS B 216 -18.85 20.93 4.54
C CYS B 216 -20.11 21.70 4.97
N ASN B 217 -20.61 21.42 6.17
CA ASN B 217 -21.79 22.11 6.71
C ASN B 217 -21.49 23.41 7.43
N VAL B 218 -20.53 23.38 8.35
CA VAL B 218 -20.32 24.53 9.23
C VAL B 218 -19.32 25.56 8.70
N TYR B 219 -18.45 25.17 7.77
CA TYR B 219 -17.38 26.06 7.33
C TYR B 219 -17.57 26.57 5.91
N VAL B 220 -18.40 25.89 5.12
CA VAL B 220 -18.69 26.38 3.78
C VAL B 220 -20.19 26.52 3.55
N ASP B 221 -20.58 27.64 2.95
CA ASP B 221 -21.97 27.98 2.69
C ASP B 221 -22.47 27.28 1.42
N LEU B 222 -22.71 25.97 1.52
CA LEU B 222 -23.23 25.22 0.40
C LEU B 222 -24.69 25.53 0.15
N ASP B 223 -25.18 25.16 -1.03
CA ASP B 223 -26.58 25.33 -1.40
C ASP B 223 -27.18 24.01 -1.85
N PHE B 224 -26.66 22.91 -1.30
CA PHE B 224 -27.12 21.57 -1.64
C PHE B 224 -26.71 20.53 -0.61
N VAL B 225 -27.04 19.27 -0.90
CA VAL B 225 -26.73 18.16 0.00
C VAL B 225 -25.46 17.41 -0.40
N VAL B 226 -24.45 17.47 0.46
CA VAL B 226 -23.19 16.78 0.23
C VAL B 226 -23.40 15.28 0.25
N SER B 227 -23.11 14.62 -0.86
CA SER B 227 -23.27 13.16 -0.93
C SER B 227 -21.98 12.43 -0.61
N GLU B 228 -20.85 13.12 -0.76
CA GLU B 228 -19.53 12.58 -0.46
C GLU B 228 -18.50 13.69 -0.33
N THR B 229 -17.36 13.38 0.28
CA THR B 229 -16.25 14.33 0.39
C THR B 229 -14.94 13.58 0.57
N LYS B 230 -13.88 14.15 0.02
CA LYS B 230 -12.53 13.71 0.34
C LYS B 230 -11.67 14.94 0.52
N MET B 231 -10.67 14.85 1.39
CA MET B 231 -9.65 15.88 1.41
C MET B 231 -8.69 15.55 0.26
N ILE B 232 -8.25 16.57 -0.45
CA ILE B 232 -7.37 16.35 -1.60
C ILE B 232 -5.93 16.66 -1.21
N TRP B 233 -5.73 17.78 -0.55
CA TRP B 233 -4.39 18.25 -0.23
C TRP B 233 -4.42 19.23 0.93
N MET B 234 -3.26 19.45 1.53
CA MET B 234 -3.14 20.36 2.65
C MET B 234 -1.79 21.05 2.58
N ASP B 235 -1.77 22.35 2.83
CA ASP B 235 -0.52 23.08 2.86
C ASP B 235 -0.52 24.01 4.04
N ARG B 236 0.36 25.03 4.01
CA ARG B 236 0.60 25.85 5.18
C ARG B 236 -0.61 26.71 5.58
N LEU B 237 -1.56 26.88 4.68
CA LEU B 237 -2.65 27.84 4.90
C LEU B 237 -4.03 27.21 5.11
N GLY B 238 -4.16 25.93 4.80
CA GLY B 238 -5.44 25.28 4.86
C GLY B 238 -5.44 24.01 4.04
N PHE B 239 -6.62 23.58 3.61
CA PHE B 239 -6.74 22.33 2.89
C PHE B 239 -7.85 22.40 1.84
N ASP B 240 -7.81 21.46 0.90
CA ASP B 240 -8.75 21.43 -0.20
C ASP B 240 -9.64 20.20 -0.12
N LEU B 241 -10.94 20.44 -0.13
CA LEU B 241 -11.92 19.36 -0.12
C LEU B 241 -12.56 19.21 -1.49
N ARG B 242 -12.77 17.97 -1.91
CA ARG B 242 -13.65 17.73 -3.04
C ARG B 242 -15.01 17.30 -2.49
N VAL B 243 -16.05 18.02 -2.88
CA VAL B 243 -17.42 17.78 -2.45
C VAL B 243 -18.26 17.26 -3.60
N TRP B 244 -18.79 16.05 -3.46
CA TRP B 244 -19.71 15.49 -4.45
C TRP B 244 -21.17 15.82 -4.14
N SER B 245 -21.97 15.92 -5.20
CA SER B 245 -23.35 16.38 -5.06
C SER B 245 -24.20 15.88 -6.22
N PRO B 246 -25.52 15.79 -6.00
CA PRO B 246 -26.48 15.54 -7.08
C PRO B 246 -26.28 16.52 -8.24
N ARG B 247 -26.04 17.79 -7.93
CA ARG B 247 -25.72 18.79 -8.95
C ARG B 247 -24.45 18.41 -9.72
N GLY B 248 -23.33 18.32 -9.01
CA GLY B 248 -22.07 17.94 -9.62
C GLY B 248 -20.95 17.81 -8.61
N VAL B 249 -19.72 18.03 -9.07
CA VAL B 249 -18.55 17.89 -8.20
C VAL B 249 -17.81 19.24 -8.06
N TYR B 250 -17.52 19.61 -6.82
CA TYR B 250 -16.93 20.92 -6.54
C TYR B 250 -15.68 20.85 -5.68
N ASP B 251 -14.80 21.83 -5.81
CA ASP B 251 -13.59 21.88 -4.98
C ASP B 251 -13.68 23.13 -4.12
N VAL B 252 -13.44 22.96 -2.82
CA VAL B 252 -13.45 24.11 -1.91
C VAL B 252 -12.17 24.20 -1.10
N ARG B 253 -11.77 25.43 -0.78
CA ARG B 253 -10.60 25.66 0.02
C ARG B 253 -11.00 26.16 1.40
N ILE B 254 -10.71 25.39 2.43
CA ILE B 254 -10.95 25.86 3.79
C ILE B 254 -9.63 26.21 4.48
N PRO B 255 -9.53 27.45 4.96
CA PRO B 255 -8.30 27.90 5.60
C PRO B 255 -8.17 27.54 7.07
N PHE B 256 -6.95 27.21 7.48
CA PHE B 256 -6.59 27.16 8.88
C PHE B 256 -6.78 28.56 9.46
N PRO B 257 -7.17 28.65 10.75
CA PRO B 257 -7.35 29.94 11.42
C PRO B 257 -6.07 30.75 11.37
N MET B 258 -4.94 30.08 11.53
CA MET B 258 -3.63 30.70 11.40
C MET B 258 -2.74 29.82 10.55
N GLU B 259 -1.80 30.44 9.87
CA GLU B 259 -0.85 29.72 9.03
C GLU B 259 -0.10 28.69 9.87
N VAL B 260 0.12 27.53 9.27
CA VAL B 260 0.69 26.39 9.97
C VAL B 260 2.12 26.11 9.49
N THR B 261 2.98 25.61 10.37
CA THR B 261 4.43 25.51 10.11
C THR B 261 4.97 24.08 10.05
N ASP B 262 4.44 23.20 10.89
CA ASP B 262 4.95 21.82 10.95
C ASP B 262 3.82 20.79 11.09
N GLU B 263 4.19 19.52 11.18
CA GLU B 263 3.20 18.44 11.24
C GLU B 263 2.27 18.58 12.41
N LYS B 264 2.82 18.75 13.61
CA LYS B 264 1.96 18.86 14.78
C LYS B 264 1.12 20.13 14.73
N GLY B 265 1.63 21.18 14.09
CA GLY B 265 0.88 22.40 13.93
C GLY B 265 -0.34 22.18 13.06
N ALA B 266 -0.16 21.44 11.98
CA ALA B 266 -1.26 21.12 11.07
C ALA B 266 -2.28 20.20 11.76
N LYS B 267 -1.79 19.16 12.42
CA LYS B 267 -2.64 18.22 13.12
C LYS B 267 -3.46 18.94 14.17
N SER B 268 -2.81 19.82 14.90
CA SER B 268 -3.44 20.56 15.96
C SER B 268 -4.51 21.45 15.38
N SER B 269 -4.13 22.24 14.37
CA SER B 269 -5.05 23.15 13.72
C SER B 269 -6.31 22.40 13.26
N PHE B 270 -6.10 21.24 12.64
CA PHE B 270 -7.19 20.37 12.22
C PHE B 270 -8.09 19.90 13.37
N ASN B 271 -7.47 19.39 14.43
CA ASN B 271 -8.20 19.00 15.63
C ASN B 271 -9.09 20.14 16.11
N GLY B 272 -8.51 21.33 16.20
CA GLY B 272 -9.23 22.50 16.67
C GLY B 272 -10.45 22.83 15.82
N MET B 273 -10.27 22.74 14.50
CA MET B 273 -11.37 22.98 13.57
C MET B 273 -12.47 21.90 13.68
N SER B 274 -12.05 20.67 13.94
CA SER B 274 -13.00 19.59 14.17
C SER B 274 -13.81 19.82 15.43
N GLN B 275 -13.11 20.26 16.47
CA GLN B 275 -13.72 20.50 17.78
C GLN B 275 -14.73 21.61 17.67
N LEU B 276 -14.34 22.69 17.00
CA LEU B 276 -15.26 23.82 16.84
C LEU B 276 -16.47 23.44 15.98
N ALA B 277 -16.24 22.63 14.94
CA ALA B 277 -17.34 22.24 14.06
C ALA B 277 -18.36 21.39 14.82
N TRP B 278 -17.86 20.43 15.59
CA TRP B 278 -18.71 19.59 16.43
C TRP B 278 -19.49 20.43 17.44
N GLU B 279 -18.78 21.29 18.16
CA GLU B 279 -19.43 22.14 19.15
C GLU B 279 -20.51 23.02 18.54
N VAL B 280 -20.35 23.39 17.27
CA VAL B 280 -21.37 24.19 16.60
C VAL B 280 -22.57 23.32 16.20
N GLU B 281 -22.28 22.16 15.64
CA GLU B 281 -23.33 21.23 15.24
C GLU B 281 -24.17 20.74 16.44
N LYS B 282 -23.50 20.37 17.53
CA LYS B 282 -24.20 20.00 18.76
C LYS B 282 -24.73 21.25 19.50
N SER B 283 -24.64 22.40 18.82
CA SER B 283 -25.20 23.66 19.30
C SER B 283 -24.66 24.16 20.64
N TYR B 284 -23.44 23.76 20.99
CA TYR B 284 -22.80 24.26 22.20
C TYR B 284 -22.23 25.65 22.00
N CYS B 285 -22.05 26.03 20.74
CA CYS B 285 -21.33 27.25 20.41
C CYS B 285 -22.01 28.02 19.29
N PRO B 286 -21.77 29.34 19.25
CA PRO B 286 -22.26 30.16 18.14
C PRO B 286 -21.34 30.07 16.94
N ALA B 287 -21.88 30.35 15.76
CA ALA B 287 -21.09 30.43 14.55
C ALA B 287 -20.87 31.90 14.20
N ASP B 288 -20.00 32.55 14.96
CA ASP B 288 -19.71 33.97 14.78
C ASP B 288 -18.90 34.22 13.51
N PHE B 289 -18.24 33.16 13.05
CA PHE B 289 -17.36 33.23 11.89
C PHE B 289 -18.13 33.17 10.56
N ASN B 290 -17.47 33.61 9.49
CA ASN B 290 -18.05 33.59 8.15
C ASN B 290 -17.77 32.30 7.40
N LYS B 291 -18.72 31.86 6.59
CA LYS B 291 -18.55 30.64 5.81
C LYS B 291 -17.83 30.91 4.49
N VAL B 292 -17.17 29.89 3.97
CA VAL B 292 -16.58 29.98 2.65
C VAL B 292 -17.69 29.89 1.63
N LYS B 293 -17.61 30.70 0.57
CA LYS B 293 -18.64 30.69 -0.47
C LYS B 293 -18.11 30.21 -1.82
N LEU B 294 -16.83 30.44 -2.08
CA LEU B 294 -16.26 30.20 -3.40
C LEU B 294 -16.08 28.72 -3.69
N LEU B 295 -16.60 28.28 -4.84
CA LEU B 295 -16.49 26.89 -5.25
C LEU B 295 -15.88 26.80 -6.63
N LYS B 296 -15.20 25.69 -6.90
CA LYS B 296 -14.55 25.47 -8.18
C LYS B 296 -15.15 24.24 -8.82
N GLN B 297 -15.86 24.41 -9.93
CA GLN B 297 -16.52 23.30 -10.59
C GLN B 297 -15.50 22.39 -11.25
N VAL B 298 -15.69 21.07 -11.12
CA VAL B 298 -14.79 20.12 -11.77
C VAL B 298 -15.58 18.98 -12.43
N VAL B 299 -15.17 18.58 -13.62
CA VAL B 299 -15.87 17.52 -14.36
C VAL B 299 -15.81 16.18 -13.63
N SER C 24 3.00 -28.26 3.35
CA SER C 24 2.38 -28.97 2.22
C SER C 24 1.73 -28.00 1.24
N SER C 25 1.38 -28.51 0.06
CA SER C 25 0.77 -27.69 -0.98
C SER C 25 0.02 -28.53 -2.01
N ILE C 26 -1.06 -27.96 -2.55
CA ILE C 26 -1.84 -28.61 -3.60
C ILE C 26 -1.24 -28.28 -4.96
N VAL C 27 -1.16 -29.30 -5.83
CA VAL C 27 -0.58 -29.14 -7.16
C VAL C 27 -1.51 -29.73 -8.22
N VAL C 28 -1.64 -29.05 -9.35
CA VAL C 28 -2.26 -29.65 -10.53
C VAL C 28 -1.25 -29.77 -11.66
N ILE C 29 -1.13 -31.00 -12.17
CA ILE C 29 -0.17 -31.32 -13.23
C ILE C 29 -0.91 -32.06 -14.31
N GLY C 30 -0.98 -31.49 -15.52
CA GLY C 30 -1.81 -32.10 -16.54
C GLY C 30 -1.39 -31.85 -17.99
N LEU C 31 -2.22 -32.34 -18.90
CA LEU C 31 -2.06 -32.10 -20.33
C LEU C 31 -3.40 -31.62 -20.88
N SER C 32 -3.35 -30.58 -21.72
CA SER C 32 -4.56 -29.97 -22.24
C SER C 32 -4.64 -30.05 -23.77
N ILE C 33 -5.87 -29.92 -24.28
CA ILE C 33 -6.12 -29.92 -25.71
C ILE C 33 -5.55 -28.64 -26.35
N HIS C 34 -5.27 -27.65 -25.50
CA HIS C 34 -4.70 -26.38 -25.95
C HIS C 34 -3.21 -26.49 -26.24
N THR C 35 -2.57 -27.51 -25.66
CA THR C 35 -1.14 -27.72 -25.87
C THR C 35 -0.82 -29.07 -26.50
N ALA C 36 -1.34 -30.16 -25.91
CA ALA C 36 -1.05 -31.50 -26.37
C ALA C 36 -2.08 -32.02 -27.37
N PRO C 37 -1.61 -32.62 -28.48
CA PRO C 37 -2.50 -33.19 -29.49
C PRO C 37 -3.11 -34.50 -28.99
N VAL C 38 -4.17 -34.96 -29.63
CA VAL C 38 -4.90 -36.14 -29.16
C VAL C 38 -4.05 -37.41 -29.15
N GLU C 39 -3.15 -37.54 -30.11
CA GLU C 39 -2.30 -38.73 -30.22
C GLU C 39 -1.33 -38.89 -29.06
N MET C 40 -1.20 -37.85 -28.25
CA MET C 40 -0.36 -37.92 -27.06
C MET C 40 -1.19 -38.03 -25.81
N ARG C 41 -2.27 -37.26 -25.75
CA ARG C 41 -3.16 -37.25 -24.60
C ARG C 41 -3.79 -38.62 -24.39
N GLU C 42 -4.11 -39.31 -25.50
CA GLU C 42 -4.75 -40.62 -25.42
C GLU C 42 -3.89 -41.65 -24.70
N LYS C 43 -2.57 -41.44 -24.71
CA LYS C 43 -1.65 -42.34 -24.02
C LYS C 43 -1.69 -42.12 -22.51
N LEU C 44 -2.15 -40.95 -22.09
CA LEU C 44 -2.30 -40.63 -20.67
C LEU C 44 -3.70 -40.95 -20.20
N ALA C 45 -4.59 -41.23 -21.15
CA ALA C 45 -5.98 -41.51 -20.83
C ALA C 45 -6.11 -42.65 -19.83
N ILE C 46 -6.81 -42.40 -18.74
CA ILE C 46 -7.07 -43.42 -17.73
C ILE C 46 -8.57 -43.55 -17.49
N PRO C 47 -9.17 -44.63 -18.01
CA PRO C 47 -10.61 -44.87 -17.86
C PRO C 47 -11.01 -45.03 -16.38
N GLU C 48 -12.31 -44.93 -16.11
CA GLU C 48 -12.82 -44.90 -14.73
C GLU C 48 -12.44 -46.13 -13.90
N ALA C 49 -11.93 -47.16 -14.57
CA ALA C 49 -11.59 -48.41 -13.91
C ALA C 49 -10.28 -48.33 -13.13
N GLU C 50 -9.24 -47.81 -13.77
CA GLU C 50 -7.91 -47.80 -13.16
C GLU C 50 -7.70 -46.64 -12.18
N TRP C 51 -8.72 -45.79 -12.04
CA TRP C 51 -8.61 -44.61 -11.16
C TRP C 51 -8.08 -44.88 -9.75
N PRO C 52 -8.71 -45.81 -9.00
CA PRO C 52 -8.21 -46.07 -7.65
C PRO C 52 -6.79 -46.64 -7.65
N ARG C 53 -6.52 -47.50 -8.63
CA ARG C 53 -5.20 -48.07 -8.82
C ARG C 53 -4.19 -46.97 -9.12
N ALA C 54 -4.58 -46.06 -10.01
CA ALA C 54 -3.75 -44.92 -10.38
C ALA C 54 -3.40 -44.09 -9.16
N ILE C 55 -4.42 -43.69 -8.41
CA ILE C 55 -4.24 -42.90 -7.20
C ILE C 55 -3.34 -43.62 -6.19
N ALA C 56 -3.52 -44.94 -6.08
CA ALA C 56 -2.69 -45.75 -5.18
C ALA C 56 -1.22 -45.70 -5.57
N GLU C 57 -0.94 -45.92 -6.85
CA GLU C 57 0.41 -45.81 -7.38
C GLU C 57 1.00 -44.44 -7.09
N LEU C 58 0.20 -43.40 -7.34
CA LEU C 58 0.63 -42.01 -7.15
C LEU C 58 1.02 -41.71 -5.70
N CYS C 59 0.21 -42.17 -4.75
CA CYS C 59 0.48 -41.92 -3.34
C CYS C 59 1.68 -42.69 -2.83
N GLY C 60 2.04 -43.75 -3.55
CA GLY C 60 3.20 -44.57 -3.20
C GLY C 60 4.52 -43.84 -3.37
N LEU C 61 4.49 -42.76 -4.14
CA LEU C 61 5.66 -41.92 -4.32
C LEU C 61 5.99 -41.20 -3.01
N ASN C 62 7.27 -40.88 -2.83
CA ASN C 62 7.78 -40.37 -1.55
C ASN C 62 7.13 -39.08 -1.06
N HIS C 63 6.85 -38.15 -1.99
CA HIS C 63 6.37 -36.83 -1.60
C HIS C 63 4.90 -36.57 -1.91
N ILE C 64 4.10 -37.63 -1.98
CA ILE C 64 2.68 -37.49 -2.26
C ILE C 64 1.82 -38.16 -1.19
N GLU C 65 0.88 -37.40 -0.64
CA GLU C 65 -0.01 -37.91 0.39
C GLU C 65 -1.38 -38.22 -0.17
N GLU C 66 -1.87 -37.35 -1.04
CA GLU C 66 -3.20 -37.51 -1.63
C GLU C 66 -3.17 -37.29 -3.14
N ALA C 67 -4.07 -37.96 -3.85
CA ALA C 67 -4.11 -37.84 -5.32
C ALA C 67 -5.52 -38.00 -5.90
N ALA C 68 -5.68 -37.55 -7.13
CA ALA C 68 -6.92 -37.70 -7.88
C ALA C 68 -6.66 -37.54 -9.38
N VAL C 69 -7.47 -38.20 -10.19
CA VAL C 69 -7.26 -38.24 -11.62
C VAL C 69 -8.50 -37.80 -12.39
N LEU C 70 -8.32 -36.87 -13.33
CA LEU C 70 -9.40 -36.42 -14.18
C LEU C 70 -9.06 -36.64 -15.65
N SER C 71 -9.72 -37.61 -16.29
CA SER C 71 -9.50 -37.91 -17.71
C SER C 71 -10.71 -37.53 -18.55
N THR C 72 -10.49 -36.69 -19.55
CA THR C 72 -11.56 -36.21 -20.40
C THR C 72 -11.12 -36.27 -21.87
N CYS C 73 -12.04 -35.97 -22.77
CA CYS C 73 -11.74 -35.89 -24.19
C CYS C 73 -10.72 -34.79 -24.45
N ASN C 74 -10.78 -33.72 -23.66
CA ASN C 74 -9.95 -32.55 -23.90
C ASN C 74 -8.75 -32.46 -22.96
N ARG C 75 -8.91 -32.94 -21.74
CA ARG C 75 -7.82 -32.84 -20.78
C ARG C 75 -7.55 -34.15 -20.05
N MET C 76 -6.34 -34.24 -19.50
CA MET C 76 -6.01 -35.32 -18.60
C MET C 76 -5.13 -34.69 -17.52
N GLU C 77 -5.72 -34.47 -16.35
CA GLU C 77 -5.03 -33.76 -15.29
C GLU C 77 -4.97 -34.57 -14.00
N ILE C 78 -3.90 -34.34 -13.24
CA ILE C 78 -3.66 -35.04 -11.99
C ILE C 78 -3.56 -34.03 -10.84
N TYR C 79 -4.39 -34.20 -9.83
CA TYR C 79 -4.39 -33.30 -8.69
C TYR C 79 -3.78 -33.99 -7.48
N VAL C 80 -2.71 -33.42 -6.92
CA VAL C 80 -2.00 -34.09 -5.83
C VAL C 80 -1.68 -33.17 -4.68
N LEU C 81 -1.31 -33.76 -3.54
CA LEU C 81 -0.80 -33.02 -2.39
C LEU C 81 0.68 -33.37 -2.23
N ALA C 82 1.52 -32.35 -2.09
CA ALA C 82 2.95 -32.58 -1.98
C ALA C 82 3.55 -31.89 -0.77
N LEU C 83 4.55 -32.53 -0.16
CA LEU C 83 5.31 -31.93 0.93
C LEU C 83 6.24 -30.86 0.37
N SER C 84 6.95 -31.22 -0.69
CA SER C 84 7.70 -30.24 -1.48
C SER C 84 7.20 -30.26 -2.92
N GLN C 85 7.09 -29.08 -3.51
CA GLN C 85 6.54 -28.93 -4.86
C GLN C 85 7.40 -29.59 -5.94
N HIS C 86 8.69 -29.26 -5.95
CA HIS C 86 9.60 -29.69 -7.02
C HIS C 86 9.72 -31.20 -7.14
N ARG C 87 9.99 -31.87 -6.03
CA ARG C 87 10.13 -33.33 -6.04
C ARG C 87 8.81 -34.02 -6.34
N GLY C 88 7.71 -33.44 -5.87
CA GLY C 88 6.38 -33.95 -6.15
C GLY C 88 6.09 -33.95 -7.64
N VAL C 89 6.31 -32.79 -8.27
CA VAL C 89 6.14 -32.64 -9.71
C VAL C 89 7.05 -33.58 -10.48
N LYS C 90 8.30 -33.69 -10.01
CA LYS C 90 9.28 -34.59 -10.60
C LYS C 90 8.76 -36.03 -10.64
N GLU C 91 8.36 -36.52 -9.47
CA GLU C 91 7.86 -37.88 -9.32
C GLU C 91 6.59 -38.14 -10.13
N VAL C 92 5.64 -37.21 -10.08
CA VAL C 92 4.40 -37.37 -10.83
C VAL C 92 4.67 -37.41 -12.32
N THR C 93 5.59 -36.57 -12.77
CA THR C 93 5.94 -36.50 -14.19
C THR C 93 6.60 -37.81 -14.65
N GLU C 94 7.51 -38.33 -13.83
CA GLU C 94 8.12 -39.64 -14.14
C GLU C 94 7.09 -40.76 -14.14
N TRP C 95 6.11 -40.68 -13.24
CA TRP C 95 5.02 -41.64 -13.21
C TRP C 95 4.20 -41.56 -14.49
N MET C 96 3.96 -40.33 -14.97
CA MET C 96 3.21 -40.12 -16.20
C MET C 96 3.97 -40.72 -17.38
N SER C 97 5.28 -40.53 -17.38
CA SER C 97 6.14 -41.12 -18.41
C SER C 97 6.05 -42.64 -18.40
N LYS C 98 6.21 -43.23 -17.21
CA LYS C 98 6.20 -44.68 -17.07
C LYS C 98 4.85 -45.29 -17.48
N THR C 99 3.76 -44.61 -17.16
CA THR C 99 2.43 -45.16 -17.42
C THR C 99 1.92 -44.87 -18.84
N SER C 100 2.50 -43.87 -19.50
CA SER C 100 2.06 -43.54 -20.84
C SER C 100 3.04 -44.00 -21.91
N GLY C 101 4.29 -44.24 -21.50
CA GLY C 101 5.33 -44.60 -22.43
C GLY C 101 5.77 -43.40 -23.26
N ILE C 102 5.83 -42.24 -22.60
CA ILE C 102 6.21 -41.00 -23.26
C ILE C 102 7.42 -40.39 -22.56
N PRO C 103 8.46 -40.07 -23.33
CA PRO C 103 9.70 -39.49 -22.79
C PRO C 103 9.44 -38.30 -21.87
N VAL C 104 10.01 -38.34 -20.67
CA VAL C 104 9.73 -37.36 -19.62
C VAL C 104 9.85 -35.90 -20.09
N SER C 105 10.87 -35.60 -20.89
CA SER C 105 11.07 -34.24 -21.36
C SER C 105 9.96 -33.82 -22.33
N GLU C 106 9.54 -34.78 -23.16
CA GLU C 106 8.45 -34.55 -24.10
C GLU C 106 7.16 -34.20 -23.38
N ILE C 107 6.95 -34.81 -22.21
CA ILE C 107 5.85 -34.44 -21.34
C ILE C 107 6.09 -33.04 -20.77
N CYS C 108 7.33 -32.80 -20.36
CA CYS C 108 7.72 -31.53 -19.74
C CYS C 108 7.45 -30.35 -20.67
N GLN C 109 7.46 -30.60 -21.97
CA GLN C 109 7.09 -29.55 -22.92
C GLN C 109 5.62 -29.17 -22.80
N HIS C 110 4.74 -30.16 -22.95
CA HIS C 110 3.30 -29.91 -22.97
C HIS C 110 2.67 -29.93 -21.58
N ARG C 111 3.48 -29.71 -20.55
CA ARG C 111 3.01 -29.83 -19.17
C ARG C 111 2.32 -28.58 -18.61
N PHE C 112 1.09 -28.78 -18.13
CA PHE C 112 0.29 -27.74 -17.49
C PHE C 112 0.52 -27.85 -15.98
N LEU C 113 1.08 -26.80 -15.38
CA LEU C 113 1.49 -26.87 -13.99
C LEU C 113 1.01 -25.67 -13.17
N LEU C 114 0.26 -25.92 -12.10
CA LEU C 114 -0.21 -24.84 -11.23
C LEU C 114 -0.22 -25.24 -9.74
N TYR C 115 0.06 -24.29 -8.86
CA TYR C 115 0.11 -24.58 -7.43
C TYR C 115 -0.97 -23.88 -6.59
N ASN C 116 -1.36 -24.55 -5.51
CA ASN C 116 -2.30 -24.04 -4.50
C ASN C 116 -3.50 -23.24 -4.99
N LYS C 117 -3.51 -21.94 -4.68
CA LYS C 117 -4.66 -21.09 -4.96
C LYS C 117 -4.97 -21.01 -6.47
N ASP C 118 -3.92 -20.99 -7.28
CA ASP C 118 -4.08 -20.99 -8.74
C ASP C 118 -4.62 -22.33 -9.22
N ALA C 119 -4.29 -23.39 -8.49
CA ALA C 119 -4.80 -24.72 -8.80
C ALA C 119 -6.29 -24.81 -8.51
N THR C 120 -6.70 -24.29 -7.35
CA THR C 120 -8.11 -24.26 -6.98
C THR C 120 -8.87 -23.40 -7.98
N GLN C 121 -8.27 -22.28 -8.36
CA GLN C 121 -8.82 -21.39 -9.38
C GLN C 121 -9.05 -22.14 -10.68
N HIS C 122 -8.03 -22.90 -11.10
CA HIS C 122 -8.11 -23.64 -12.35
C HIS C 122 -9.19 -24.71 -12.34
N ILE C 123 -9.24 -25.51 -11.28
CA ILE C 123 -10.24 -26.57 -11.20
C ILE C 123 -11.65 -26.01 -11.09
N PHE C 124 -11.81 -24.87 -10.41
CA PHE C 124 -13.10 -24.21 -10.34
C PHE C 124 -13.52 -23.73 -11.73
N GLU C 125 -12.55 -23.19 -12.46
CA GLU C 125 -12.79 -22.76 -13.84
C GLU C 125 -13.21 -23.93 -14.71
N VAL C 126 -12.60 -25.08 -14.48
CA VAL C 126 -12.90 -26.28 -15.24
C VAL C 126 -14.31 -26.78 -14.95
N SER C 127 -14.67 -26.81 -13.67
CA SER C 127 -16.01 -27.19 -13.26
C SER C 127 -17.07 -26.25 -13.85
N ALA C 128 -16.78 -24.95 -13.81
CA ALA C 128 -17.70 -23.95 -14.35
C ALA C 128 -17.81 -24.08 -15.87
N GLY C 129 -16.78 -24.63 -16.49
CA GLY C 129 -16.80 -24.92 -17.91
C GLY C 129 -16.35 -23.80 -18.83
N LEU C 130 -15.52 -22.90 -18.31
CA LEU C 130 -14.98 -21.82 -19.13
C LEU C 130 -13.99 -22.37 -20.15
N ASP C 131 -13.31 -23.46 -19.77
CA ASP C 131 -12.39 -24.14 -20.67
C ASP C 131 -13.13 -24.97 -21.71
N SER C 132 -13.88 -24.28 -22.57
CA SER C 132 -14.66 -24.94 -23.62
C SER C 132 -13.90 -24.92 -24.96
N LEU C 133 -14.00 -26.01 -25.72
CA LEU C 133 -14.78 -27.18 -25.34
C LEU C 133 -13.99 -28.14 -24.45
N GLY C 136 -19.63 -28.56 -22.62
CA GLY C 136 -19.03 -28.91 -21.34
C GLY C 136 -19.56 -28.09 -20.18
N GLU C 137 -20.83 -27.70 -20.27
CA GLU C 137 -21.45 -26.89 -19.22
C GLU C 137 -22.95 -27.13 -19.14
N GLY C 138 -23.37 -27.93 -18.15
CA GLY C 138 -22.46 -28.55 -17.21
C GLY C 138 -22.20 -30.01 -17.51
N GLN C 139 -21.37 -30.26 -18.51
CA GLN C 139 -21.04 -31.62 -18.92
C GLN C 139 -19.67 -32.02 -18.37
N ILE C 140 -18.82 -31.02 -18.13
CA ILE C 140 -17.51 -31.24 -17.53
C ILE C 140 -17.64 -31.34 -16.01
N LEU C 141 -18.84 -31.08 -15.50
CA LEU C 141 -19.12 -31.17 -14.07
C LEU C 141 -19.59 -32.58 -13.72
N ALA C 142 -20.26 -33.22 -14.68
CA ALA C 142 -20.74 -34.58 -14.50
C ALA C 142 -19.56 -35.54 -14.35
N GLN C 143 -18.43 -35.16 -14.94
CA GLN C 143 -17.22 -35.99 -14.88
C GLN C 143 -16.41 -35.75 -13.61
N VAL C 144 -16.92 -34.87 -12.74
CA VAL C 144 -16.27 -34.59 -11.46
C VAL C 144 -16.94 -35.37 -10.34
N LYS C 145 -18.28 -35.37 -10.36
CA LYS C 145 -19.07 -36.13 -9.40
C LYS C 145 -18.74 -37.62 -9.51
N GLN C 146 -18.45 -38.05 -10.73
CA GLN C 146 -18.00 -39.43 -10.97
C GLN C 146 -16.67 -39.68 -10.27
N VAL C 147 -15.82 -38.65 -10.23
CA VAL C 147 -14.52 -38.76 -9.58
C VAL C 147 -14.64 -38.83 -8.06
N VAL C 148 -15.47 -37.96 -7.49
CA VAL C 148 -15.66 -37.97 -6.04
C VAL C 148 -16.42 -39.23 -5.57
N LYS C 149 -17.24 -39.80 -6.45
CA LYS C 149 -17.97 -41.02 -6.11
C LYS C 149 -17.11 -42.27 -6.26
N VAL C 150 -16.29 -42.32 -7.31
CA VAL C 150 -15.36 -43.44 -7.49
C VAL C 150 -14.32 -43.43 -6.37
N GLY C 151 -13.86 -42.24 -6.02
CA GLY C 151 -12.83 -42.10 -5.00
C GLY C 151 -13.33 -42.25 -3.58
N GLN C 152 -14.56 -42.73 -3.43
CA GLN C 152 -15.15 -42.94 -2.11
C GLN C 152 -14.36 -43.96 -1.29
N GLY C 153 -13.99 -45.07 -1.93
CA GLY C 153 -13.32 -46.15 -1.24
C GLY C 153 -11.81 -46.15 -1.42
N VAL C 154 -11.27 -45.00 -1.81
CA VAL C 154 -9.83 -44.87 -2.01
C VAL C 154 -9.19 -44.07 -0.88
N ASN C 155 -8.24 -44.67 -0.19
CA ASN C 155 -7.51 -43.99 0.88
C ASN C 155 -6.49 -43.00 0.35
N GLY C 156 -6.25 -43.04 -0.96
CA GLY C 156 -5.36 -42.11 -1.61
C GLY C 156 -6.08 -40.81 -1.94
N PHE C 157 -7.41 -40.82 -1.81
CA PHE C 157 -8.23 -39.64 -2.04
C PHE C 157 -8.41 -38.88 -0.73
N GLY C 158 -7.33 -38.25 -0.26
CA GLY C 158 -7.32 -37.59 1.03
C GLY C 158 -8.28 -36.42 1.17
N ARG C 159 -8.24 -35.76 2.34
CA ARG C 159 -9.21 -34.72 2.68
C ARG C 159 -9.05 -33.43 1.88
N ASN C 160 -7.80 -33.01 1.65
CA ASN C 160 -7.53 -31.80 0.89
C ASN C 160 -8.07 -31.86 -0.52
N ILE C 161 -7.62 -32.87 -1.27
CA ILE C 161 -8.01 -33.01 -2.68
C ILE C 161 -9.49 -33.35 -2.85
N SER C 162 -10.01 -34.24 -2.02
CA SER C 162 -11.43 -34.61 -2.08
C SER C 162 -12.32 -33.42 -1.75
N GLY C 163 -11.97 -32.71 -0.67
CA GLY C 163 -12.69 -31.50 -0.30
C GLY C 163 -12.63 -30.47 -1.41
N LEU C 164 -11.47 -30.39 -2.05
CA LEU C 164 -11.26 -29.50 -3.19
C LEU C 164 -12.20 -29.85 -4.35
N PHE C 165 -12.39 -31.14 -4.59
CA PHE C 165 -13.26 -31.60 -5.66
C PHE C 165 -14.74 -31.41 -5.34
N LYS C 166 -15.10 -31.58 -4.06
CA LYS C 166 -16.48 -31.34 -3.63
C LYS C 166 -16.82 -29.85 -3.77
N HIS C 167 -15.89 -29.00 -3.32
CA HIS C 167 -16.02 -27.57 -3.51
C HIS C 167 -16.11 -27.23 -4.99
N ALA C 168 -15.34 -27.96 -5.80
CA ALA C 168 -15.39 -27.78 -7.24
C ALA C 168 -16.77 -28.12 -7.79
N ILE C 169 -17.43 -29.09 -7.18
CA ILE C 169 -18.80 -29.44 -7.54
C ILE C 169 -19.74 -28.29 -7.19
N THR C 170 -19.59 -27.76 -5.98
CA THR C 170 -20.43 -26.63 -5.55
C THR C 170 -20.29 -25.43 -6.49
N VAL C 171 -19.04 -25.07 -6.79
CA VAL C 171 -18.73 -23.98 -7.72
C VAL C 171 -19.32 -24.26 -9.08
N GLY C 172 -19.19 -25.51 -9.52
CA GLY C 172 -19.72 -25.93 -10.80
C GLY C 172 -21.21 -25.70 -10.89
N LYS C 173 -21.94 -26.13 -9.87
CA LYS C 173 -23.39 -25.96 -9.82
C LYS C 173 -23.80 -24.49 -9.78
N ARG C 174 -23.19 -23.74 -8.86
CA ARG C 174 -23.52 -22.33 -8.68
C ARG C 174 -23.22 -21.51 -9.93
N VAL C 175 -22.18 -21.89 -10.67
CA VAL C 175 -21.82 -21.20 -11.90
C VAL C 175 -22.68 -21.68 -13.06
N ARG C 176 -23.19 -22.90 -12.95
CA ARG C 176 -24.04 -23.48 -13.99
C ARG C 176 -25.41 -22.82 -13.99
N THR C 177 -26.01 -22.75 -12.81
CA THR C 177 -27.37 -22.21 -12.69
C THR C 177 -27.44 -20.69 -12.87
N GLU C 178 -26.40 -20.00 -12.42
CA GLU C 178 -26.41 -18.53 -12.40
C GLU C 178 -25.58 -17.91 -13.51
N THR C 179 -25.60 -18.54 -14.70
CA THR C 179 -24.87 -18.00 -15.85
C THR C 179 -25.52 -18.37 -17.17
N ASN C 180 -24.74 -18.30 -18.25
CA ASN C 180 -25.23 -18.56 -19.61
C ASN C 180 -25.82 -19.96 -19.91
N ILE C 181 -25.13 -21.06 -19.59
CA ILE C 181 -23.81 -21.09 -18.96
C ILE C 181 -22.72 -21.47 -19.94
N SER C 187 -21.26 -28.67 -25.73
CA SER C 187 -20.65 -29.97 -25.45
C SER C 187 -19.92 -30.53 -26.67
N VAL C 188 -19.13 -31.58 -26.44
CA VAL C 188 -18.36 -32.22 -27.51
C VAL C 188 -19.28 -32.96 -28.47
N SER C 189 -20.37 -33.51 -27.94
CA SER C 189 -21.36 -34.23 -28.74
C SER C 189 -22.01 -33.31 -29.77
N SER C 190 -22.57 -32.21 -29.27
CA SER C 190 -23.24 -31.22 -30.12
C SER C 190 -22.27 -30.62 -31.13
N ALA C 191 -21.02 -30.42 -30.71
CA ALA C 191 -19.98 -29.92 -31.60
C ALA C 191 -19.76 -30.90 -32.74
N ALA C 192 -19.75 -32.19 -32.39
CA ALA C 192 -19.58 -33.25 -33.38
C ALA C 192 -20.72 -33.27 -34.38
N VAL C 193 -21.95 -33.22 -33.88
CA VAL C 193 -23.12 -33.19 -34.74
C VAL C 193 -23.05 -31.99 -35.68
N GLU C 194 -22.74 -30.82 -35.12
CA GLU C 194 -22.67 -29.57 -35.89
C GLU C 194 -21.45 -29.53 -36.81
N LEU C 195 -20.54 -30.48 -36.66
CA LEU C 195 -19.39 -30.57 -37.55
C LEU C 195 -19.80 -31.13 -38.91
N ALA C 196 -21.09 -31.44 -39.04
CA ALA C 196 -21.67 -31.89 -40.31
C ALA C 196 -21.74 -30.75 -41.33
N LEU C 197 -21.33 -29.56 -40.89
CA LEU C 197 -21.26 -28.40 -41.78
C LEU C 197 -20.21 -28.63 -42.86
N MET C 198 -19.28 -29.54 -42.59
CA MET C 198 -18.27 -29.93 -43.58
C MET C 198 -18.87 -30.85 -44.64
N LYS C 199 -20.19 -30.95 -44.66
CA LYS C 199 -20.92 -31.75 -45.64
C LYS C 199 -22.00 -30.90 -46.30
N ALA C 208 -30.50 -37.85 -44.54
CA ALA C 208 -30.12 -38.52 -43.32
C ALA C 208 -28.83 -39.32 -43.49
N ARG C 209 -28.95 -40.64 -43.46
CA ARG C 209 -27.82 -41.57 -43.63
C ARG C 209 -26.81 -41.50 -42.49
N MET C 210 -27.33 -41.46 -41.27
CA MET C 210 -26.48 -41.31 -40.08
C MET C 210 -26.17 -42.65 -39.43
N CYS C 211 -25.05 -42.71 -38.70
CA CYS C 211 -24.64 -43.92 -38.00
C CYS C 211 -23.70 -43.62 -36.83
N VAL C 212 -24.17 -43.90 -35.62
CA VAL C 212 -23.38 -43.68 -34.41
C VAL C 212 -23.01 -45.00 -33.74
N ILE C 213 -21.72 -45.19 -33.47
CA ILE C 213 -21.24 -46.40 -32.80
C ILE C 213 -21.01 -46.14 -31.31
N GLY C 214 -21.90 -46.67 -30.48
CA GLY C 214 -21.78 -46.53 -29.04
C GLY C 214 -22.89 -45.69 -28.44
N ALA C 215 -23.89 -46.37 -27.89
CA ALA C 215 -25.04 -45.68 -27.31
C ALA C 215 -24.81 -45.32 -25.84
N GLY C 216 -23.62 -44.81 -25.53
CA GLY C 216 -23.32 -44.33 -24.19
C GLY C 216 -24.00 -43.01 -23.93
N LYS C 217 -23.70 -42.39 -22.79
CA LYS C 217 -24.25 -41.07 -22.48
C LYS C 217 -23.85 -40.09 -23.59
N MET C 218 -22.62 -40.27 -24.07
CA MET C 218 -22.10 -39.51 -25.21
C MET C 218 -22.87 -39.78 -26.50
N GLY C 219 -23.12 -41.06 -26.76
CA GLY C 219 -23.86 -41.45 -27.95
C GLY C 219 -25.30 -40.98 -27.90
N LYS C 220 -25.90 -41.10 -26.71
CA LYS C 220 -27.27 -40.64 -26.49
C LYS C 220 -27.40 -39.14 -26.72
N LEU C 221 -26.43 -38.38 -26.20
CA LEU C 221 -26.37 -36.95 -26.45
C LEU C 221 -26.25 -36.65 -27.95
N VAL C 222 -25.38 -37.40 -28.63
CA VAL C 222 -25.20 -37.23 -30.07
C VAL C 222 -26.53 -37.42 -30.81
N ILE C 223 -27.27 -38.47 -30.44
CA ILE C 223 -28.58 -38.73 -31.02
C ILE C 223 -29.53 -37.57 -30.76
N LYS C 224 -29.53 -37.06 -29.53
CA LYS C 224 -30.35 -35.91 -29.17
C LYS C 224 -30.06 -34.72 -30.08
N HIS C 225 -28.79 -34.42 -30.31
CA HIS C 225 -28.43 -33.28 -31.14
C HIS C 225 -28.62 -33.59 -32.63
N LEU C 226 -28.80 -34.88 -32.95
CA LEU C 226 -29.17 -35.27 -34.30
C LEU C 226 -30.65 -34.99 -34.52
N MET C 227 -31.43 -35.11 -33.45
CA MET C 227 -32.84 -34.75 -33.50
C MET C 227 -32.99 -33.23 -33.57
N ALA C 228 -32.22 -32.52 -32.75
CA ALA C 228 -32.29 -31.06 -32.69
C ALA C 228 -32.10 -30.40 -34.05
N LYS C 229 -31.15 -30.89 -34.83
CA LYS C 229 -30.88 -30.33 -36.15
C LYS C 229 -31.60 -31.11 -37.26
N GLY C 230 -32.81 -31.55 -36.96
CA GLY C 230 -33.71 -32.15 -37.93
C GLY C 230 -33.23 -33.43 -38.60
N CYS C 231 -33.30 -34.54 -37.86
CA CYS C 231 -33.01 -35.85 -38.44
C CYS C 231 -33.87 -36.93 -37.79
N THR C 232 -34.33 -37.88 -38.59
CA THR C 232 -35.21 -38.94 -38.10
C THR C 232 -34.79 -40.33 -38.58
N LYS C 233 -33.48 -40.55 -38.70
CA LYS C 233 -32.97 -41.86 -39.10
C LYS C 233 -31.53 -42.09 -38.69
N VAL C 234 -31.31 -42.87 -37.63
CA VAL C 234 -29.94 -43.16 -37.20
C VAL C 234 -29.76 -44.68 -36.97
N VAL C 235 -28.59 -45.17 -37.37
CA VAL C 235 -28.23 -46.56 -37.13
C VAL C 235 -27.33 -46.65 -35.92
N VAL C 236 -27.90 -47.03 -34.78
CA VAL C 236 -27.16 -47.03 -33.51
C VAL C 236 -26.55 -48.39 -33.19
N VAL C 237 -25.25 -48.53 -33.46
CA VAL C 237 -24.53 -49.76 -33.21
C VAL C 237 -24.05 -49.83 -31.76
N ASN C 238 -24.52 -50.84 -31.03
CA ASN C 238 -24.16 -50.98 -29.63
C ASN C 238 -24.01 -52.46 -29.24
N ARG C 239 -23.22 -52.72 -28.20
CA ARG C 239 -23.04 -54.08 -27.72
C ARG C 239 -24.33 -54.63 -27.12
N SER C 240 -25.18 -53.73 -26.62
CA SER C 240 -26.42 -54.11 -25.95
C SER C 240 -27.65 -53.52 -26.62
N GLU C 241 -28.69 -54.33 -26.78
CA GLU C 241 -29.97 -53.86 -27.28
C GLU C 241 -30.74 -53.16 -26.17
N GLU C 242 -30.33 -53.39 -24.93
CA GLU C 242 -31.03 -52.85 -23.77
C GLU C 242 -31.02 -51.33 -23.74
N ARG C 243 -29.82 -50.75 -23.89
CA ARG C 243 -29.65 -49.30 -23.88
C ARG C 243 -30.29 -48.64 -25.10
N VAL C 244 -30.11 -49.25 -26.27
CA VAL C 244 -30.66 -48.73 -27.51
C VAL C 244 -32.19 -48.72 -27.50
N SER C 245 -32.79 -49.81 -27.01
CA SER C 245 -34.24 -49.90 -26.87
C SER C 245 -34.76 -48.99 -25.75
N ALA C 246 -33.92 -48.75 -24.74
CA ALA C 246 -34.27 -47.83 -23.67
C ALA C 246 -34.29 -46.39 -24.17
N ILE C 247 -33.40 -46.09 -25.11
CA ILE C 247 -33.31 -44.77 -25.72
C ILE C 247 -34.45 -44.56 -26.72
N ARG C 248 -34.76 -45.61 -27.48
CA ARG C 248 -35.84 -45.56 -28.46
C ARG C 248 -37.19 -45.26 -27.77
N GLU C 249 -37.32 -45.68 -26.52
CA GLU C 249 -38.53 -45.43 -25.73
C GLU C 249 -38.58 -44.00 -25.17
N GLU C 250 -37.49 -43.25 -25.35
CA GLU C 250 -37.43 -41.88 -24.85
C GLU C 250 -37.56 -40.87 -25.99
N MET C 251 -37.22 -41.30 -27.20
CA MET C 251 -37.29 -40.44 -28.38
C MET C 251 -38.11 -41.11 -29.49
N PRO C 252 -39.45 -41.02 -29.38
CA PRO C 252 -40.39 -41.67 -30.31
C PRO C 252 -40.53 -40.96 -31.66
N GLY C 253 -39.88 -39.81 -31.81
CA GLY C 253 -39.96 -39.05 -33.05
C GLY C 253 -38.89 -39.46 -34.05
N ILE C 254 -37.74 -39.88 -33.54
CA ILE C 254 -36.64 -40.34 -34.39
C ILE C 254 -36.63 -41.85 -34.49
N GLU C 255 -36.26 -42.37 -35.65
CA GLU C 255 -36.19 -43.81 -35.88
C GLU C 255 -34.78 -44.35 -35.58
N ILE C 256 -34.76 -45.31 -34.65
CA ILE C 256 -33.53 -45.96 -34.22
C ILE C 256 -33.42 -47.39 -34.74
N ILE C 257 -32.36 -47.67 -35.49
CA ILE C 257 -32.14 -49.03 -36.02
C ILE C 257 -30.93 -49.67 -35.34
N TYR C 258 -31.16 -50.78 -34.64
CA TYR C 258 -30.07 -51.47 -33.95
C TYR C 258 -29.37 -52.45 -34.88
N ARG C 259 -28.05 -52.30 -34.98
CA ARG C 259 -27.19 -53.26 -35.66
C ARG C 259 -26.08 -53.70 -34.70
N PRO C 260 -25.80 -55.01 -34.66
CA PRO C 260 -24.80 -55.63 -33.77
C PRO C 260 -23.42 -54.98 -33.85
N LEU C 261 -22.67 -55.05 -32.76
CA LEU C 261 -21.36 -54.41 -32.66
C LEU C 261 -20.34 -54.98 -33.64
N ASP C 262 -20.38 -56.30 -33.84
CA ASP C 262 -19.44 -56.95 -34.74
C ASP C 262 -19.82 -56.74 -36.21
N GLU C 263 -20.91 -56.02 -36.45
CA GLU C 263 -21.38 -55.73 -37.80
C GLU C 263 -21.13 -54.26 -38.12
N MET C 264 -20.18 -53.65 -37.41
CA MET C 264 -19.89 -52.23 -37.54
C MET C 264 -19.35 -51.87 -38.92
N LEU C 265 -18.65 -52.82 -39.55
CA LEU C 265 -17.99 -52.56 -40.82
C LEU C 265 -19.00 -52.50 -41.97
N ALA C 266 -20.05 -53.32 -41.87
CA ALA C 266 -21.07 -53.38 -42.90
C ALA C 266 -21.88 -52.09 -42.95
N CYS C 267 -22.22 -51.57 -41.77
CA CYS C 267 -23.00 -50.33 -41.69
C CYS C 267 -22.11 -49.09 -41.72
N ALA C 268 -20.83 -49.29 -42.02
CA ALA C 268 -19.91 -48.18 -42.23
C ALA C 268 -20.00 -47.73 -43.69
N SER C 269 -20.04 -48.71 -44.59
CA SER C 269 -20.19 -48.44 -46.02
C SER C 269 -21.67 -48.30 -46.39
N GLU C 270 -22.54 -48.48 -45.40
CA GLU C 270 -23.98 -48.37 -45.60
C GLU C 270 -24.45 -46.96 -45.27
N ALA C 271 -23.57 -46.16 -44.68
CA ALA C 271 -23.90 -44.80 -44.30
C ALA C 271 -22.92 -43.78 -44.89
N ASP C 272 -23.18 -42.50 -44.64
CA ASP C 272 -22.34 -41.44 -45.15
C ASP C 272 -21.43 -40.86 -44.07
N VAL C 273 -21.90 -40.89 -42.82
CA VAL C 273 -21.14 -40.34 -41.70
C VAL C 273 -21.16 -41.28 -40.49
N VAL C 274 -19.99 -41.52 -39.91
CA VAL C 274 -19.87 -42.45 -38.79
C VAL C 274 -19.39 -41.78 -37.50
N PHE C 275 -20.19 -41.90 -36.45
CA PHE C 275 -19.88 -41.34 -35.14
C PHE C 275 -19.37 -42.42 -34.20
N THR C 276 -18.08 -42.40 -33.91
CA THR C 276 -17.48 -43.38 -33.02
C THR C 276 -17.45 -42.89 -31.57
N SER C 277 -18.35 -43.42 -30.75
CA SER C 277 -18.45 -42.99 -29.35
C SER C 277 -18.33 -44.16 -28.38
N THR C 278 -17.26 -44.94 -28.52
CA THR C 278 -17.08 -46.15 -27.71
C THR C 278 -15.87 -46.04 -26.77
N ALA C 279 -15.86 -46.86 -25.73
CA ALA C 279 -14.79 -46.82 -24.72
C ALA C 279 -13.62 -47.75 -25.04
N SER C 280 -13.42 -48.05 -26.32
CA SER C 280 -12.35 -48.93 -26.76
C SER C 280 -10.96 -48.35 -26.50
N GLU C 281 -10.01 -49.23 -26.15
CA GLU C 281 -8.63 -48.82 -25.90
C GLU C 281 -7.76 -48.96 -27.15
N THR C 282 -8.39 -49.44 -28.22
CA THR C 282 -7.72 -49.59 -29.51
C THR C 282 -8.68 -49.18 -30.62
N PRO C 283 -8.14 -48.63 -31.72
CA PRO C 283 -8.97 -48.22 -32.85
C PRO C 283 -9.84 -49.36 -33.38
N LEU C 284 -11.06 -49.05 -33.80
CA LEU C 284 -11.96 -50.05 -34.35
C LEU C 284 -11.80 -50.15 -35.86
N PHE C 285 -11.52 -49.01 -36.49
CA PHE C 285 -11.27 -48.95 -37.93
C PHE C 285 -9.79 -48.70 -38.19
N LEU C 286 -9.31 -49.12 -39.36
CA LEU C 286 -7.92 -48.91 -39.72
C LEU C 286 -7.80 -48.75 -41.24
N LYS C 287 -6.58 -48.88 -41.75
CA LYS C 287 -6.34 -48.77 -43.18
C LYS C 287 -7.01 -49.91 -43.95
N GLU C 288 -6.94 -51.10 -43.37
CA GLU C 288 -7.45 -52.32 -44.01
C GLU C 288 -8.96 -52.28 -44.21
N HIS C 289 -9.68 -51.88 -43.18
CA HIS C 289 -11.14 -51.98 -43.17
C HIS C 289 -11.84 -50.97 -44.06
N VAL C 290 -11.16 -49.87 -44.40
CA VAL C 290 -11.82 -48.74 -45.03
C VAL C 290 -11.55 -48.59 -46.54
N GLU C 291 -10.44 -49.16 -47.02
CA GLU C 291 -10.05 -48.97 -48.41
C GLU C 291 -10.59 -50.04 -49.36
N ASN C 292 -11.48 -50.90 -48.85
CA ASN C 292 -12.16 -51.87 -49.71
C ASN C 292 -13.67 -51.63 -49.71
N LEU C 293 -14.11 -50.72 -48.86
CA LEU C 293 -15.53 -50.41 -48.72
C LEU C 293 -16.10 -49.77 -49.99
N PRO C 294 -17.30 -50.20 -50.39
CA PRO C 294 -18.02 -49.54 -51.48
C PRO C 294 -18.23 -48.07 -51.16
N GLN C 295 -17.74 -47.20 -52.03
CA GLN C 295 -17.81 -45.75 -51.83
C GLN C 295 -19.24 -45.27 -51.61
N ALA C 296 -19.44 -44.43 -50.60
CA ALA C 296 -20.75 -43.87 -50.29
C ALA C 296 -21.32 -43.13 -51.49
N SER C 297 -22.64 -43.05 -51.56
CA SER C 297 -23.33 -42.39 -52.66
C SER C 297 -22.84 -40.96 -52.86
N PRO C 298 -22.49 -40.62 -54.11
CA PRO C 298 -22.07 -39.26 -54.47
C PRO C 298 -23.21 -38.24 -54.33
N GLU C 299 -24.32 -38.66 -53.72
CA GLU C 299 -25.45 -37.79 -53.44
C GLU C 299 -25.01 -36.63 -52.55
N VAL C 300 -24.04 -36.90 -51.67
CA VAL C 300 -23.52 -35.89 -50.75
C VAL C 300 -22.00 -35.72 -50.87
N GLY C 301 -21.46 -35.98 -52.06
CA GLY C 301 -20.04 -35.79 -52.30
C GLY C 301 -19.29 -37.07 -52.64
N GLY C 302 -19.71 -38.17 -52.04
CA GLY C 302 -19.06 -39.44 -52.23
C GLY C 302 -18.04 -39.74 -51.14
N LEU C 303 -17.70 -38.70 -50.38
CA LEU C 303 -16.72 -38.83 -49.30
C LEU C 303 -17.42 -39.23 -48.00
N ARG C 304 -16.79 -40.13 -47.25
CA ARG C 304 -17.35 -40.57 -45.98
C ARG C 304 -16.69 -39.85 -44.82
N HIS C 305 -17.49 -39.43 -43.86
CA HIS C 305 -16.98 -38.69 -42.71
C HIS C 305 -16.86 -39.57 -41.48
N PHE C 306 -15.66 -39.59 -40.89
CA PHE C 306 -15.45 -40.32 -39.65
C PHE C 306 -15.22 -39.36 -38.49
N VAL C 307 -16.29 -39.02 -37.79
CA VAL C 307 -16.19 -38.17 -36.61
C VAL C 307 -15.88 -39.02 -35.37
N ASP C 308 -14.66 -38.89 -34.86
CA ASP C 308 -14.18 -39.70 -33.76
C ASP C 308 -14.16 -38.91 -32.45
N ILE C 309 -15.21 -39.06 -31.66
CA ILE C 309 -15.38 -38.26 -30.45
C ILE C 309 -14.94 -39.00 -29.18
N SER C 310 -13.99 -39.92 -29.33
CA SER C 310 -13.55 -40.74 -28.22
C SER C 310 -12.04 -40.64 -27.98
N VAL C 311 -11.66 -40.55 -26.71
CA VAL C 311 -10.26 -40.60 -26.33
C VAL C 311 -10.09 -41.71 -25.30
N PRO C 312 -9.31 -42.75 -25.64
CA PRO C 312 -8.52 -42.96 -26.87
C PRO C 312 -9.36 -43.14 -28.14
N ARG C 313 -8.77 -42.75 -29.26
CA ARG C 313 -9.43 -42.74 -30.56
C ARG C 313 -9.98 -44.10 -31.02
N ASN C 314 -10.92 -44.06 -31.95
CA ASN C 314 -11.52 -45.27 -32.51
C ASN C 314 -11.27 -45.40 -34.02
N VAL C 315 -10.48 -44.50 -34.59
CA VAL C 315 -10.26 -44.49 -36.03
C VAL C 315 -8.77 -44.60 -36.40
N GLY C 316 -7.90 -44.23 -35.47
CA GLY C 316 -6.48 -44.50 -35.61
C GLY C 316 -5.72 -43.63 -36.59
N SER C 317 -6.27 -42.48 -36.93
CA SER C 317 -5.55 -41.45 -37.70
C SER C 317 -5.19 -41.83 -39.14
N CYS C 318 -4.67 -43.04 -39.33
CA CYS C 318 -4.20 -43.49 -40.64
C CYS C 318 -5.30 -43.59 -41.69
N VAL C 319 -6.52 -43.89 -41.23
CA VAL C 319 -7.68 -44.03 -42.10
C VAL C 319 -7.83 -42.88 -43.10
N GLY C 320 -7.51 -41.67 -42.65
CA GLY C 320 -7.62 -40.48 -43.47
C GLY C 320 -6.77 -40.47 -44.73
N GLU C 321 -5.99 -41.53 -44.95
CA GLU C 321 -5.14 -41.62 -46.14
C GLU C 321 -5.91 -42.08 -47.37
N VAL C 322 -7.20 -42.38 -47.21
CA VAL C 322 -8.04 -42.73 -48.35
C VAL C 322 -8.71 -41.47 -48.93
N GLU C 323 -8.78 -41.40 -50.26
CA GLU C 323 -9.28 -40.21 -50.93
C GLU C 323 -10.79 -40.03 -50.77
N THR C 324 -11.51 -41.12 -50.59
CA THR C 324 -12.97 -41.08 -50.53
C THR C 324 -13.51 -41.03 -49.11
N ALA C 325 -12.65 -40.67 -48.16
CA ALA C 325 -13.07 -40.55 -46.76
C ALA C 325 -12.11 -39.67 -45.96
N ARG C 326 -12.60 -39.13 -44.85
CA ARG C 326 -11.79 -38.25 -44.02
C ARG C 326 -12.04 -38.43 -42.51
N VAL C 327 -10.97 -38.32 -41.73
CA VAL C 327 -11.03 -38.52 -40.29
C VAL C 327 -10.98 -37.22 -39.51
N TYR C 328 -12.00 -36.98 -38.70
CA TYR C 328 -12.08 -35.78 -37.88
C TYR C 328 -12.15 -36.18 -36.40
N ASN C 329 -11.06 -35.95 -35.66
CA ASN C 329 -11.04 -36.29 -34.24
C ASN C 329 -11.54 -35.18 -33.33
N VAL C 330 -11.33 -35.35 -32.03
CA VAL C 330 -11.81 -34.38 -31.05
C VAL C 330 -11.04 -33.07 -31.14
N ASP C 331 -9.81 -33.12 -31.66
CA ASP C 331 -9.00 -31.92 -31.84
C ASP C 331 -9.58 -30.99 -32.90
N ASP C 332 -10.27 -31.57 -33.88
CA ASP C 332 -10.88 -30.79 -34.95
C ASP C 332 -12.30 -30.36 -34.60
N LEU C 333 -12.62 -30.40 -33.30
CA LEU C 333 -13.92 -29.96 -32.82
C LEU C 333 -13.86 -28.56 -32.23
N LYS C 334 -12.88 -27.79 -32.67
CA LYS C 334 -12.76 -26.40 -32.24
C LYS C 334 -13.09 -25.47 -33.41
N GLU C 335 -13.56 -26.07 -34.51
CA GLU C 335 -13.88 -25.33 -35.72
C GLU C 335 -15.36 -25.01 -35.81
N VAL C 336 -16.03 -24.98 -34.66
CA VAL C 336 -17.46 -24.67 -34.63
C VAL C 336 -17.70 -23.17 -34.72
N VAL C 337 -17.45 -22.46 -33.63
CA VAL C 337 -17.57 -21.00 -33.62
C VAL C 337 -16.35 -20.36 -32.97
N ALA C 338 -15.48 -19.79 -33.78
CA ALA C 338 -14.28 -19.13 -33.28
C ALA C 338 -14.59 -17.70 -32.86
N ALA C 339 -15.37 -17.55 -31.79
CA ALA C 339 -15.74 -16.24 -31.28
C ALA C 339 -15.51 -16.13 -29.77
N ASN C 340 -14.68 -15.17 -29.38
CA ASN C 340 -14.37 -14.96 -27.96
C ASN C 340 -14.83 -13.60 -27.46
N LYS C 341 -15.85 -13.04 -28.11
CA LYS C 341 -16.38 -11.73 -27.73
C LYS C 341 -17.36 -11.86 -26.56
N GLU C 342 -18.27 -12.82 -26.65
CA GLU C 342 -19.26 -13.04 -25.60
C GLU C 342 -18.70 -13.91 -24.48
N ASP C 343 -17.97 -14.96 -24.87
CA ASP C 343 -17.41 -15.92 -23.91
C ASP C 343 -16.51 -15.27 -22.87
N ARG C 344 -15.41 -14.67 -23.33
CA ARG C 344 -14.43 -14.05 -22.44
C ARG C 344 -15.04 -12.95 -21.58
N MET C 345 -15.81 -12.06 -22.21
CA MET C 345 -16.43 -10.95 -21.51
C MET C 345 -17.40 -11.41 -20.42
N ARG C 346 -18.37 -12.24 -20.80
CA ARG C 346 -19.36 -12.74 -19.85
C ARG C 346 -18.73 -13.54 -18.72
N LYS C 347 -17.80 -14.42 -19.08
CA LYS C 347 -17.12 -15.23 -18.08
C LYS C 347 -16.35 -14.36 -17.09
N ALA C 348 -15.51 -13.47 -17.60
CA ALA C 348 -14.68 -12.62 -16.75
C ALA C 348 -15.50 -11.66 -15.89
N MET C 349 -16.65 -11.24 -16.40
CA MET C 349 -17.46 -10.23 -15.71
C MET C 349 -18.61 -10.83 -14.90
N GLU C 350 -18.77 -12.15 -14.93
CA GLU C 350 -19.89 -12.77 -14.23
C GLU C 350 -19.51 -14.01 -13.41
N ALA C 351 -18.70 -14.88 -13.99
CA ALA C 351 -18.34 -16.14 -13.34
C ALA C 351 -17.13 -16.01 -12.42
N GLN C 352 -16.22 -15.11 -12.79
CA GLN C 352 -14.95 -14.96 -12.07
C GLN C 352 -15.12 -14.46 -10.64
N THR C 353 -16.19 -13.72 -10.38
CA THR C 353 -16.46 -13.25 -9.02
C THR C 353 -16.85 -14.42 -8.12
N ILE C 354 -17.72 -15.29 -8.65
CA ILE C 354 -18.11 -16.51 -7.93
C ILE C 354 -16.89 -17.40 -7.71
N ILE C 355 -16.11 -17.58 -8.78
CA ILE C 355 -14.91 -18.41 -8.73
C ILE C 355 -13.92 -17.90 -7.68
N THR C 356 -13.70 -16.60 -7.62
CA THR C 356 -12.76 -16.02 -6.66
C THR C 356 -13.28 -16.07 -5.22
N GLU C 357 -14.58 -15.80 -5.05
CA GLU C 357 -15.22 -15.90 -3.74
C GLU C 357 -15.06 -17.31 -3.19
N GLU C 358 -15.40 -18.30 -4.00
CA GLU C 358 -15.32 -19.70 -3.59
C GLU C 358 -13.88 -20.18 -3.46
N SER C 359 -12.97 -19.55 -4.20
CA SER C 359 -11.56 -19.88 -4.13
C SER C 359 -11.00 -19.48 -2.77
N THR C 360 -11.18 -18.21 -2.43
CA THR C 360 -10.75 -17.69 -1.13
C THR C 360 -11.48 -18.40 0.01
N GLN C 361 -12.73 -18.79 -0.25
CA GLN C 361 -13.52 -19.56 0.71
C GLN C 361 -12.91 -20.93 0.98
N PHE C 362 -12.50 -21.62 -0.08
CA PHE C 362 -11.86 -22.92 0.07
C PHE C 362 -10.46 -22.78 0.67
N GLU C 363 -9.81 -21.65 0.44
CA GLU C 363 -8.52 -21.38 1.06
C GLU C 363 -8.71 -21.05 2.53
N ALA C 364 -9.95 -20.66 2.87
CA ALA C 364 -10.33 -20.46 4.26
C ALA C 364 -10.90 -21.76 4.83
N TRP C 365 -11.03 -22.77 3.98
CA TRP C 365 -11.49 -24.09 4.39
C TRP C 365 -10.33 -25.05 4.60
N ARG C 366 -9.24 -24.83 3.85
CA ARG C 366 -8.12 -25.75 3.77
C ARG C 366 -7.23 -25.72 5.02
N ASP C 367 -6.59 -24.58 5.25
CA ASP C 367 -5.72 -24.40 6.42
C ASP C 367 -6.52 -24.45 7.72
N SER C 368 -7.82 -24.22 7.62
CA SER C 368 -8.69 -24.24 8.78
C SER C 368 -9.11 -25.65 9.15
N LEU C 369 -9.31 -26.51 8.15
CA LEU C 369 -9.69 -27.89 8.38
C LEU C 369 -8.47 -28.80 8.55
N GLU C 370 -7.33 -28.20 8.86
CA GLU C 370 -6.13 -28.97 9.20
C GLU C 370 -5.68 -28.61 10.61
N THR C 371 -6.26 -27.54 11.15
CA THR C 371 -6.05 -27.19 12.55
C THR C 371 -7.23 -27.71 13.38
N VAL C 372 -7.92 -28.70 12.85
CA VAL C 372 -9.03 -29.34 13.55
C VAL C 372 -8.67 -30.71 14.15
N PRO C 373 -8.04 -31.61 13.36
CA PRO C 373 -7.64 -32.86 14.00
C PRO C 373 -6.23 -32.80 14.55
N THR C 374 -5.51 -31.72 14.27
CA THR C 374 -4.12 -31.59 14.70
C THR C 374 -3.96 -30.74 15.96
N ILE C 375 -4.80 -29.71 16.08
CA ILE C 375 -4.74 -28.81 17.23
C ILE C 375 -5.32 -29.45 18.49
N LYS C 376 -6.26 -30.39 18.30
CA LYS C 376 -6.82 -31.14 19.43
C LYS C 376 -5.77 -31.99 20.15
N LYS C 377 -4.52 -31.89 19.69
CA LYS C 377 -3.36 -32.41 20.41
C LYS C 377 -3.26 -31.74 21.77
N LEU C 378 -4.01 -30.65 21.96
CA LEU C 378 -4.17 -30.03 23.28
C LEU C 378 -4.70 -31.02 24.32
N ARG C 379 -5.28 -32.13 23.84
CA ARG C 379 -5.61 -33.25 24.71
C ARG C 379 -4.36 -33.77 25.40
N ALA C 380 -3.39 -34.20 24.59
CA ALA C 380 -2.14 -34.78 25.09
C ALA C 380 -1.44 -33.88 26.11
N TYR C 381 -1.54 -32.58 25.92
CA TYR C 381 -1.03 -31.63 26.90
C TYR C 381 -1.87 -31.73 28.17
N ALA C 382 -3.17 -31.45 28.02
CA ALA C 382 -4.11 -31.45 29.15
C ALA C 382 -4.05 -32.78 29.90
N GLU C 383 -4.10 -33.87 29.15
CA GLU C 383 -4.01 -35.21 29.73
C GLU C 383 -2.75 -35.34 30.58
N ARG C 384 -1.62 -34.86 30.04
CA ARG C 384 -0.35 -34.93 30.76
C ARG C 384 -0.45 -34.15 32.07
N ILE C 385 -1.20 -33.06 32.06
CA ILE C 385 -1.40 -32.26 33.26
C ILE C 385 -2.44 -32.94 34.16
N ARG C 386 -3.37 -33.65 33.54
CA ARG C 386 -4.46 -34.28 34.27
C ARG C 386 -3.97 -35.49 35.07
N VAL C 387 -3.34 -36.42 34.36
CA VAL C 387 -2.85 -37.66 34.98
C VAL C 387 -1.82 -37.40 36.07
N ALA C 388 -0.72 -36.74 35.69
CA ALA C 388 0.38 -36.44 36.61
C ALA C 388 -0.11 -35.85 37.92
N GLU C 389 -0.70 -34.66 37.85
CA GLU C 389 -1.26 -33.98 39.02
C GLU C 389 -2.14 -34.88 39.88
N LEU C 390 -2.85 -35.80 39.23
CA LEU C 390 -3.68 -36.75 39.96
C LEU C 390 -2.83 -37.84 40.60
N GLU C 391 -1.98 -38.47 39.79
CA GLU C 391 -1.15 -39.57 40.27
C GLU C 391 0.00 -39.07 41.13
N LYS C 392 0.16 -37.76 41.19
CA LYS C 392 1.06 -37.13 42.15
C LYS C 392 0.33 -36.96 43.47
N CYS C 393 -0.96 -36.61 43.36
CA CYS C 393 -1.78 -36.38 44.55
C CYS C 393 -2.18 -37.71 45.19
N MET C 394 -2.36 -38.74 44.37
CA MET C 394 -2.73 -40.07 44.86
C MET C 394 -1.68 -40.67 45.79
N SER C 395 -0.44 -40.18 45.67
CA SER C 395 0.66 -40.64 46.52
C SER C 395 0.73 -39.82 47.80
N ASP C 410 -10.70 -38.77 40.86
CA ASP C 410 -10.55 -38.95 39.42
C ASP C 410 -11.62 -38.18 38.66
N ASP C 411 -12.82 -38.11 39.24
CA ASP C 411 -13.91 -37.34 38.65
C ASP C 411 -13.59 -35.85 38.70
N LEU C 412 -12.77 -35.46 39.66
CA LEU C 412 -12.35 -34.07 39.82
C LEU C 412 -11.50 -33.61 38.65
N SER C 413 -10.41 -34.33 38.41
CA SER C 413 -9.48 -34.00 37.33
C SER C 413 -10.17 -34.02 35.96
N ARG C 414 -10.88 -35.09 35.68
CA ARG C 414 -11.66 -35.21 34.44
C ARG C 414 -12.66 -34.07 34.31
N GLY C 415 -13.28 -33.71 35.43
CA GLY C 415 -14.25 -32.62 35.44
C GLY C 415 -13.64 -31.29 35.06
N ILE C 416 -12.61 -30.89 35.80
CA ILE C 416 -11.89 -29.65 35.53
C ILE C 416 -11.38 -29.58 34.09
N VAL C 417 -10.64 -30.61 33.68
CA VAL C 417 -10.07 -30.66 32.34
C VAL C 417 -11.13 -30.59 31.24
N ASN C 418 -12.09 -31.52 31.27
CA ASN C 418 -13.14 -31.54 30.24
C ASN C 418 -13.98 -30.28 30.19
N ARG C 419 -14.27 -29.70 31.35
CA ARG C 419 -15.05 -28.46 31.39
C ARG C 419 -14.23 -27.27 30.92
N PHE C 420 -12.91 -27.37 31.04
CA PHE C 420 -12.03 -26.31 30.57
C PHE C 420 -11.75 -26.50 29.08
N LEU C 421 -12.07 -27.67 28.56
CA LEU C 421 -11.88 -27.96 27.14
C LEU C 421 -13.18 -27.79 26.34
N HIS C 422 -14.30 -27.77 27.05
CA HIS C 422 -15.60 -27.59 26.42
C HIS C 422 -15.68 -26.28 25.65
N GLY C 423 -15.08 -25.23 26.21
CA GLY C 423 -15.08 -23.92 25.59
C GLY C 423 -14.41 -23.88 24.23
N PRO C 424 -13.06 -24.01 24.21
CA PRO C 424 -12.27 -23.93 22.98
C PRO C 424 -12.64 -24.95 21.90
N MET C 425 -12.97 -26.17 22.30
CA MET C 425 -13.24 -27.24 21.34
C MET C 425 -14.51 -27.03 20.52
N GLN C 426 -15.61 -26.70 21.20
CA GLN C 426 -16.90 -26.51 20.55
C GLN C 426 -16.84 -25.39 19.51
N HIS C 427 -16.06 -24.36 19.79
CA HIS C 427 -15.90 -23.23 18.89
C HIS C 427 -14.72 -23.44 17.95
N GLU C 440 -11.48 -15.40 11.61
CA GLU C 440 -10.26 -15.40 12.42
C GLU C 440 -10.18 -16.65 13.29
N THR C 441 -10.81 -17.73 12.83
CA THR C 441 -10.83 -18.99 13.58
C THR C 441 -9.45 -19.66 13.54
N LEU C 442 -8.60 -19.21 12.62
CA LEU C 442 -7.24 -19.72 12.52
C LEU C 442 -6.39 -19.25 13.70
N GLU C 443 -6.76 -18.10 14.26
CA GLU C 443 -6.06 -17.55 15.43
C GLU C 443 -6.57 -18.21 16.71
N ASN C 444 -7.74 -18.83 16.62
CA ASN C 444 -8.31 -19.58 17.74
C ASN C 444 -7.49 -20.80 18.10
N MET C 445 -6.75 -21.32 17.11
CA MET C 445 -5.96 -22.53 17.29
C MET C 445 -4.47 -22.25 17.32
N HIS C 446 -4.03 -21.31 16.48
CA HIS C 446 -2.61 -20.97 16.38
C HIS C 446 -2.08 -20.35 17.66
N ALA C 447 -2.93 -19.59 18.35
CA ALA C 447 -2.55 -18.94 19.60
C ALA C 447 -2.28 -19.95 20.70
N LEU C 448 -3.06 -21.03 20.71
CA LEU C 448 -2.91 -22.08 21.70
C LEU C 448 -1.60 -22.86 21.51
N ASN C 449 -1.16 -22.95 20.26
CA ASN C 449 0.06 -23.68 19.94
C ASN C 449 1.32 -22.96 20.44
N THR D 49 15.73 -11.43 -30.71
CA THR D 49 15.19 -10.88 -29.48
C THR D 49 14.10 -11.77 -28.88
N HIS D 50 13.94 -11.65 -27.56
CA HIS D 50 12.90 -12.38 -26.84
C HIS D 50 11.94 -11.39 -26.19
N LYS D 51 12.03 -10.13 -26.60
CA LYS D 51 11.14 -9.07 -26.15
C LYS D 51 10.09 -8.84 -27.22
N PRO D 52 8.93 -8.27 -26.85
CA PRO D 52 7.93 -7.86 -27.84
C PRO D 52 8.47 -6.74 -28.74
N PHE D 53 7.88 -6.59 -29.93
CA PHE D 53 8.23 -5.47 -30.80
C PHE D 53 7.95 -4.11 -30.14
N PRO D 54 8.84 -3.13 -30.36
CA PRO D 54 8.70 -1.74 -29.90
C PRO D 54 7.32 -1.14 -30.15
N ALA D 55 6.70 -1.47 -31.28
CA ALA D 55 5.37 -0.95 -31.58
C ALA D 55 4.39 -1.48 -30.55
N GLU D 56 4.54 -2.75 -30.21
CA GLU D 56 3.67 -3.42 -29.25
C GLU D 56 3.79 -2.78 -27.88
N VAL D 57 5.02 -2.51 -27.45
CA VAL D 57 5.27 -1.86 -26.18
C VAL D 57 4.62 -0.47 -26.18
N SER D 58 4.77 0.24 -27.30
CA SER D 58 4.17 1.56 -27.43
C SER D 58 2.65 1.50 -27.23
N ARG D 59 2.02 0.53 -27.89
CA ARG D 59 0.58 0.40 -27.80
C ARG D 59 0.17 0.03 -26.39
N SER D 60 0.98 -0.81 -25.75
CA SER D 60 0.73 -1.25 -24.39
C SER D 60 0.72 -0.06 -23.43
N ILE D 61 1.75 0.78 -23.54
CA ILE D 61 1.84 2.01 -22.76
C ILE D 61 0.66 2.95 -23.06
N MET D 62 0.24 3.02 -24.32
CA MET D 62 -0.87 3.89 -24.65
C MET D 62 -2.21 3.37 -24.15
N GLU D 63 -2.30 2.06 -23.91
CA GLU D 63 -3.52 1.51 -23.32
C GLU D 63 -3.54 1.64 -21.80
N LEU D 64 -2.40 1.37 -21.17
CA LEU D 64 -2.32 1.37 -19.71
C LEU D 64 -2.28 2.77 -19.09
N SER D 65 -1.81 3.76 -19.84
CA SER D 65 -1.66 5.10 -19.29
C SER D 65 -2.81 6.00 -19.70
N SER D 66 -2.93 7.15 -19.03
CA SER D 66 -4.01 8.10 -19.33
C SER D 66 -3.55 9.55 -19.22
N VAL D 67 -2.32 9.75 -18.78
CA VAL D 67 -1.79 11.09 -18.59
C VAL D 67 -0.48 11.23 -19.37
N GLY D 68 -0.27 12.39 -19.98
CA GLY D 68 0.96 12.64 -20.71
C GLY D 68 1.27 14.12 -20.88
N THR D 69 2.35 14.41 -21.59
CA THR D 69 2.69 15.80 -21.89
C THR D 69 2.52 16.09 -23.37
N LEU D 70 1.89 17.20 -23.69
CA LEU D 70 1.76 17.68 -25.05
C LEU D 70 2.77 18.79 -25.27
N SER D 71 3.70 18.57 -26.19
CA SER D 71 4.75 19.54 -26.50
C SER D 71 4.46 20.19 -27.84
N THR D 72 4.35 21.51 -27.83
CA THR D 72 4.12 22.29 -29.03
C THR D 72 5.09 23.46 -29.14
N LEU D 73 5.05 24.14 -30.28
CA LEU D 73 5.85 25.35 -30.49
C LEU D 73 4.94 26.56 -30.36
N THR D 74 5.30 27.48 -29.48
CA THR D 74 4.51 28.68 -29.27
C THR D 74 4.92 29.77 -30.25
N HIS D 75 4.44 30.99 -30.01
CA HIS D 75 4.92 32.14 -30.75
C HIS D 75 6.39 32.33 -30.40
N ASP D 76 7.17 32.80 -31.38
CA ASP D 76 8.62 32.92 -31.28
C ASP D 76 9.27 31.53 -31.28
N GLY D 77 8.46 30.51 -31.50
CA GLY D 77 8.93 29.14 -31.62
C GLY D 77 9.57 28.58 -30.36
N TRP D 78 9.17 29.10 -29.20
CA TRP D 78 9.66 28.56 -27.94
C TRP D 78 8.87 27.31 -27.55
N PRO D 79 9.58 26.23 -27.20
CA PRO D 79 8.96 24.97 -26.78
C PRO D 79 8.07 25.14 -25.56
N LEU D 80 6.88 24.56 -25.61
CA LEU D 80 6.03 24.50 -24.43
C LEU D 80 5.45 23.10 -24.25
N GLY D 81 5.59 22.56 -23.03
CA GLY D 81 5.03 21.26 -22.72
C GLY D 81 3.93 21.48 -21.71
N VAL D 82 2.86 20.68 -21.80
CA VAL D 82 1.70 20.90 -20.95
C VAL D 82 0.98 19.60 -20.64
N GLY D 83 0.52 19.45 -19.40
CA GLY D 83 -0.18 18.25 -18.97
C GLY D 83 -1.47 18.00 -19.73
N VAL D 84 -1.73 16.74 -20.03
CA VAL D 84 -2.88 16.38 -20.86
C VAL D 84 -3.35 14.96 -20.58
N ARG D 85 -4.68 14.75 -20.54
CA ARG D 85 -5.22 13.41 -20.44
C ARG D 85 -5.62 12.96 -21.82
N PHE D 86 -5.44 11.67 -22.12
CA PHE D 86 -5.68 11.17 -23.46
C PHE D 86 -6.42 9.85 -23.44
N ALA D 87 -7.16 9.61 -24.52
CA ALA D 87 -7.73 8.29 -24.79
C ALA D 87 -7.17 7.88 -26.14
N VAL D 88 -7.29 6.61 -26.50
CA VAL D 88 -6.70 6.12 -27.74
C VAL D 88 -7.68 5.20 -28.46
N ASP D 89 -7.81 5.33 -29.78
CA ASP D 89 -8.73 4.45 -30.51
C ASP D 89 -8.10 3.10 -30.85
N LYS D 90 -8.71 2.37 -31.77
CA LYS D 90 -8.27 1.01 -32.09
C LYS D 90 -6.97 1.00 -32.88
N ASP D 91 -6.61 2.14 -33.48
CA ASP D 91 -5.37 2.23 -34.25
C ASP D 91 -4.24 2.87 -33.43
N GLY D 92 -4.51 3.14 -32.16
CA GLY D 92 -3.53 3.74 -31.29
C GLY D 92 -3.55 5.27 -31.32
N THR D 93 -4.36 5.85 -32.21
CA THR D 93 -4.35 7.29 -32.41
C THR D 93 -4.97 8.02 -31.21
N PRO D 94 -4.20 8.92 -30.60
CA PRO D 94 -4.65 9.61 -29.40
C PRO D 94 -5.60 10.77 -29.63
N VAL D 95 -6.62 10.84 -28.78
CA VAL D 95 -7.50 12.00 -28.68
C VAL D 95 -7.31 12.62 -27.29
N LEU D 96 -7.24 13.94 -27.22
CA LEU D 96 -6.96 14.64 -25.97
C LEU D 96 -8.00 15.69 -25.70
N CYS D 97 -8.01 16.20 -24.47
CA CYS D 97 -8.78 17.40 -24.17
C CYS D 97 -7.86 18.56 -23.90
N LEU D 98 -7.94 19.58 -24.76
CA LEU D 98 -7.24 20.83 -24.54
C LEU D 98 -8.27 21.92 -24.25
N ASN D 99 -7.91 22.88 -23.42
CA ASN D 99 -8.82 24.00 -23.16
C ASN D 99 -8.40 25.19 -23.99
N ARG D 100 -7.13 25.23 -24.34
CA ARG D 100 -6.52 26.35 -25.03
C ARG D 100 -6.39 26.09 -26.53
N SER D 101 -6.02 27.13 -27.27
CA SER D 101 -5.82 27.03 -28.71
C SER D 101 -4.61 26.18 -29.04
N VAL D 102 -4.66 25.53 -30.20
CA VAL D 102 -3.57 24.66 -30.63
C VAL D 102 -2.57 25.40 -31.52
N SER D 103 -2.64 26.74 -31.50
CA SER D 103 -1.77 27.60 -32.31
C SER D 103 -1.98 27.40 -33.82
N PRO D 104 -1.31 28.22 -34.65
CA PRO D 104 -1.35 27.88 -36.08
C PRO D 104 -0.39 26.74 -36.38
N ASP D 105 0.64 26.57 -35.56
CA ASP D 105 1.57 25.47 -35.71
C ASP D 105 0.98 24.20 -35.09
N LYS D 106 0.63 23.24 -35.94
CA LYS D 106 -0.04 22.03 -35.49
C LYS D 106 0.91 20.87 -35.21
N ARG D 107 2.18 21.05 -35.54
CA ARG D 107 3.18 20.03 -35.23
C ARG D 107 3.31 19.90 -33.72
N SER D 108 3.30 18.66 -33.23
CA SER D 108 3.33 18.40 -31.80
C SER D 108 3.82 17.00 -31.42
N ALA D 109 4.12 16.86 -30.14
CA ALA D 109 4.49 15.56 -29.58
C ALA D 109 3.65 15.22 -28.34
N LEU D 110 3.34 13.94 -28.15
CA LEU D 110 2.65 13.49 -26.96
C LEU D 110 3.52 12.45 -26.27
N HIS D 111 4.03 12.79 -25.09
CA HIS D 111 4.95 11.92 -24.37
C HIS D 111 4.24 11.25 -23.24
N VAL D 112 4.37 9.93 -23.16
CA VAL D 112 3.65 9.15 -22.18
C VAL D 112 4.63 8.20 -21.49
N GLN D 113 4.48 8.06 -20.16
CA GLN D 113 5.35 7.19 -19.37
C GLN D 113 4.56 6.10 -18.66
N LEU D 114 5.23 5.00 -18.38
CA LEU D 114 4.63 3.91 -17.62
C LEU D 114 5.62 3.37 -16.61
N GLU D 115 5.51 3.80 -15.36
CA GLU D 115 6.43 3.30 -14.33
C GLU D 115 6.13 1.84 -13.97
N GLN D 116 7.11 0.97 -14.20
CA GLN D 116 6.96 -0.47 -13.96
C GLN D 116 7.67 -0.92 -12.69
N CYS D 117 6.89 -1.41 -11.72
CA CYS D 117 7.41 -2.04 -10.51
C CYS D 117 8.26 -1.08 -9.68
N GLY D 118 8.07 0.22 -9.88
CA GLY D 118 8.86 1.22 -9.21
C GLY D 118 10.33 1.16 -9.60
N LEU D 119 10.63 0.53 -10.73
CA LEU D 119 12.02 0.31 -11.12
C LEU D 119 12.44 0.93 -12.45
N ARG D 120 11.90 0.43 -13.57
CA ARG D 120 12.17 1.08 -14.86
C ARG D 120 10.91 1.74 -15.41
N THR D 121 11.09 2.74 -16.27
CA THR D 121 9.97 3.49 -16.82
C THR D 121 10.01 3.56 -18.33
N PRO D 122 9.37 2.59 -18.99
CA PRO D 122 9.18 2.62 -20.44
C PRO D 122 8.40 3.88 -20.83
N GLN D 123 8.70 4.41 -22.00
CA GLN D 123 8.13 5.68 -22.41
C GLN D 123 7.94 5.67 -23.89
N CYS D 124 7.06 6.54 -24.37
CA CYS D 124 6.95 6.73 -25.80
C CYS D 124 6.51 8.14 -26.16
N THR D 125 7.06 8.66 -27.24
CA THR D 125 6.66 9.98 -27.71
C THR D 125 6.08 9.87 -29.09
N ILE D 126 4.81 10.21 -29.21
CA ILE D 126 4.13 10.24 -30.49
C ILE D 126 4.35 11.59 -31.15
N GLN D 127 5.08 11.60 -32.25
CA GLN D 127 5.20 12.80 -33.06
C GLN D 127 4.15 12.81 -34.15
N GLY D 128 3.44 13.92 -34.25
CA GLY D 128 2.41 14.08 -35.25
C GLY D 128 1.78 15.47 -35.25
N SER D 129 0.76 15.65 -36.08
CA SER D 129 0.07 16.93 -36.16
C SER D 129 -1.27 16.90 -35.42
N ILE D 130 -1.56 17.98 -34.72
CA ILE D 130 -2.73 18.06 -33.86
C ILE D 130 -3.82 18.85 -34.56
N GLY D 131 -5.08 18.54 -34.28
CA GLY D 131 -6.19 19.26 -34.86
C GLY D 131 -7.54 18.87 -34.31
N ARG D 132 -8.56 19.66 -34.65
CA ARG D 132 -9.93 19.37 -34.25
C ARG D 132 -10.67 18.80 -35.44
N PRO D 133 -11.25 17.59 -35.28
CA PRO D 133 -12.00 17.00 -36.39
C PRO D 133 -13.30 17.77 -36.65
N GLY D 134 -13.70 17.85 -37.92
CA GLY D 134 -14.89 18.62 -38.28
C GLY D 134 -16.18 17.83 -38.21
N ASP D 135 -16.12 16.57 -38.63
CA ASP D 135 -17.29 15.71 -38.70
C ASP D 135 -17.90 15.45 -37.34
N ASP D 136 -19.18 15.78 -37.19
CA ASP D 136 -19.91 15.50 -35.95
C ASP D 136 -20.19 14.00 -35.78
N THR D 137 -19.70 13.19 -36.72
CA THR D 137 -19.78 11.74 -36.60
C THR D 137 -18.54 11.16 -35.95
N VAL D 138 -17.38 11.75 -36.25
CA VAL D 138 -16.12 11.28 -35.68
C VAL D 138 -15.93 11.90 -34.30
N LEU D 139 -16.57 13.04 -34.07
CA LEU D 139 -16.58 13.65 -32.74
C LEU D 139 -17.26 12.73 -31.74
N LYS D 140 -18.34 12.09 -32.18
CA LYS D 140 -19.03 11.12 -31.35
C LYS D 140 -18.14 9.90 -31.18
N ARG D 141 -17.50 9.50 -32.27
CA ARG D 141 -16.62 8.33 -32.29
C ARG D 141 -15.48 8.50 -31.28
N LEU D 142 -15.07 9.74 -31.07
CA LEU D 142 -14.00 10.05 -30.12
C LEU D 142 -14.55 10.19 -28.70
N SER D 143 -15.64 10.93 -28.56
CA SER D 143 -16.22 11.16 -27.24
C SER D 143 -16.68 9.85 -26.61
N ALA D 144 -16.91 8.85 -27.44
CA ALA D 144 -17.29 7.53 -26.95
C ALA D 144 -16.07 6.78 -26.47
N THR D 145 -14.94 7.00 -27.14
CA THR D 145 -13.66 6.44 -26.71
C THR D 145 -13.34 7.00 -25.33
N TRP D 146 -13.50 8.32 -25.22
CA TRP D 146 -13.32 9.02 -23.96
C TRP D 146 -14.23 8.45 -22.88
N ARG D 147 -15.53 8.42 -23.17
CA ARG D 147 -16.53 7.94 -22.21
C ARG D 147 -16.23 6.51 -21.76
N GLU D 148 -15.79 5.68 -22.69
CA GLU D 148 -15.43 4.31 -22.37
C GLU D 148 -14.25 4.27 -21.41
N LYS D 149 -13.21 5.06 -21.71
CA LYS D 149 -12.01 5.03 -20.87
C LYS D 149 -12.24 5.65 -19.48
N PHE D 150 -12.70 6.89 -19.46
CA PHE D 150 -12.75 7.71 -18.26
C PHE D 150 -14.10 7.71 -17.56
N GLY D 151 -15.11 7.14 -18.22
CA GLY D 151 -16.45 7.13 -17.65
C GLY D 151 -16.97 8.52 -17.44
N GLU D 152 -16.56 9.44 -18.30
CA GLU D 152 -16.94 10.84 -18.15
C GLU D 152 -17.64 11.38 -19.39
N GLU D 153 -18.29 12.53 -19.23
CA GLU D 153 -18.91 13.23 -20.33
C GLU D 153 -17.97 14.38 -20.71
N VAL D 154 -17.57 14.42 -21.98
CA VAL D 154 -16.58 15.41 -22.38
C VAL D 154 -17.15 16.55 -23.21
N LYS D 155 -16.81 17.78 -22.82
CA LYS D 155 -17.10 18.97 -23.60
C LYS D 155 -16.54 18.77 -25.02
N GLU D 156 -17.40 18.47 -25.97
CA GLU D 156 -16.98 18.08 -27.32
C GLU D 156 -16.03 19.04 -28.05
N ASP D 157 -16.15 20.34 -27.78
CA ASP D 157 -15.28 21.30 -28.44
C ASP D 157 -13.92 21.44 -27.74
N SER D 158 -13.55 20.40 -27.00
CA SER D 158 -12.24 20.36 -26.36
C SER D 158 -11.47 19.14 -26.87
N LEU D 159 -12.13 18.32 -27.68
CA LEU D 159 -11.48 17.14 -28.26
C LEU D 159 -10.52 17.49 -29.41
N TYR D 160 -9.26 17.12 -29.26
CA TYR D 160 -8.30 17.26 -30.34
C TYR D 160 -7.73 15.88 -30.67
N VAL D 161 -7.21 15.72 -31.87
CA VAL D 161 -6.64 14.44 -32.30
C VAL D 161 -5.23 14.64 -32.82
N VAL D 162 -4.33 13.74 -32.45
CA VAL D 162 -2.97 13.78 -32.99
C VAL D 162 -2.81 12.72 -34.05
N ALA D 163 -2.71 13.17 -35.30
CA ALA D 163 -2.40 12.27 -36.40
C ALA D 163 -0.98 11.77 -36.23
N VAL D 164 -0.82 10.46 -36.12
CA VAL D 164 0.47 9.91 -35.77
C VAL D 164 1.42 9.86 -36.95
N ASP D 165 2.49 10.64 -36.89
CA ASP D 165 3.53 10.53 -37.91
C ASP D 165 4.47 9.38 -37.57
N ARG D 166 4.89 9.31 -36.32
CA ARG D 166 5.83 8.25 -35.89
C ARG D 166 5.99 8.23 -34.39
N VAL D 167 6.55 7.16 -33.86
CA VAL D 167 6.64 7.02 -32.41
C VAL D 167 8.05 6.65 -31.92
N LEU D 168 8.61 7.45 -31.01
CA LEU D 168 9.87 7.10 -30.39
C LEU D 168 9.61 6.26 -29.14
N GLN D 169 10.20 5.06 -29.10
CA GLN D 169 9.92 4.13 -28.01
C GLN D 169 11.16 3.84 -27.16
N MET D 170 11.05 4.04 -25.85
CA MET D 170 12.17 3.85 -24.93
C MET D 170 11.86 2.86 -23.80
N GLU D 171 12.90 2.12 -23.38
CA GLU D 171 12.74 1.13 -22.31
C GLU D 171 12.79 1.75 -20.92
N ASP D 172 13.51 2.87 -20.80
CA ASP D 172 13.74 3.51 -19.51
C ASP D 172 14.24 4.92 -19.79
N PHE D 173 14.46 5.70 -18.75
CA PHE D 173 15.10 7.00 -18.92
C PHE D 173 16.53 6.83 -19.44
N MET D 174 17.09 7.89 -19.99
CA MET D 174 18.49 7.92 -20.41
C MET D 174 18.81 6.95 -21.54
N GLU D 175 17.86 6.79 -22.47
CA GLU D 175 18.06 5.89 -23.60
C GLU D 175 17.70 6.57 -24.92
N ASP D 176 18.38 6.15 -25.98
CA ASP D 176 18.16 6.72 -27.31
C ASP D 176 16.77 6.38 -27.80
N GLY D 177 16.39 5.12 -27.62
CA GLY D 177 15.08 4.64 -28.02
C GLY D 177 15.11 4.20 -29.47
N ILE D 178 14.10 3.44 -29.87
CA ILE D 178 13.96 3.03 -31.27
C ILE D 178 12.75 3.73 -31.86
N TRP D 179 12.90 4.25 -33.07
CA TRP D 179 11.79 4.89 -33.76
C TRP D 179 10.93 3.83 -34.40
N VAL D 180 9.64 4.13 -34.49
CA VAL D 180 8.63 3.18 -34.90
C VAL D 180 7.76 3.86 -35.92
N ALA D 181 7.59 3.20 -37.06
CA ALA D 181 6.72 3.70 -38.11
C ALA D 181 5.27 3.78 -37.63
N SER D 182 4.56 4.79 -38.13
CA SER D 182 3.16 4.97 -37.80
C SER D 182 2.28 3.78 -38.17
N SER D 183 2.54 3.17 -39.33
CA SER D 183 1.70 2.05 -39.76
C SER D 183 1.97 0.85 -38.86
N ASP D 184 3.23 0.71 -38.48
CA ASP D 184 3.66 -0.32 -37.54
C ASP D 184 2.94 -0.11 -36.22
N TYR D 185 3.07 1.08 -35.66
CA TYR D 185 2.39 1.46 -34.41
C TYR D 185 0.88 1.13 -34.46
N LYS D 186 0.24 1.54 -35.54
CA LYS D 186 -1.17 1.28 -35.79
C LYS D 186 -1.54 -0.22 -35.81
N ASN D 187 -0.74 -1.05 -36.48
CA ASN D 187 -1.07 -2.46 -36.60
C ASN D 187 -0.69 -3.32 -35.39
N ALA D 188 0.11 -2.77 -34.48
CA ALA D 188 0.55 -3.51 -33.31
C ALA D 188 -0.57 -3.72 -32.29
N SER D 189 -0.49 -4.81 -31.54
CA SER D 189 -1.45 -5.10 -30.50
C SER D 189 -0.87 -4.80 -29.12
N PRO D 190 -1.69 -4.21 -28.25
CA PRO D 190 -1.31 -4.05 -26.84
C PRO D 190 -0.99 -5.42 -26.26
N ASP D 191 -0.04 -5.52 -25.34
CA ASP D 191 0.28 -6.83 -24.77
C ASP D 191 -0.91 -7.42 -24.02
N PRO D 192 -1.25 -8.67 -24.31
CA PRO D 192 -2.42 -9.29 -23.68
C PRO D 192 -2.28 -9.50 -22.16
N LEU D 193 -1.07 -9.39 -21.63
CA LEU D 193 -0.85 -9.59 -20.19
C LEU D 193 -0.80 -8.28 -19.43
N ARG D 194 -1.04 -7.18 -20.12
CA ARG D 194 -0.76 -5.84 -19.59
C ARG D 194 -1.59 -5.47 -18.36
N ASP D 195 -2.83 -5.94 -18.32
CA ASP D 195 -3.70 -5.60 -17.21
C ASP D 195 -3.38 -6.40 -15.96
N ILE D 196 -2.69 -7.52 -16.11
CA ILE D 196 -2.40 -8.40 -14.98
C ILE D 196 -0.90 -8.59 -14.71
N ALA D 197 -0.05 -7.96 -15.51
CA ALA D 197 1.39 -8.12 -15.39
C ALA D 197 1.94 -7.64 -14.05
N GLU D 198 1.41 -6.52 -13.57
CA GLU D 198 1.89 -5.94 -12.31
C GLU D 198 1.60 -6.84 -11.11
N ASP D 199 0.41 -7.42 -11.09
CA ASP D 199 0.02 -8.37 -10.04
C ASP D 199 0.94 -9.58 -10.04
N ILE D 200 1.08 -10.23 -11.19
CA ILE D 200 1.93 -11.40 -11.32
C ILE D 200 3.35 -11.07 -10.88
N VAL D 201 3.81 -9.87 -11.24
CA VAL D 201 5.15 -9.43 -10.87
C VAL D 201 5.31 -9.29 -9.36
N ASN D 202 4.34 -8.68 -8.69
CA ASN D 202 4.36 -8.54 -7.25
C ASN D 202 4.32 -9.89 -6.54
N GLN D 203 3.43 -10.76 -7.01
CA GLN D 203 3.29 -12.11 -6.46
C GLN D 203 4.59 -12.88 -6.57
N ILE D 204 5.21 -12.84 -7.74
CA ILE D 204 6.46 -13.56 -7.96
C ILE D 204 7.61 -12.95 -7.15
N ASN D 205 7.59 -11.64 -6.98
CA ASN D 205 8.61 -10.96 -6.18
C ASN D 205 8.46 -11.24 -4.68
N ALA D 206 7.26 -11.62 -4.27
CA ALA D 206 7.00 -11.87 -2.85
C ALA D 206 7.02 -13.36 -2.47
N ASN D 207 6.74 -14.22 -3.44
CA ASN D 207 6.51 -15.63 -3.17
C ASN D 207 7.44 -16.57 -3.92
N ASN D 208 8.38 -16.02 -4.69
CA ASN D 208 9.21 -16.87 -5.55
C ASN D 208 10.66 -16.41 -5.71
N MET D 209 11.18 -15.71 -4.70
CA MET D 209 12.56 -15.20 -4.75
C MET D 209 13.60 -16.28 -5.05
N GLU D 210 13.35 -17.49 -4.57
CA GLU D 210 14.26 -18.60 -4.77
C GLU D 210 14.30 -19.00 -6.25
N ASP D 211 13.14 -18.93 -6.90
CA ASP D 211 13.02 -19.26 -8.31
C ASP D 211 13.77 -18.26 -9.18
N ILE D 212 13.65 -16.97 -8.84
CA ILE D 212 14.34 -15.92 -9.56
C ILE D 212 15.86 -16.08 -9.37
N PHE D 213 16.26 -16.25 -8.11
CA PHE D 213 17.66 -16.48 -7.76
C PHE D 213 18.25 -17.62 -8.56
N ARG D 214 17.51 -18.70 -8.67
CA ARG D 214 17.96 -19.87 -9.45
C ARG D 214 17.97 -19.56 -10.95
N PHE D 215 17.02 -18.72 -11.38
CA PHE D 215 16.90 -18.31 -12.77
C PHE D 215 18.15 -17.57 -13.23
N CYS D 216 18.71 -16.75 -12.35
CA CYS D 216 19.95 -16.04 -12.64
C CYS D 216 21.11 -17.02 -12.87
N ASN D 217 21.04 -18.17 -12.20
CA ASN D 217 22.11 -19.16 -12.26
C ASN D 217 22.04 -20.08 -13.46
N VAL D 218 20.85 -20.56 -13.78
CA VAL D 218 20.72 -21.62 -14.80
C VAL D 218 20.25 -21.17 -16.19
N TYR D 219 19.74 -19.95 -16.29
CA TYR D 219 19.20 -19.45 -17.57
C TYR D 219 20.07 -18.39 -18.25
N VAL D 220 20.71 -17.54 -17.45
CA VAL D 220 21.54 -16.48 -18.00
C VAL D 220 23.01 -16.65 -17.60
N ASP D 221 23.91 -16.27 -18.50
CA ASP D 221 25.35 -16.38 -18.26
C ASP D 221 25.89 -15.22 -17.45
N LEU D 222 25.59 -15.21 -16.16
CA LEU D 222 26.09 -14.18 -15.27
C LEU D 222 27.54 -14.43 -14.87
N ASP D 223 28.46 -13.88 -15.65
CA ASP D 223 29.89 -14.05 -15.42
C ASP D 223 30.37 -13.21 -14.23
N PHE D 224 29.60 -13.22 -13.15
CA PHE D 224 29.92 -12.50 -11.93
C PHE D 224 28.98 -12.91 -10.79
N VAL D 225 29.12 -12.26 -9.64
CA VAL D 225 28.33 -12.59 -8.47
C VAL D 225 26.94 -11.94 -8.50
N VAL D 226 25.99 -12.53 -7.79
CA VAL D 226 24.64 -11.99 -7.71
C VAL D 226 24.15 -11.91 -6.27
N SER D 227 23.83 -10.71 -5.82
CA SER D 227 23.46 -10.48 -4.43
C SER D 227 21.95 -10.36 -4.22
N GLU D 228 21.27 -9.64 -5.11
CA GLU D 228 19.83 -9.41 -4.97
C GLU D 228 19.18 -9.22 -6.35
N THR D 229 18.04 -9.88 -6.57
CA THR D 229 17.30 -9.70 -7.82
C THR D 229 15.79 -9.56 -7.63
N LYS D 230 15.15 -8.90 -8.58
CA LYS D 230 13.69 -8.78 -8.61
C LYS D 230 13.18 -8.95 -10.03
N MET D 231 11.87 -9.05 -10.18
CA MET D 231 11.25 -9.04 -11.50
C MET D 231 10.58 -7.69 -11.69
N ILE D 232 10.81 -7.07 -12.84
CA ILE D 232 10.27 -5.74 -13.11
C ILE D 232 8.98 -5.79 -13.92
N TRP D 233 8.94 -6.68 -14.91
CA TRP D 233 7.80 -6.73 -15.83
C TRP D 233 7.67 -8.07 -16.58
N MET D 234 6.46 -8.41 -16.98
CA MET D 234 6.17 -9.64 -17.68
C MET D 234 5.26 -9.41 -18.88
N ASP D 235 5.57 -10.06 -20.00
CA ASP D 235 4.76 -9.96 -21.22
C ASP D 235 4.74 -11.28 -22.01
N ARG D 236 4.03 -11.27 -23.12
CA ARG D 236 3.72 -12.49 -23.87
C ARG D 236 4.90 -13.36 -24.29
N LEU D 237 6.10 -12.78 -24.34
CA LEU D 237 7.27 -13.53 -24.78
C LEU D 237 8.15 -13.96 -23.62
N GLY D 238 8.01 -13.28 -22.48
CA GLY D 238 8.88 -13.58 -21.35
C GLY D 238 8.83 -12.51 -20.28
N PHE D 239 9.87 -12.44 -19.46
CA PHE D 239 9.91 -11.46 -18.39
C PHE D 239 11.29 -10.82 -18.20
N ASP D 240 11.34 -9.75 -17.41
CA ASP D 240 12.57 -9.01 -17.17
C ASP D 240 12.94 -8.96 -15.70
N LEU D 241 14.21 -9.23 -15.40
CA LEU D 241 14.73 -9.24 -14.03
C LEU D 241 15.78 -8.16 -13.82
N ARG D 242 15.75 -7.51 -12.66
CA ARG D 242 16.83 -6.60 -12.30
C ARG D 242 17.78 -7.22 -11.28
N VAL D 243 19.02 -7.44 -11.72
CA VAL D 243 20.07 -8.06 -10.91
C VAL D 243 20.95 -7.00 -10.24
N TRP D 244 20.89 -6.95 -8.90
CA TRP D 244 21.77 -6.09 -8.12
C TRP D 244 23.09 -6.80 -7.81
N SER D 245 24.19 -6.24 -8.31
CA SER D 245 25.52 -6.79 -8.08
C SER D 245 26.48 -5.66 -7.71
N PRO D 246 27.46 -5.97 -6.83
CA PRO D 246 28.51 -5.02 -6.46
C PRO D 246 29.25 -4.48 -7.69
N ARG D 247 29.39 -5.30 -8.72
CA ARG D 247 30.07 -4.90 -9.95
C ARG D 247 29.19 -3.99 -10.83
N GLY D 248 27.89 -3.94 -10.52
CA GLY D 248 26.96 -3.12 -11.27
C GLY D 248 25.59 -3.78 -11.40
N VAL D 249 24.55 -2.96 -11.57
CA VAL D 249 23.18 -3.47 -11.67
C VAL D 249 22.79 -3.69 -13.13
N TYR D 250 22.18 -4.83 -13.42
CA TYR D 250 21.87 -5.22 -14.79
C TYR D 250 20.41 -5.63 -15.01
N ASP D 251 19.93 -5.54 -16.25
CA ASP D 251 18.59 -6.01 -16.59
C ASP D 251 18.66 -7.19 -17.56
N VAL D 252 17.97 -8.28 -17.23
CA VAL D 252 18.00 -9.48 -18.06
C VAL D 252 16.62 -9.88 -18.58
N ARG D 253 16.58 -10.29 -19.84
CA ARG D 253 15.35 -10.74 -20.45
C ARG D 253 15.34 -12.26 -20.60
N ILE D 254 14.49 -12.92 -19.81
CA ILE D 254 14.35 -14.37 -19.91
C ILE D 254 13.05 -14.74 -20.61
N PRO D 255 13.16 -15.41 -21.76
CA PRO D 255 12.01 -15.78 -22.57
C PRO D 255 11.25 -16.99 -22.07
N PHE D 256 9.94 -16.99 -22.28
CA PHE D 256 9.10 -18.15 -22.06
C PHE D 256 9.39 -19.11 -23.21
N PRO D 257 9.26 -20.43 -22.95
CA PRO D 257 9.47 -21.48 -23.96
C PRO D 257 8.57 -21.27 -25.17
N MET D 258 7.31 -20.93 -24.91
CA MET D 258 6.37 -20.58 -25.96
C MET D 258 5.63 -19.31 -25.59
N GLU D 259 5.03 -18.67 -26.58
CA GLU D 259 4.29 -17.43 -26.36
C GLU D 259 3.11 -17.66 -25.41
N VAL D 260 2.86 -16.66 -24.56
CA VAL D 260 1.78 -16.72 -23.58
C VAL D 260 0.67 -15.75 -23.97
N THR D 261 -0.58 -16.17 -23.77
CA THR D 261 -1.73 -15.34 -24.14
C THR D 261 -2.58 -14.88 -22.95
N ASP D 262 -2.33 -15.42 -21.75
CA ASP D 262 -3.07 -15.02 -20.56
C ASP D 262 -2.40 -15.38 -19.23
N GLU D 263 -3.03 -14.93 -18.14
CA GLU D 263 -2.49 -15.12 -16.79
C GLU D 263 -2.23 -16.58 -16.44
N LYS D 264 -3.16 -17.44 -16.81
CA LYS D 264 -3.04 -18.87 -16.54
C LYS D 264 -1.86 -19.47 -17.28
N GLY D 265 -1.79 -19.19 -18.59
CA GLY D 265 -0.68 -19.65 -19.41
C GLY D 265 0.65 -19.14 -18.89
N ALA D 266 0.65 -17.89 -18.44
CA ALA D 266 1.85 -17.25 -17.90
C ALA D 266 2.33 -17.95 -16.64
N LYS D 267 1.43 -18.11 -15.67
CA LYS D 267 1.77 -18.76 -14.41
C LYS D 267 2.22 -20.20 -14.64
N SER D 268 1.56 -20.91 -15.56
CA SER D 268 1.93 -22.28 -15.87
C SER D 268 3.31 -22.35 -16.51
N SER D 269 3.59 -21.41 -17.41
CA SER D 269 4.87 -21.36 -18.11
C SER D 269 6.00 -21.06 -17.13
N PHE D 270 5.77 -20.07 -16.27
CA PHE D 270 6.68 -19.75 -15.18
C PHE D 270 6.96 -20.99 -14.32
N ASN D 271 5.89 -21.66 -13.91
CA ASN D 271 6.02 -22.89 -13.13
C ASN D 271 6.91 -23.92 -13.81
N GLY D 272 6.69 -24.10 -15.11
CA GLY D 272 7.53 -24.99 -15.90
C GLY D 272 8.99 -24.58 -15.87
N MET D 273 9.23 -23.29 -15.98
CA MET D 273 10.60 -22.77 -15.98
C MET D 273 11.31 -22.97 -14.64
N SER D 274 10.60 -22.70 -13.55
CA SER D 274 11.18 -22.86 -12.21
C SER D 274 11.42 -24.33 -11.91
N GLN D 275 10.53 -25.19 -12.40
CA GLN D 275 10.68 -26.63 -12.26
C GLN D 275 11.94 -27.09 -12.98
N LEU D 276 12.06 -26.75 -14.26
CA LEU D 276 13.22 -27.14 -15.06
C LEU D 276 14.52 -26.59 -14.50
N ALA D 277 14.45 -25.39 -13.94
CA ALA D 277 15.60 -24.76 -13.29
C ALA D 277 16.02 -25.58 -12.06
N TRP D 278 15.04 -25.99 -11.27
CA TRP D 278 15.33 -26.83 -10.10
C TRP D 278 15.93 -28.18 -10.51
N GLU D 279 15.41 -28.74 -11.60
CA GLU D 279 15.89 -30.03 -12.09
C GLU D 279 17.29 -29.95 -12.71
N VAL D 280 17.67 -28.79 -13.22
CA VAL D 280 19.03 -28.66 -13.76
C VAL D 280 20.04 -28.27 -12.68
N GLU D 281 19.58 -27.57 -11.65
CA GLU D 281 20.48 -27.22 -10.53
C GLU D 281 20.97 -28.46 -9.82
N LYS D 282 20.04 -29.33 -9.44
CA LYS D 282 20.39 -30.60 -8.81
C LYS D 282 20.71 -31.67 -9.85
N SER D 283 20.88 -31.23 -11.10
CA SER D 283 21.40 -32.05 -12.21
C SER D 283 20.67 -33.36 -12.48
N TYR D 284 19.36 -33.29 -12.69
CA TYR D 284 18.60 -34.48 -13.08
C TYR D 284 18.55 -34.61 -14.60
N CYS D 285 17.97 -33.60 -15.26
CA CYS D 285 17.91 -33.58 -16.72
C CYS D 285 18.88 -32.55 -17.28
N PRO D 286 19.43 -32.82 -18.48
CA PRO D 286 20.40 -31.91 -19.10
C PRO D 286 19.79 -30.56 -19.45
N ALA D 287 20.65 -29.56 -19.58
CA ALA D 287 20.21 -28.24 -20.00
C ALA D 287 20.26 -28.14 -21.52
N ASP D 288 19.36 -28.87 -22.18
CA ASP D 288 19.30 -28.87 -23.64
C ASP D 288 18.60 -27.62 -24.16
N PHE D 289 19.22 -26.47 -23.94
CA PHE D 289 18.72 -25.20 -24.47
C PHE D 289 19.88 -24.23 -24.66
N ASN D 290 19.57 -22.95 -24.75
CA ASN D 290 20.58 -21.92 -24.95
C ASN D 290 20.58 -20.90 -23.81
N LYS D 291 21.78 -20.49 -23.39
CA LYS D 291 21.92 -19.53 -22.30
C LYS D 291 21.84 -18.10 -22.83
N VAL D 292 21.29 -17.20 -22.03
CA VAL D 292 21.20 -15.79 -22.39
C VAL D 292 22.50 -15.07 -22.02
N LYS D 293 23.05 -14.31 -22.96
CA LYS D 293 24.33 -13.64 -22.75
C LYS D 293 24.25 -12.13 -22.76
N LEU D 294 23.13 -11.60 -23.26
CA LEU D 294 22.94 -10.16 -23.38
C LEU D 294 22.52 -9.52 -22.06
N LEU D 295 23.44 -8.76 -21.47
CA LEU D 295 23.16 -8.04 -20.23
C LEU D 295 22.85 -6.58 -20.57
N LYS D 296 22.49 -5.80 -19.55
CA LYS D 296 22.17 -4.39 -19.76
C LYS D 296 22.51 -3.56 -18.53
N GLN D 297 23.58 -2.77 -18.65
CA GLN D 297 24.03 -1.89 -17.58
C GLN D 297 22.97 -0.84 -17.21
N VAL D 298 22.69 -0.72 -15.92
CA VAL D 298 21.83 0.34 -15.41
C VAL D 298 22.45 0.96 -14.16
N VAL D 299 21.91 2.08 -13.71
CA VAL D 299 22.39 2.72 -12.48
C VAL D 299 21.28 2.85 -11.43
#